data_8AA4
#
_entry.id   8AA4
#
_cell.length_a   1.00
_cell.length_b   1.00
_cell.length_c   1.00
_cell.angle_alpha   90.00
_cell.angle_beta   90.00
_cell.angle_gamma   90.00
#
_symmetry.space_group_name_H-M   'P 1'
#
_entity_poly.entity_id   1
_entity_poly.type   'polypeptide(L)'
_entity_poly.pdbx_seq_one_letter_code
;MEQSIKSKGFEHRLLLIMWGLLLSLSAFAQQITVKGHVVDATGEPVIGASVIEGKSTNGTITDIDGNFSLNVSANSALTI
SFVGYKTQTVSVNGKTALKVTLQEDTEVLDEVVVVGYGTMKKSDLTGAVSSVGVKDIKDSPVANIGQAMQGKVSGVQIID
AGKPGDNVTIKIRGLGTINNSNPLVVIDGIPTDLGLSSLNMADVERVDVLKDASATAIYGSRGANGVVMITSKRGAEGAG
KVTVNANWAIQNATKVPDMLNAAQYAALSNDMLSNNDDNTNPYWADPSSLGKGTNWLDEMLRTGVKQSYSVSYSGGTEKA
HYYVSGGFLDQSGIVKSVNYRRFNFQANSDAQVNKWLKFTTNLTFSTDVKEGGTYSIGDAMKALPTQPVKNDDGSWSGPG
QEAQWYGSIRNPIGTLHMMTNETKGYNFLANITGEITFTKWLKLKSTFGYDAKFWFADNFTPAYDWKPNPVEESSRYKSD
NKSFTYLWDNYFVFDHTFAKKHRVGVMAGSSAQWNNYDYLNAQKNIFMFDNIHEMDNGEKMYSLGGSQSDWALLSLMARL
NYSYEDKYLLTATVRRDGSSRFGKNNRWGTFPSVSLAWRVSQEDWFPKDNFLMNDLKLRVGYGVTGNQEIGNYGFVASYN
TGVYPFGNNNSTALVSTTLSNPNIHWEEVRQANFGVDMSLFDSRVSLSLDAYIKNTNDMLVKASIPITSGFEDTTETFTN
AGKMRNKGVEMTLRTINLKGIFSWESALTATYNKNEILDLNSETPMFINQIGNSYVTMLKAGYPINVFYGYVTDGLFQNW
GEVNRHATQPGAAPGDIRFRDLNNDGVINDEDRTILGNPNPNWFFSLSNNLSYKGWELSVFLQGVAGNKIYNANNVDNEG
MAAAYNQTTAVLNRWTGEGTSYSMPRAIWGDPNQNCRVSDRFVENGSYLRLKNITLSYTLPKKWLQKIQLENARISFSCE
NVATITRYSGFDPEVDVNGIDSSRYPISRTFSMGLNFNF
;
_entity_poly.pdbx_strand_id   A,B
#
# COMPACT_ATOMS: atom_id res chain seq x y z
N VAL A 112 -33.51 2.50 -16.51
CA VAL A 112 -32.54 2.57 -17.59
C VAL A 112 -31.41 1.57 -17.36
N VAL A 113 -30.63 1.31 -18.40
CA VAL A 113 -29.50 0.40 -18.33
C VAL A 113 -28.26 1.09 -18.89
N VAL A 114 -27.10 0.57 -18.52
CA VAL A 114 -25.82 1.10 -18.95
C VAL A 114 -25.23 0.16 -20.01
N VAL A 115 -24.77 0.73 -21.12
CA VAL A 115 -24.20 -0.03 -22.22
C VAL A 115 -22.77 0.43 -22.52
N GLY A 116 -22.16 1.16 -21.59
CA GLY A 116 -20.81 1.65 -21.80
C GLY A 116 -20.77 3.04 -22.43
N TYR A 117 -20.12 3.98 -21.75
CA TYR A 117 -19.99 5.36 -22.23
C TYR A 117 -21.35 6.00 -22.48
N GLY A 118 -22.29 5.73 -21.60
CA GLY A 118 -23.62 6.31 -21.72
C GLY A 118 -24.66 5.37 -21.15
N THR A 119 -25.90 5.84 -21.19
CA THR A 119 -27.05 5.08 -20.71
C THR A 119 -28.13 5.07 -21.79
N MET A 120 -28.96 4.02 -21.75
CA MET A 120 -30.02 3.85 -22.73
C MET A 120 -31.21 3.18 -22.07
N LYS A 121 -32.40 3.47 -22.57
CA LYS A 121 -33.62 2.86 -22.06
C LYS A 121 -33.71 1.41 -22.51
N LYS A 122 -34.41 0.59 -21.71
CA LYS A 122 -34.57 -0.82 -22.04
C LYS A 122 -35.40 -1.00 -23.31
N SER A 123 -36.45 -0.19 -23.48
CA SER A 123 -37.32 -0.32 -24.65
C SER A 123 -36.61 0.04 -25.94
N ASP A 124 -35.55 0.84 -25.88
CA ASP A 124 -34.82 1.27 -27.06
C ASP A 124 -33.60 0.38 -27.34
N LEU A 125 -33.40 -0.67 -26.56
CA LEU A 125 -32.25 -1.55 -26.76
C LEU A 125 -32.41 -2.35 -28.04
N THR A 126 -31.36 -2.37 -28.86
CA THR A 126 -31.33 -3.14 -30.10
C THR A 126 -30.54 -4.44 -29.98
N GLY A 127 -30.04 -4.75 -28.78
CA GLY A 127 -29.27 -5.97 -28.59
C GLY A 127 -29.75 -6.81 -27.41
N ALA A 128 -28.98 -7.82 -27.05
CA ALA A 128 -29.32 -8.72 -25.95
C ALA A 128 -28.63 -8.21 -24.70
N VAL A 129 -29.40 -7.55 -23.82
CA VAL A 129 -28.90 -7.02 -22.56
C VAL A 129 -29.77 -7.56 -21.43
N SER A 130 -29.13 -8.09 -20.40
CA SER A 130 -29.82 -8.63 -19.24
C SER A 130 -29.37 -7.89 -17.99
N SER A 131 -30.30 -7.69 -17.05
CA SER A 131 -30.04 -6.92 -15.85
C SER A 131 -30.58 -7.65 -14.63
N VAL A 132 -29.96 -7.38 -13.48
CA VAL A 132 -30.39 -7.89 -12.19
C VAL A 132 -30.68 -6.71 -11.28
N GLY A 133 -31.88 -6.68 -10.70
CA GLY A 133 -32.31 -5.55 -9.90
C GLY A 133 -32.00 -5.71 -8.43
N VAL A 134 -32.37 -4.67 -7.66
CA VAL A 134 -32.17 -4.69 -6.22
C VAL A 134 -33.05 -5.73 -5.56
N LYS A 135 -34.26 -5.93 -6.09
CA LYS A 135 -35.22 -6.85 -5.48
C LYS A 135 -34.68 -8.28 -5.45
N ASP A 136 -33.78 -8.63 -6.37
CA ASP A 136 -33.21 -9.97 -6.35
C ASP A 136 -32.14 -10.10 -5.26
N ILE A 137 -31.15 -9.23 -5.28
CA ILE A 137 -30.07 -9.27 -4.27
C ILE A 137 -30.50 -8.36 -3.14
N LYS A 138 -31.32 -8.92 -2.25
CA LYS A 138 -31.73 -8.20 -1.04
C LYS A 138 -31.66 -9.02 0.24
N ASP A 139 -31.74 -10.35 0.17
CA ASP A 139 -31.68 -11.19 1.37
C ASP A 139 -30.79 -12.41 1.16
N SER A 140 -29.88 -12.37 0.21
CA SER A 140 -29.06 -13.54 -0.09
C SER A 140 -28.05 -13.77 1.03
N PRO A 141 -28.02 -14.96 1.63
CA PRO A 141 -27.02 -15.24 2.68
C PRO A 141 -25.61 -15.44 2.16
N VAL A 142 -25.40 -15.41 0.84
CA VAL A 142 -24.07 -15.64 0.29
C VAL A 142 -23.16 -14.46 0.62
N ALA A 143 -21.85 -14.69 0.51
CA ALA A 143 -20.87 -13.67 0.86
C ALA A 143 -20.66 -12.68 -0.28
N ASN A 144 -20.23 -13.16 -1.44
CA ASN A 144 -19.89 -12.32 -2.56
C ASN A 144 -21.07 -12.21 -3.53
N ILE A 145 -20.99 -11.21 -4.41
CA ILE A 145 -22.06 -10.96 -5.38
C ILE A 145 -22.12 -12.08 -6.41
N GLY A 146 -21.00 -12.75 -6.67
CA GLY A 146 -20.97 -13.78 -7.70
C GLY A 146 -21.91 -14.94 -7.40
N GLN A 147 -21.92 -15.39 -6.15
CA GLN A 147 -22.81 -16.48 -5.77
C GLN A 147 -24.27 -16.06 -5.68
N ALA A 148 -24.53 -14.75 -5.64
CA ALA A 148 -25.89 -14.25 -5.50
C ALA A 148 -26.66 -14.20 -6.81
N MET A 149 -26.00 -14.39 -7.95
CA MET A 149 -26.64 -14.30 -9.26
C MET A 149 -26.47 -15.60 -10.05
N GLN A 150 -26.39 -16.73 -9.36
CA GLN A 150 -26.25 -18.02 -10.02
C GLN A 150 -27.63 -18.50 -10.47
N GLY A 151 -27.82 -18.59 -11.79
CA GLY A 151 -29.08 -18.99 -12.36
C GLY A 151 -30.12 -17.90 -12.48
N LYS A 152 -29.81 -16.68 -12.06
CA LYS A 152 -30.75 -15.57 -12.15
C LYS A 152 -30.75 -14.90 -13.52
N VAL A 153 -29.79 -15.24 -14.39
CA VAL A 153 -29.64 -14.61 -15.69
C VAL A 153 -29.47 -15.71 -16.75
N SER A 154 -30.07 -15.50 -17.91
CA SER A 154 -29.98 -16.48 -18.99
C SER A 154 -28.70 -16.30 -19.78
N GLY A 155 -28.18 -17.42 -20.28
CA GLY A 155 -26.99 -17.40 -21.12
C GLY A 155 -25.67 -17.32 -20.36
N VAL A 156 -25.70 -17.28 -19.04
CA VAL A 156 -24.49 -17.17 -18.22
C VAL A 156 -24.45 -18.36 -17.27
N GLN A 157 -23.31 -19.05 -17.24
CA GLN A 157 -23.11 -20.21 -16.37
C GLN A 157 -22.14 -19.82 -15.26
N ILE A 158 -22.55 -20.08 -14.02
CA ILE A 158 -21.76 -19.73 -12.84
C ILE A 158 -21.55 -21.00 -12.02
N ILE A 159 -20.30 -21.26 -11.64
CA ILE A 159 -19.94 -22.42 -10.84
C ILE A 159 -19.33 -21.93 -9.54
N ASP A 160 -19.83 -22.44 -8.42
CA ASP A 160 -19.36 -22.04 -7.11
C ASP A 160 -18.01 -22.68 -6.80
N ALA A 161 -17.33 -22.13 -5.79
CA ALA A 161 -16.04 -22.64 -5.34
C ALA A 161 -16.13 -23.32 -3.98
N GLY A 162 -16.67 -22.62 -2.97
CA GLY A 162 -16.85 -23.20 -1.67
C GLY A 162 -15.95 -22.63 -0.60
N LYS A 163 -14.68 -22.41 -0.95
CA LYS A 163 -13.74 -21.85 0.01
C LYS A 163 -14.01 -20.36 0.20
N PRO A 164 -14.06 -19.88 1.44
CA PRO A 164 -14.23 -18.44 1.67
C PRO A 164 -13.09 -17.63 1.06
N GLY A 165 -13.44 -16.46 0.54
CA GLY A 165 -12.46 -15.59 -0.09
C GLY A 165 -12.15 -15.91 -1.54
N ASP A 166 -12.78 -16.91 -2.11
CA ASP A 166 -12.56 -17.29 -3.50
C ASP A 166 -13.63 -16.67 -4.40
N ASN A 167 -13.39 -16.76 -5.71
CA ASN A 167 -14.29 -16.21 -6.70
C ASN A 167 -14.86 -17.32 -7.57
N VAL A 168 -16.08 -17.12 -8.04
CA VAL A 168 -16.77 -18.10 -8.87
C VAL A 168 -16.26 -18.00 -10.30
N THR A 169 -16.60 -18.99 -11.12
CA THR A 169 -16.21 -19.03 -12.52
C THR A 169 -17.41 -18.68 -13.38
N ILE A 170 -17.23 -17.71 -14.27
CA ILE A 170 -18.29 -17.18 -15.10
C ILE A 170 -17.95 -17.46 -16.56
N LYS A 171 -18.88 -18.09 -17.28
CA LYS A 171 -18.75 -18.32 -18.71
C LYS A 171 -20.04 -17.89 -19.39
N ILE A 172 -19.92 -17.16 -20.49
CA ILE A 172 -21.06 -16.58 -21.19
C ILE A 172 -21.22 -17.29 -22.53
N ARG A 173 -22.38 -17.90 -22.74
CA ARG A 173 -22.75 -18.53 -24.00
C ARG A 173 -21.71 -19.55 -24.44
N GLY A 174 -21.26 -20.35 -23.47
CA GLY A 174 -20.35 -21.46 -23.76
C GLY A 174 -18.91 -21.00 -23.91
N LEU A 175 -18.03 -22.00 -24.00
CA LEU A 175 -16.60 -21.73 -24.18
C LEU A 175 -16.34 -21.14 -25.56
N GLY A 176 -15.44 -20.17 -25.62
CA GLY A 176 -15.11 -19.53 -26.88
C GLY A 176 -13.81 -20.02 -27.49
N THR A 177 -12.80 -20.22 -26.66
CA THR A 177 -11.48 -20.67 -27.11
C THR A 177 -10.97 -21.74 -26.16
N ILE A 178 -9.79 -22.28 -26.50
CA ILE A 178 -9.12 -23.26 -25.64
C ILE A 178 -8.15 -22.53 -24.73
N ASN A 179 -8.27 -21.21 -24.68
CA ASN A 179 -7.43 -20.33 -23.86
C ASN A 179 -8.31 -19.61 -22.85
N ASN A 180 -7.72 -18.62 -22.18
CA ASN A 180 -8.45 -17.82 -21.20
C ASN A 180 -9.71 -17.22 -21.80
N SER A 181 -10.87 -17.63 -21.30
CA SER A 181 -12.16 -17.19 -21.84
C SER A 181 -13.01 -16.49 -20.79
N ASN A 182 -12.40 -15.99 -19.73
CA ASN A 182 -13.15 -15.26 -18.71
C ASN A 182 -13.64 -13.94 -19.26
N PRO A 183 -14.81 -13.48 -18.83
CA PRO A 183 -15.35 -12.21 -19.35
C PRO A 183 -14.63 -11.00 -18.80
N LEU A 184 -15.08 -9.81 -19.17
CA LEU A 184 -14.49 -8.55 -18.72
C LEU A 184 -15.39 -7.93 -17.65
N VAL A 185 -14.77 -7.51 -16.55
CA VAL A 185 -15.48 -6.91 -15.41
C VAL A 185 -15.21 -5.42 -15.41
N VAL A 186 -16.28 -4.64 -15.42
CA VAL A 186 -16.20 -3.18 -15.41
C VAL A 186 -16.92 -2.67 -14.17
N ILE A 187 -16.23 -1.89 -13.36
CA ILE A 187 -16.77 -1.36 -12.11
C ILE A 187 -16.79 0.16 -12.23
N ASP A 188 -17.98 0.74 -12.27
CA ASP A 188 -18.16 2.19 -12.35
C ASP A 188 -17.41 2.79 -13.53
N GLY A 189 -17.43 2.08 -14.66
CA GLY A 189 -16.75 2.52 -15.85
C GLY A 189 -15.26 2.28 -15.89
N ILE A 190 -14.70 1.61 -14.88
CA ILE A 190 -13.26 1.35 -14.80
C ILE A 190 -13.05 -0.15 -15.05
N PRO A 191 -12.51 -0.54 -16.21
CA PRO A 191 -12.20 -1.95 -16.43
C PRO A 191 -11.03 -2.41 -15.58
N THR A 192 -11.30 -3.22 -14.55
CA THR A 192 -10.30 -3.64 -13.59
C THR A 192 -10.31 -5.15 -13.47
N ASP A 193 -9.24 -5.68 -12.86
CA ASP A 193 -9.09 -7.11 -12.62
C ASP A 193 -9.39 -7.47 -11.17
N LEU A 194 -10.03 -6.57 -10.43
CA LEU A 194 -10.34 -6.83 -9.03
C LEU A 194 -11.36 -7.97 -8.90
N GLY A 195 -11.13 -8.85 -7.94
CA GLY A 195 -12.03 -9.96 -7.74
C GLY A 195 -13.38 -9.52 -7.21
N LEU A 196 -14.40 -10.33 -7.49
CA LEU A 196 -15.75 -10.01 -7.06
C LEU A 196 -15.94 -10.20 -5.56
N SER A 197 -15.10 -11.01 -4.91
CA SER A 197 -15.23 -11.25 -3.49
C SER A 197 -14.79 -10.06 -2.64
N SER A 198 -14.16 -9.06 -3.24
CA SER A 198 -13.68 -7.89 -2.51
C SER A 198 -14.69 -6.74 -2.53
N LEU A 199 -15.87 -6.95 -3.09
CA LEU A 199 -16.90 -5.92 -3.19
C LEU A 199 -18.04 -6.23 -2.21
N ASN A 200 -18.44 -5.20 -1.46
CA ASN A 200 -19.56 -5.35 -0.54
C ASN A 200 -20.86 -5.45 -1.33
N MET A 201 -21.69 -6.43 -0.99
CA MET A 201 -22.95 -6.62 -1.69
C MET A 201 -24.02 -5.63 -1.25
N ALA A 202 -23.88 -5.04 -0.06
CA ALA A 202 -24.92 -4.17 0.49
C ALA A 202 -25.05 -2.86 -0.28
N ASP A 203 -24.04 -2.46 -1.02
CA ASP A 203 -24.09 -1.18 -1.73
C ASP A 203 -23.92 -1.36 -3.23
N VAL A 204 -24.61 -2.34 -3.81
CA VAL A 204 -24.61 -2.60 -5.24
C VAL A 204 -25.99 -2.26 -5.78
N GLU A 205 -26.03 -1.41 -6.81
CA GLU A 205 -27.31 -0.99 -7.37
C GLU A 205 -27.88 -2.05 -8.31
N ARG A 206 -27.16 -2.37 -9.37
CA ARG A 206 -27.62 -3.37 -10.33
C ARG A 206 -26.43 -3.92 -11.10
N VAL A 207 -26.63 -5.10 -11.68
CA VAL A 207 -25.62 -5.77 -12.49
C VAL A 207 -26.18 -5.98 -13.88
N ASP A 208 -25.43 -5.54 -14.90
CA ASP A 208 -25.83 -5.68 -16.29
C ASP A 208 -24.80 -6.51 -17.03
N VAL A 209 -25.27 -7.42 -17.87
CA VAL A 209 -24.42 -8.33 -18.63
C VAL A 209 -24.67 -8.11 -20.11
N LEU A 210 -23.60 -7.90 -20.87
CA LEU A 210 -23.68 -7.74 -22.32
C LEU A 210 -23.19 -9.03 -22.98
N LYS A 211 -24.02 -9.61 -23.84
CA LYS A 211 -23.73 -10.91 -24.44
C LYS A 211 -23.49 -10.85 -25.94
N ASP A 212 -24.40 -10.26 -26.70
CA ASP A 212 -24.27 -10.23 -28.14
C ASP A 212 -23.17 -9.26 -28.57
N ALA A 213 -22.61 -9.52 -29.76
CA ALA A 213 -21.54 -8.68 -30.28
C ALA A 213 -22.03 -7.30 -30.67
N SER A 214 -23.34 -7.11 -30.84
CA SER A 214 -23.87 -5.78 -31.17
C SER A 214 -23.68 -4.79 -30.03
N ALA A 215 -23.60 -5.26 -28.78
CA ALA A 215 -23.40 -4.39 -27.64
C ALA A 215 -22.00 -4.45 -27.05
N THR A 216 -21.28 -5.53 -27.27
CA THR A 216 -19.92 -5.68 -26.77
C THR A 216 -18.87 -5.15 -27.72
N ALA A 217 -19.27 -4.66 -28.90
CA ALA A 217 -18.30 -4.15 -29.87
C ALA A 217 -17.73 -2.79 -29.45
N ILE A 218 -18.38 -2.10 -28.51
CA ILE A 218 -17.88 -0.81 -28.07
C ILE A 218 -16.55 -0.94 -27.33
N TYR A 219 -16.28 -2.10 -26.73
CA TYR A 219 -15.00 -2.32 -26.06
C TYR A 219 -13.94 -2.88 -26.98
N GLY A 220 -14.29 -3.24 -28.21
CA GLY A 220 -13.32 -3.66 -29.21
C GLY A 220 -12.54 -4.91 -28.89
N SER A 221 -11.24 -4.75 -28.61
CA SER A 221 -10.32 -5.87 -28.46
C SER A 221 -10.47 -6.60 -27.14
N ARG A 222 -11.42 -6.23 -26.29
CA ARG A 222 -11.62 -6.91 -25.02
C ARG A 222 -13.03 -7.47 -24.83
N GLY A 223 -14.00 -7.03 -25.62
CA GLY A 223 -15.37 -7.50 -25.46
C GLY A 223 -15.72 -8.69 -26.33
N ALA A 224 -14.93 -9.76 -26.25
CA ALA A 224 -15.19 -10.96 -27.03
C ALA A 224 -15.84 -12.07 -26.21
N ASN A 225 -15.69 -12.06 -24.89
CA ASN A 225 -16.27 -13.08 -24.01
C ASN A 225 -17.36 -12.53 -23.12
N GLY A 226 -17.89 -11.34 -23.43
CA GLY A 226 -18.93 -10.73 -22.63
C GLY A 226 -18.37 -9.72 -21.64
N VAL A 227 -19.22 -8.75 -21.28
CA VAL A 227 -18.86 -7.67 -20.38
C VAL A 227 -19.86 -7.63 -19.24
N VAL A 228 -19.36 -7.55 -18.01
CA VAL A 228 -20.19 -7.48 -16.81
C VAL A 228 -20.08 -6.06 -16.26
N MET A 229 -21.21 -5.40 -16.10
CA MET A 229 -21.26 -4.03 -15.61
C MET A 229 -21.83 -4.02 -14.20
N ILE A 230 -21.12 -3.34 -13.29
CA ILE A 230 -21.54 -3.22 -11.89
C ILE A 230 -21.68 -1.74 -11.57
N THR A 231 -22.83 -1.37 -11.01
CA THR A 231 -23.14 0.02 -10.68
C THR A 231 -23.39 0.12 -9.18
N SER A 232 -22.77 1.12 -8.55
CA SER A 232 -22.92 1.34 -7.12
C SER A 232 -24.09 2.27 -6.84
N LYS A 233 -24.54 2.27 -5.59
CA LYS A 233 -25.66 3.10 -5.18
C LYS A 233 -25.25 4.57 -5.11
N ARG A 234 -26.25 5.44 -5.24
CA ARG A 234 -26.05 6.88 -5.16
C ARG A 234 -27.16 7.50 -4.33
N GLY A 235 -26.91 8.70 -3.83
CA GLY A 235 -27.89 9.39 -3.03
C GLY A 235 -29.10 9.82 -3.83
N ALA A 236 -30.22 9.97 -3.14
CA ALA A 236 -31.48 10.36 -3.73
C ALA A 236 -31.99 11.64 -3.08
N GLU A 237 -32.66 12.47 -3.87
CA GLU A 237 -33.16 13.75 -3.38
C GLU A 237 -34.21 13.54 -2.29
N GLY A 238 -34.17 14.41 -1.27
CA GLY A 238 -35.09 14.36 -0.16
C GLY A 238 -34.34 14.42 1.15
N ALA A 239 -35.00 13.96 2.21
CA ALA A 239 -34.37 13.95 3.53
C ALA A 239 -33.32 12.84 3.62
N GLY A 240 -32.44 12.99 4.59
CA GLY A 240 -31.41 11.99 4.79
C GLY A 240 -31.97 10.67 5.29
N LYS A 241 -31.26 9.59 4.97
CA LYS A 241 -31.68 8.25 5.36
C LYS A 241 -30.50 7.51 5.98
N VAL A 242 -30.81 6.66 6.96
CA VAL A 242 -29.82 5.82 7.62
C VAL A 242 -30.31 4.37 7.54
N THR A 243 -29.44 3.49 7.07
CA THR A 243 -29.78 2.08 6.89
C THR A 243 -28.78 1.22 7.66
N VAL A 244 -29.29 0.27 8.45
CA VAL A 244 -28.47 -0.64 9.24
C VAL A 244 -28.90 -2.06 8.91
N ASN A 245 -27.93 -2.93 8.63
CA ASN A 245 -28.19 -4.31 8.29
C ASN A 245 -27.30 -5.24 9.13
N ALA A 246 -27.81 -6.43 9.38
CA ALA A 246 -27.07 -7.45 10.12
C ALA A 246 -27.52 -8.82 9.65
N ASN A 247 -26.65 -9.81 9.85
CA ASN A 247 -26.94 -11.16 9.41
C ASN A 247 -26.06 -12.15 10.17
N TRP A 248 -26.63 -13.29 10.53
CA TRP A 248 -25.90 -14.39 11.15
C TRP A 248 -26.29 -15.68 10.44
N ALA A 249 -25.33 -16.60 10.35
CA ALA A 249 -25.55 -17.84 9.62
C ALA A 249 -24.64 -18.93 10.15
N ILE A 250 -25.02 -20.17 9.85
CA ILE A 250 -24.22 -21.36 10.15
C ILE A 250 -24.13 -22.20 8.90
N GLN A 251 -23.03 -22.94 8.77
CA GLN A 251 -22.76 -23.72 7.58
C GLN A 251 -22.38 -25.15 7.96
N ASN A 252 -22.91 -26.11 7.20
CA ASN A 252 -22.60 -27.52 7.39
C ASN A 252 -22.46 -28.19 6.03
N ALA A 253 -21.65 -29.24 5.98
CA ALA A 253 -21.43 -29.95 4.73
C ALA A 253 -22.70 -30.66 4.28
N THR A 254 -22.89 -30.71 2.96
CA THR A 254 -24.11 -31.30 2.40
C THR A 254 -24.04 -32.82 2.42
N LYS A 255 -23.07 -33.41 1.73
CA LYS A 255 -22.94 -34.85 1.63
C LYS A 255 -21.51 -35.26 1.91
N VAL A 256 -21.34 -36.32 2.70
CA VAL A 256 -20.03 -36.84 3.05
C VAL A 256 -19.94 -38.30 2.64
N PRO A 257 -18.92 -38.71 1.89
CA PRO A 257 -18.79 -40.11 1.50
C PRO A 257 -18.54 -41.01 2.71
N ASP A 258 -18.98 -42.26 2.58
CA ASP A 258 -18.84 -43.25 3.63
C ASP A 258 -17.60 -44.11 3.38
N MET A 259 -16.79 -44.30 4.41
CA MET A 259 -15.55 -45.05 4.32
C MET A 259 -15.63 -46.29 5.20
N LEU A 260 -14.70 -47.22 4.95
CA LEU A 260 -14.65 -48.46 5.72
C LEU A 260 -14.14 -48.20 7.13
N ASN A 261 -14.46 -49.12 8.03
CA ASN A 261 -13.99 -49.08 9.39
C ASN A 261 -12.73 -49.93 9.54
N ALA A 262 -12.27 -50.13 10.77
CA ALA A 262 -11.04 -50.87 11.01
C ALA A 262 -11.18 -52.33 10.59
N ALA A 263 -12.30 -52.97 10.96
CA ALA A 263 -12.48 -54.38 10.64
C ALA A 263 -12.59 -54.61 9.13
N GLN A 264 -13.37 -53.78 8.44
CA GLN A 264 -13.54 -53.93 7.00
C GLN A 264 -12.23 -53.66 6.26
N TYR A 265 -11.48 -52.65 6.69
CA TYR A 265 -10.18 -52.38 6.07
C TYR A 265 -9.21 -53.52 6.32
N ALA A 266 -9.22 -54.08 7.53
CA ALA A 266 -8.34 -55.21 7.81
C ALA A 266 -8.68 -56.41 6.95
N ALA A 267 -9.98 -56.70 6.79
CA ALA A 267 -10.39 -57.80 5.92
C ALA A 267 -9.98 -57.55 4.48
N LEU A 268 -10.16 -56.33 4.00
CA LEU A 268 -9.77 -56.00 2.63
C LEU A 268 -8.26 -56.15 2.43
N SER A 269 -7.48 -55.68 3.40
CA SER A 269 -6.03 -55.82 3.29
C SER A 269 -5.60 -57.28 3.31
N ASN A 270 -6.23 -58.09 4.17
CA ASN A 270 -5.92 -59.51 4.21
C ASN A 270 -6.24 -60.17 2.87
N ASP A 271 -7.41 -59.85 2.29
CA ASP A 271 -7.78 -60.42 1.01
C ASP A 271 -6.81 -60.00 -0.09
N MET A 272 -6.44 -58.71 -0.10
CA MET A 272 -5.53 -58.22 -1.13
C MET A 272 -4.16 -58.87 -1.02
N LEU A 273 -3.66 -59.04 0.21
CA LEU A 273 -2.34 -59.63 0.38
C LEU A 273 -2.36 -61.13 0.12
N SER A 274 -3.50 -61.80 0.38
CA SER A 274 -3.59 -63.23 0.09
C SER A 274 -3.71 -63.49 -1.40
N ASN A 275 -4.43 -62.62 -2.13
CA ASN A 275 -4.58 -62.81 -3.56
C ASN A 275 -3.26 -62.62 -4.30
N ASN A 276 -2.36 -61.81 -3.75
CA ASN A 276 -1.06 -61.56 -4.36
C ASN A 276 0.03 -62.48 -3.82
N ASP A 277 -0.32 -63.41 -2.93
CA ASP A 277 0.63 -64.34 -2.32
C ASP A 277 1.73 -63.58 -1.57
N ASP A 278 1.31 -62.77 -0.61
CA ASP A 278 2.20 -61.96 0.20
C ASP A 278 1.82 -62.10 1.67
N ASN A 279 2.80 -61.88 2.54
CA ASN A 279 2.58 -62.01 3.97
C ASN A 279 1.62 -60.92 4.46
N THR A 280 0.71 -61.31 5.34
CA THR A 280 -0.28 -60.41 5.91
C THR A 280 0.18 -59.93 7.29
N ASN A 281 -0.60 -59.04 7.87
CA ASN A 281 -0.29 -58.52 9.19
C ASN A 281 -0.51 -59.61 10.24
N PRO A 282 0.48 -59.89 11.10
CA PRO A 282 0.33 -60.99 12.05
C PRO A 282 -0.82 -60.83 13.02
N TYR A 283 -1.14 -59.59 13.44
CA TYR A 283 -2.18 -59.36 14.43
C TYR A 283 -3.48 -58.85 13.81
N TRP A 284 -3.63 -58.98 12.49
CA TRP A 284 -4.88 -58.63 11.81
C TRP A 284 -5.63 -59.87 11.33
N ALA A 285 -5.32 -61.05 11.89
CA ALA A 285 -5.99 -62.27 11.49
C ALA A 285 -7.42 -62.36 12.02
N ASP A 286 -7.81 -61.49 12.95
CA ASP A 286 -9.16 -61.45 13.50
C ASP A 286 -9.68 -60.03 13.36
N PRO A 287 -10.20 -59.68 12.18
CA PRO A 287 -10.68 -58.30 11.97
C PRO A 287 -11.79 -57.89 12.92
N SER A 288 -12.65 -58.82 13.35
CA SER A 288 -13.78 -58.47 14.21
C SER A 288 -13.33 -57.93 15.56
N SER A 289 -12.12 -58.25 16.01
CA SER A 289 -11.63 -57.76 17.28
C SER A 289 -11.07 -56.35 17.21
N LEU A 290 -10.83 -55.82 16.01
CA LEU A 290 -10.28 -54.47 15.88
C LEU A 290 -11.27 -53.43 16.39
N GLY A 291 -12.55 -53.58 16.08
CA GLY A 291 -13.55 -52.62 16.52
C GLY A 291 -14.06 -51.73 15.40
N LYS A 292 -14.01 -50.41 15.62
CA LYS A 292 -14.48 -49.44 14.63
C LYS A 292 -13.35 -48.60 14.07
N GLY A 293 -12.56 -47.95 14.92
CA GLY A 293 -11.47 -47.13 14.46
C GLY A 293 -11.74 -45.64 14.59
N THR A 294 -11.06 -44.84 13.78
CA THR A 294 -11.20 -43.39 13.80
C THR A 294 -11.66 -42.88 12.43
N ASN A 295 -12.57 -41.91 12.44
CA ASN A 295 -13.09 -41.30 11.21
C ASN A 295 -12.40 -39.95 11.03
N TRP A 296 -11.56 -39.86 10.00
CA TRP A 296 -10.79 -38.63 9.78
C TRP A 296 -11.68 -37.51 9.25
N LEU A 297 -12.64 -37.84 8.40
CA LEU A 297 -13.51 -36.82 7.82
C LEU A 297 -14.36 -36.14 8.88
N ASP A 298 -14.87 -36.91 9.85
CA ASP A 298 -15.66 -36.32 10.92
C ASP A 298 -14.85 -35.38 11.80
N GLU A 299 -13.58 -35.70 12.06
CA GLU A 299 -12.73 -34.85 12.87
C GLU A 299 -12.22 -33.62 12.12
N MET A 300 -12.00 -33.74 10.81
CA MET A 300 -11.48 -32.65 10.02
C MET A 300 -12.52 -31.57 9.73
N LEU A 301 -13.80 -31.90 9.76
CA LEU A 301 -14.87 -30.98 9.43
C LEU A 301 -15.56 -30.50 10.69
N ARG A 302 -16.06 -29.27 10.65
CA ARG A 302 -16.77 -28.67 11.76
C ARG A 302 -17.97 -27.90 11.21
N THR A 303 -18.58 -27.07 12.05
CA THR A 303 -19.69 -26.21 11.66
C THR A 303 -19.19 -24.76 11.62
N GLY A 304 -19.32 -24.13 10.46
CA GLY A 304 -18.86 -22.77 10.31
C GLY A 304 -19.89 -21.75 10.77
N VAL A 305 -19.39 -20.59 11.20
CA VAL A 305 -20.23 -19.49 11.66
C VAL A 305 -19.88 -18.25 10.84
N LYS A 306 -20.90 -17.59 10.32
CA LYS A 306 -20.73 -16.39 9.52
C LYS A 306 -21.58 -15.26 10.07
N GLN A 307 -20.98 -14.09 10.25
CA GLN A 307 -21.70 -12.91 10.71
C GLN A 307 -21.28 -11.72 9.86
N SER A 308 -22.23 -10.83 9.61
CA SER A 308 -21.98 -9.66 8.77
C SER A 308 -22.77 -8.48 9.31
N TYR A 309 -22.15 -7.30 9.22
CA TYR A 309 -22.79 -6.06 9.65
C TYR A 309 -22.54 -4.98 8.61
N SER A 310 -23.46 -4.02 8.53
CA SER A 310 -23.33 -2.94 7.57
C SER A 310 -24.12 -1.74 8.06
N VAL A 311 -23.64 -0.55 7.72
CA VAL A 311 -24.31 0.70 8.07
C VAL A 311 -23.91 1.75 7.04
N SER A 312 -24.86 2.61 6.69
CA SER A 312 -24.63 3.64 5.70
C SER A 312 -25.63 4.77 5.87
N TYR A 313 -25.28 5.94 5.35
CA TYR A 313 -26.17 7.08 5.33
C TYR A 313 -26.07 7.78 3.98
N SER A 314 -27.15 8.43 3.57
CA SER A 314 -27.21 9.09 2.28
C SER A 314 -28.16 10.27 2.35
N GLY A 315 -27.99 11.18 1.39
CA GLY A 315 -28.85 12.35 1.29
C GLY A 315 -28.88 12.82 -0.14
N GLY A 316 -29.69 13.86 -0.37
CA GLY A 316 -29.85 14.37 -1.72
C GLY A 316 -30.24 15.83 -1.73
N THR A 317 -29.90 16.48 -2.84
CA THR A 317 -30.23 17.87 -3.07
C THR A 317 -30.33 18.08 -4.58
N GLU A 318 -31.09 19.10 -4.98
CA GLU A 318 -31.29 19.36 -6.41
C GLU A 318 -29.97 19.66 -7.12
N LYS A 319 -28.94 20.09 -6.40
CA LYS A 319 -27.65 20.37 -7.00
C LYS A 319 -26.52 19.49 -6.48
N ALA A 320 -26.73 18.71 -5.43
CA ALA A 320 -25.65 17.90 -4.86
C ALA A 320 -26.22 16.61 -4.31
N HIS A 321 -25.37 15.58 -4.27
CA HIS A 321 -25.73 14.29 -3.69
C HIS A 321 -24.51 13.70 -3.02
N TYR A 322 -24.75 12.80 -2.07
CA TYR A 322 -23.67 12.12 -1.36
C TYR A 322 -24.15 10.76 -0.88
N TYR A 323 -23.18 9.88 -0.63
CA TYR A 323 -23.47 8.53 -0.14
C TYR A 323 -22.21 7.96 0.48
N VAL A 324 -22.28 7.58 1.75
CA VAL A 324 -21.16 7.00 2.47
C VAL A 324 -21.61 5.68 3.07
N SER A 325 -20.81 4.63 2.88
CA SER A 325 -21.15 3.29 3.34
C SER A 325 -19.98 2.70 4.11
N GLY A 326 -20.17 1.47 4.60
CA GLY A 326 -19.15 0.77 5.36
C GLY A 326 -19.68 -0.52 5.96
N GLY A 327 -18.90 -1.59 5.92
CA GLY A 327 -19.35 -2.88 6.41
C GLY A 327 -18.22 -3.70 6.99
N PHE A 328 -18.61 -4.83 7.57
CA PHE A 328 -17.67 -5.76 8.18
C PHE A 328 -18.21 -7.17 8.03
N LEU A 329 -17.33 -8.11 7.72
CA LEU A 329 -17.72 -9.50 7.50
C LEU A 329 -16.67 -10.42 8.10
N ASP A 330 -17.13 -11.46 8.80
CA ASP A 330 -16.26 -12.49 9.35
C ASP A 330 -16.87 -13.85 9.07
N GLN A 331 -16.07 -14.77 8.55
CA GLN A 331 -16.55 -16.08 8.15
C GLN A 331 -15.51 -17.15 8.50
N SER A 332 -15.98 -18.29 9.00
CA SER A 332 -15.13 -19.42 9.31
C SER A 332 -15.57 -20.61 8.45
N GLY A 333 -14.60 -21.28 7.84
CA GLY A 333 -14.90 -22.38 6.95
C GLY A 333 -15.37 -23.62 7.68
N ILE A 334 -15.92 -24.56 6.91
CA ILE A 334 -16.41 -25.81 7.47
C ILE A 334 -15.27 -26.73 7.92
N VAL A 335 -14.06 -26.53 7.40
CA VAL A 335 -12.89 -27.28 7.84
C VAL A 335 -12.36 -26.66 9.13
N LYS A 336 -11.41 -27.34 9.77
CA LYS A 336 -11.06 -27.02 11.15
C LYS A 336 -10.49 -25.60 11.27
N SER A 337 -9.54 -25.22 10.42
CA SER A 337 -8.84 -23.94 10.59
C SER A 337 -8.79 -23.17 9.26
N VAL A 338 -9.86 -22.42 8.99
CA VAL A 338 -9.88 -21.41 7.92
C VAL A 338 -10.70 -20.23 8.41
N ASN A 339 -10.15 -19.03 8.25
CA ASN A 339 -10.83 -17.80 8.65
C ASN A 339 -10.74 -16.79 7.51
N TYR A 340 -11.67 -15.83 7.52
CA TYR A 340 -11.72 -14.81 6.49
C TYR A 340 -12.41 -13.57 7.04
N ARG A 341 -11.74 -12.43 6.96
CA ARG A 341 -12.28 -11.16 7.40
C ARG A 341 -12.17 -10.14 6.28
N ARG A 342 -13.07 -9.16 6.28
CA ARG A 342 -13.08 -8.15 5.23
C ARG A 342 -13.68 -6.86 5.78
N PHE A 343 -13.00 -5.75 5.51
CA PHE A 343 -13.48 -4.42 5.85
C PHE A 343 -13.70 -3.63 4.57
N ASN A 344 -14.81 -2.88 4.52
CA ASN A 344 -15.18 -2.14 3.33
C ASN A 344 -15.53 -0.70 3.69
N PHE A 345 -15.27 0.21 2.76
CA PHE A 345 -15.61 1.61 2.91
C PHE A 345 -15.74 2.21 1.52
N GLN A 346 -16.75 3.07 1.34
CA GLN A 346 -17.00 3.66 0.03
C GLN A 346 -17.71 5.00 0.22
N ALA A 347 -17.30 5.99 -0.57
CA ALA A 347 -17.91 7.31 -0.55
C ALA A 347 -18.15 7.77 -1.97
N ASN A 348 -19.37 8.25 -2.24
CA ASN A 348 -19.74 8.75 -3.55
C ASN A 348 -20.28 10.17 -3.43
N SER A 349 -20.01 10.97 -4.46
CA SER A 349 -20.42 12.37 -4.45
C SER A 349 -20.77 12.81 -5.86
N ASP A 350 -21.56 13.87 -5.95
CA ASP A 350 -21.96 14.44 -7.23
C ASP A 350 -22.41 15.87 -6.97
N ALA A 351 -21.76 16.83 -7.63
CA ALA A 351 -22.03 18.24 -7.39
C ALA A 351 -22.18 18.97 -8.73
N GLN A 352 -23.00 20.03 -8.70
CA GLN A 352 -23.22 20.90 -9.85
C GLN A 352 -22.68 22.29 -9.47
N VAL A 353 -21.45 22.58 -9.88
CA VAL A 353 -20.81 23.83 -9.50
C VAL A 353 -21.55 25.01 -10.08
N ASN A 354 -21.86 24.97 -11.37
CA ASN A 354 -22.56 26.05 -12.04
C ASN A 354 -23.40 25.46 -13.17
N LYS A 355 -23.87 26.32 -14.07
CA LYS A 355 -24.75 25.88 -15.15
C LYS A 355 -24.02 24.95 -16.11
N TRP A 356 -22.76 25.27 -16.44
CA TRP A 356 -22.02 24.56 -17.48
C TRP A 356 -20.90 23.69 -16.92
N LEU A 357 -20.95 23.36 -15.62
CA LEU A 357 -19.92 22.53 -15.01
C LEU A 357 -20.57 21.52 -14.08
N LYS A 358 -19.92 20.37 -13.94
CA LYS A 358 -20.42 19.28 -13.11
C LYS A 358 -19.28 18.31 -12.85
N PHE A 359 -19.25 17.76 -11.64
CA PHE A 359 -18.20 16.82 -11.22
C PHE A 359 -18.83 15.61 -10.54
N THR A 360 -18.15 14.47 -10.67
CA THR A 360 -18.56 13.23 -10.03
C THR A 360 -17.33 12.54 -9.47
N THR A 361 -17.46 11.97 -8.27
CA THR A 361 -16.34 11.33 -7.59
C THR A 361 -16.80 10.03 -6.96
N ASN A 362 -15.98 8.99 -7.11
CA ASN A 362 -16.24 7.68 -6.51
C ASN A 362 -14.94 7.18 -5.88
N LEU A 363 -15.02 6.76 -4.63
CA LEU A 363 -13.87 6.27 -3.89
C LEU A 363 -14.21 4.93 -3.24
N THR A 364 -13.27 4.00 -3.29
CA THR A 364 -13.47 2.67 -2.72
C THR A 364 -12.21 2.23 -1.99
N PHE A 365 -12.39 1.57 -0.84
CA PHE A 365 -11.29 1.07 -0.05
C PHE A 365 -11.72 -0.21 0.63
N SER A 366 -10.85 -1.22 0.61
CA SER A 366 -11.17 -2.52 1.19
C SER A 366 -9.90 -3.25 1.59
N THR A 367 -10.02 -4.04 2.66
CA THR A 367 -8.93 -4.90 3.12
C THR A 367 -9.50 -6.28 3.43
N ASP A 368 -8.63 -7.28 3.36
CA ASP A 368 -9.03 -8.65 3.66
C ASP A 368 -7.86 -9.41 4.26
N VAL A 369 -8.17 -10.34 5.16
CA VAL A 369 -7.18 -11.21 5.79
C VAL A 369 -7.63 -12.65 5.62
N LYS A 370 -6.72 -13.51 5.15
CA LYS A 370 -7.00 -14.91 4.94
C LYS A 370 -6.00 -15.76 5.73
N GLU A 371 -6.51 -16.82 6.35
CA GLU A 371 -5.70 -17.74 7.13
C GLU A 371 -5.97 -19.17 6.67
N GLY A 372 -5.33 -20.13 7.32
CA GLY A 372 -5.53 -21.52 6.99
C GLY A 372 -4.26 -22.35 7.04
N GLY A 373 -4.35 -23.57 7.56
CA GLY A 373 -3.22 -24.47 7.63
C GLY A 373 -3.06 -25.31 6.39
N THR A 374 -2.14 -26.26 6.46
CA THR A 374 -1.88 -27.19 5.37
C THR A 374 -2.81 -28.39 5.50
N TYR A 375 -3.65 -28.60 4.49
CA TYR A 375 -4.64 -29.67 4.54
C TYR A 375 -4.88 -30.19 3.14
N SER A 376 -5.42 -31.40 3.06
CA SER A 376 -5.73 -32.04 1.78
C SER A 376 -6.88 -33.01 1.98
N ILE A 377 -7.92 -32.87 1.16
CA ILE A 377 -9.07 -33.77 1.26
C ILE A 377 -8.69 -35.19 0.83
N GLY A 378 -7.84 -35.29 -0.20
CA GLY A 378 -7.44 -36.60 -0.66
C GLY A 378 -6.66 -37.39 0.39
N ASP A 379 -5.76 -36.71 1.10
CA ASP A 379 -5.03 -37.38 2.18
C ASP A 379 -5.96 -37.80 3.29
N ALA A 380 -6.95 -36.97 3.63
CA ALA A 380 -7.92 -37.34 4.65
C ALA A 380 -8.74 -38.55 4.25
N MET A 381 -9.14 -38.63 2.98
CA MET A 381 -9.92 -39.76 2.49
C MET A 381 -9.08 -41.02 2.32
N LYS A 382 -7.75 -40.91 2.35
CA LYS A 382 -6.87 -42.06 2.20
C LYS A 382 -6.20 -42.47 3.51
N ALA A 383 -6.45 -41.76 4.60
CA ALA A 383 -5.86 -42.12 5.88
C ALA A 383 -6.52 -43.38 6.43
N LEU A 384 -5.70 -44.29 6.96
CA LEU A 384 -6.22 -45.55 7.46
C LEU A 384 -7.02 -45.32 8.73
N PRO A 385 -8.15 -46.03 8.89
CA PRO A 385 -8.96 -45.84 10.10
C PRO A 385 -8.41 -46.54 11.34
N THR A 386 -7.38 -47.37 11.20
CA THR A 386 -6.82 -48.09 12.34
C THR A 386 -5.79 -47.28 13.12
N GLN A 387 -5.39 -46.11 12.61
CA GLN A 387 -4.38 -45.29 13.28
C GLN A 387 -5.05 -44.28 14.20
N PRO A 388 -4.74 -44.29 15.49
CA PRO A 388 -5.29 -43.26 16.38
C PRO A 388 -4.71 -41.89 16.07
N VAL A 389 -5.48 -40.87 16.44
CA VAL A 389 -5.07 -39.49 16.14
C VAL A 389 -3.79 -39.14 16.89
N LYS A 390 -3.72 -39.49 18.17
CA LYS A 390 -2.57 -39.19 19.00
C LYS A 390 -2.11 -40.44 19.73
N ASN A 391 -0.83 -40.45 20.12
CA ASN A 391 -0.27 -41.54 20.88
C ASN A 391 -0.71 -41.45 22.34
N ASP A 392 -0.18 -42.34 23.18
CA ASP A 392 -0.55 -42.33 24.59
C ASP A 392 0.03 -41.12 25.31
N ASP A 393 1.15 -40.58 24.84
CA ASP A 393 1.80 -39.44 25.46
C ASP A 393 1.35 -38.11 24.87
N GLY A 394 0.39 -38.11 23.95
CA GLY A 394 -0.16 -36.91 23.38
C GLY A 394 0.48 -36.46 22.08
N SER A 395 1.59 -37.06 21.67
CA SER A 395 2.24 -36.69 20.42
C SER A 395 1.43 -37.20 19.23
N TRP A 396 1.62 -36.56 18.09
CA TRP A 396 0.94 -36.96 16.87
C TRP A 396 1.42 -38.33 16.42
N SER A 397 0.48 -39.16 15.98
CA SER A 397 0.79 -40.52 15.55
C SER A 397 1.31 -40.50 14.11
N GLY A 398 1.54 -41.68 13.54
CA GLY A 398 2.03 -41.80 12.19
C GLY A 398 2.01 -43.24 11.70
N PRO A 399 2.23 -43.42 10.40
CA PRO A 399 2.27 -44.78 9.85
C PRO A 399 3.47 -45.58 10.35
N GLY A 400 3.30 -46.89 10.35
CA GLY A 400 4.35 -47.79 10.80
C GLY A 400 5.47 -47.92 9.80
N GLN A 401 6.46 -48.74 10.17
CA GLN A 401 7.62 -48.94 9.31
C GLN A 401 7.26 -49.66 8.02
N GLU A 402 6.35 -50.62 8.08
CA GLU A 402 5.96 -51.40 6.89
C GLU A 402 5.06 -50.55 6.02
N ALA A 403 5.56 -50.19 4.83
CA ALA A 403 4.77 -49.36 3.91
C ALA A 403 3.56 -50.13 3.38
N GLN A 404 3.73 -51.42 3.10
CA GLN A 404 2.65 -52.22 2.53
C GLN A 404 1.54 -52.53 3.52
N TRP A 405 1.76 -52.26 4.81
CA TRP A 405 0.74 -52.51 5.83
C TRP A 405 0.16 -51.24 6.43
N TYR A 406 0.88 -50.12 6.38
CA TYR A 406 0.41 -48.87 6.99
C TYR A 406 0.42 -47.68 6.04
N GLY A 407 1.02 -47.80 4.86
CA GLY A 407 1.07 -46.68 3.94
C GLY A 407 2.14 -45.68 4.31
N SER A 408 2.08 -44.52 3.63
CA SER A 408 3.03 -43.45 3.86
C SER A 408 2.34 -42.09 3.91
N ILE A 409 1.09 -42.05 4.38
CA ILE A 409 0.33 -40.80 4.44
C ILE A 409 0.65 -40.09 5.74
N ARG A 410 1.17 -38.86 5.62
CA ARG A 410 1.46 -38.06 6.80
C ARG A 410 0.15 -37.65 7.49
N ASN A 411 0.24 -37.46 8.81
CA ASN A 411 -0.93 -37.13 9.60
C ASN A 411 -1.51 -35.79 9.15
N PRO A 412 -2.77 -35.73 8.73
CA PRO A 412 -3.33 -34.46 8.24
C PRO A 412 -3.64 -33.47 9.36
N ILE A 413 -4.10 -34.00 10.50
CA ILE A 413 -4.46 -33.13 11.62
C ILE A 413 -3.22 -32.40 12.15
N GLY A 414 -2.09 -33.11 12.24
CA GLY A 414 -0.88 -32.48 12.72
C GLY A 414 -0.41 -31.36 11.82
N THR A 415 -0.42 -31.60 10.51
CA THR A 415 -0.03 -30.56 9.56
C THR A 415 -1.00 -29.38 9.61
N LEU A 416 -2.30 -29.66 9.77
CA LEU A 416 -3.29 -28.60 9.84
C LEU A 416 -3.08 -27.73 11.08
N HIS A 417 -2.78 -28.36 12.21
CA HIS A 417 -2.67 -27.62 13.46
C HIS A 417 -1.27 -27.08 13.74
N MET A 418 -0.27 -27.46 12.96
CA MET A 418 1.10 -27.00 13.19
C MET A 418 1.59 -26.00 12.15
N MET A 419 1.06 -26.03 10.94
CA MET A 419 1.48 -25.12 9.88
C MET A 419 0.45 -24.02 9.71
N THR A 420 0.95 -22.78 9.58
CA THR A 420 0.10 -21.60 9.47
C THR A 420 0.45 -20.85 8.19
N ASN A 421 -0.58 -20.46 7.44
CA ASN A 421 -0.44 -19.64 6.25
C ASN A 421 -1.31 -18.40 6.39
N GLU A 422 -0.76 -17.24 6.03
CA GLU A 422 -1.45 -15.98 6.19
C GLU A 422 -1.28 -15.15 4.93
N THR A 423 -2.30 -14.35 4.62
CA THR A 423 -2.28 -13.49 3.45
C THR A 423 -3.09 -12.23 3.74
N LYS A 424 -2.53 -11.07 3.38
CA LYS A 424 -3.19 -9.79 3.56
C LYS A 424 -3.24 -9.05 2.23
N GLY A 425 -4.27 -8.26 2.04
CA GLY A 425 -4.43 -7.50 0.81
C GLY A 425 -5.06 -6.14 1.08
N TYR A 426 -4.65 -5.16 0.28
CA TYR A 426 -5.19 -3.80 0.36
C TYR A 426 -5.51 -3.32 -1.04
N ASN A 427 -6.70 -2.77 -1.23
CA ASN A 427 -7.16 -2.33 -2.54
C ASN A 427 -7.70 -0.92 -2.45
N PHE A 428 -7.33 -0.10 -3.45
CA PHE A 428 -7.80 1.28 -3.54
CA PHE A 428 -7.79 1.29 -3.54
C PHE A 428 -8.33 1.54 -4.94
N LEU A 429 -9.51 2.13 -5.02
CA LEU A 429 -10.14 2.44 -6.30
C LEU A 429 -10.67 3.87 -6.26
N ALA A 430 -10.35 4.64 -7.30
CA ALA A 430 -10.78 6.02 -7.40
C ALA A 430 -11.30 6.29 -8.81
N ASN A 431 -12.18 7.28 -8.92
CA ASN A 431 -12.75 7.66 -10.21
C ASN A 431 -13.24 9.09 -10.12
N ILE A 432 -12.68 9.96 -10.94
CA ILE A 432 -13.07 11.37 -10.99
C ILE A 432 -13.55 11.67 -12.40
N THR A 433 -14.75 12.25 -12.52
CA THR A 433 -15.37 12.52 -13.81
C THR A 433 -15.81 13.97 -13.86
N GLY A 434 -15.52 14.63 -14.99
CA GLY A 434 -15.95 15.99 -15.23
C GLY A 434 -16.85 16.08 -16.46
N GLU A 435 -17.55 17.20 -16.57
CA GLU A 435 -18.48 17.41 -17.67
C GLU A 435 -18.62 18.89 -17.94
N ILE A 436 -18.49 19.28 -19.21
CA ILE A 436 -18.62 20.66 -19.64
C ILE A 436 -19.73 20.74 -20.67
N THR A 437 -20.65 21.68 -20.47
CA THR A 437 -21.80 21.87 -21.36
C THR A 437 -21.55 23.13 -22.19
N PHE A 438 -21.30 22.95 -23.49
CA PHE A 438 -21.07 24.09 -24.38
C PHE A 438 -22.40 24.71 -24.81
N THR A 439 -23.22 23.93 -25.51
CA THR A 439 -24.53 24.37 -25.98
C THR A 439 -25.60 23.43 -25.43
N LYS A 440 -26.84 23.65 -25.86
CA LYS A 440 -27.94 22.81 -25.40
C LYS A 440 -27.85 21.40 -25.97
N TRP A 441 -27.19 21.24 -27.11
CA TRP A 441 -27.13 19.95 -27.80
C TRP A 441 -25.69 19.46 -27.96
N LEU A 442 -24.79 19.87 -27.06
CA LEU A 442 -23.41 19.44 -27.14
C LEU A 442 -22.82 19.42 -25.73
N LYS A 443 -22.12 18.32 -25.41
CA LYS A 443 -21.49 18.17 -24.11
C LYS A 443 -20.13 17.51 -24.29
N LEU A 444 -19.25 17.74 -23.31
CA LEU A 444 -17.92 17.13 -23.28
C LEU A 444 -17.72 16.48 -21.92
N LYS A 445 -17.15 15.27 -21.93
CA LYS A 445 -16.97 14.50 -20.72
C LYS A 445 -15.52 14.03 -20.62
N SER A 446 -14.98 14.08 -19.41
CA SER A 446 -13.63 13.60 -19.12
C SER A 446 -13.68 12.69 -17.90
N THR A 447 -12.82 11.67 -17.90
CA THR A 447 -12.81 10.68 -16.83
C THR A 447 -11.38 10.23 -16.56
N PHE A 448 -11.02 10.19 -15.29
CA PHE A 448 -9.72 9.68 -14.85
C PHE A 448 -9.94 8.56 -13.84
N GLY A 449 -9.16 7.49 -13.99
CA GLY A 449 -9.30 6.34 -13.13
C GLY A 449 -7.98 5.92 -12.52
N TYR A 450 -8.05 5.48 -11.27
CA TYR A 450 -6.88 5.00 -10.54
C TYR A 450 -7.21 3.68 -9.87
N ASP A 451 -6.19 2.84 -9.70
CA ASP A 451 -6.38 1.52 -9.10
C ASP A 451 -5.04 1.03 -8.60
N ALA A 452 -4.94 0.74 -7.29
CA ALA A 452 -3.73 0.23 -6.68
C ALA A 452 -4.07 -0.98 -5.83
N LYS A 453 -3.22 -2.01 -5.91
CA LYS A 453 -3.41 -3.23 -5.14
C LYS A 453 -2.09 -3.64 -4.51
N PHE A 454 -2.18 -4.25 -3.32
CA PHE A 454 -1.03 -4.77 -2.60
C PHE A 454 -1.36 -6.15 -2.06
N TRP A 455 -0.40 -7.07 -2.12
CA TRP A 455 -0.54 -8.39 -1.54
C TRP A 455 0.67 -8.71 -0.68
N PHE A 456 0.45 -9.45 0.40
CA PHE A 456 1.51 -9.91 1.27
C PHE A 456 1.19 -11.33 1.74
N ALA A 457 2.22 -12.17 1.76
CA ALA A 457 2.09 -13.57 2.15
C ALA A 457 3.07 -13.89 3.27
N ASP A 458 2.70 -14.88 4.08
CA ASP A 458 3.54 -15.27 5.21
C ASP A 458 3.24 -16.73 5.54
N ASN A 459 4.25 -17.58 5.42
CA ASN A 459 4.11 -19.00 5.72
C ASN A 459 5.22 -19.42 6.67
N PHE A 460 4.94 -20.42 7.50
CA PHE A 460 5.90 -20.91 8.48
C PHE A 460 5.62 -22.39 8.76
N THR A 461 6.64 -23.22 8.57
CA THR A 461 6.53 -24.66 8.80
C THR A 461 7.47 -25.07 9.93
N PRO A 462 6.97 -25.32 11.13
CA PRO A 462 7.85 -25.75 12.22
C PRO A 462 8.48 -27.10 11.94
N ALA A 463 9.69 -27.29 12.46
CA ALA A 463 10.38 -28.56 12.32
C ALA A 463 9.79 -29.59 13.27
N TYR A 464 9.46 -30.76 12.73
CA TYR A 464 8.86 -31.82 13.53
C TYR A 464 9.26 -33.16 12.95
N ASP A 465 9.42 -34.15 13.84
CA ASP A 465 9.85 -35.50 13.43
C ASP A 465 8.61 -36.31 13.06
N TRP A 466 8.16 -36.11 11.82
CA TRP A 466 7.05 -36.90 11.31
C TRP A 466 7.50 -38.33 11.04
N LYS A 467 6.60 -39.28 11.32
CA LYS A 467 6.94 -40.69 11.17
C LYS A 467 7.30 -41.08 9.73
N PRO A 468 6.49 -40.78 8.70
CA PRO A 468 6.86 -41.20 7.34
C PRO A 468 8.05 -40.42 6.78
N ASN A 469 8.03 -39.10 6.93
CA ASN A 469 9.09 -38.23 6.43
C ASN A 469 9.28 -37.10 7.42
N PRO A 470 10.31 -37.17 8.27
CA PRO A 470 10.53 -36.11 9.24
C PRO A 470 10.97 -34.81 8.59
N VAL A 471 10.65 -33.70 9.25
CA VAL A 471 11.09 -32.37 8.83
C VAL A 471 12.05 -31.85 9.88
N GLU A 472 13.29 -31.59 9.47
CA GLU A 472 14.34 -31.19 10.39
C GLU A 472 14.82 -29.76 10.12
N GLU A 473 14.05 -28.96 9.39
CA GLU A 473 14.45 -27.61 9.03
C GLU A 473 13.22 -26.72 8.99
N SER A 474 13.10 -25.83 9.97
CA SER A 474 11.98 -24.90 10.03
C SER A 474 12.27 -23.70 9.13
N SER A 475 11.28 -23.32 8.32
CA SER A 475 11.47 -22.28 7.32
C SER A 475 10.30 -21.29 7.35
N ARG A 476 10.55 -20.09 6.83
CA ARG A 476 9.56 -19.03 6.74
C ARG A 476 9.58 -18.47 5.33
N TYR A 477 8.40 -18.27 4.75
CA TYR A 477 8.27 -17.77 3.39
C TYR A 477 7.45 -16.50 3.38
N LYS A 478 7.94 -15.48 2.66
CA LYS A 478 7.27 -14.20 2.54
C LYS A 478 7.25 -13.77 1.09
N SER A 479 6.25 -12.95 0.74
CA SER A 479 6.11 -12.46 -0.63
C SER A 479 5.36 -11.14 -0.61
N ASP A 480 5.73 -10.25 -1.51
CA ASP A 480 5.11 -8.94 -1.65
C ASP A 480 4.69 -8.73 -3.09
N ASN A 481 3.62 -7.97 -3.31
CA ASN A 481 3.07 -7.73 -4.63
C ASN A 481 2.55 -6.30 -4.74
N LYS A 482 2.70 -5.73 -5.93
CA LYS A 482 2.16 -4.40 -6.23
C LYS A 482 1.62 -4.38 -7.65
N SER A 483 0.67 -3.48 -7.89
CA SER A 483 0.08 -3.32 -9.22
C SER A 483 -0.68 -2.00 -9.26
N PHE A 484 -0.43 -1.20 -10.30
CA PHE A 484 -1.06 0.09 -10.45
C PHE A 484 -1.59 0.22 -11.88
N THR A 485 -2.84 0.67 -12.01
CA THR A 485 -3.50 0.82 -13.29
C THR A 485 -4.08 2.23 -13.41
N TYR A 486 -3.94 2.83 -14.59
CA TYR A 486 -4.40 4.18 -14.85
C TYR A 486 -5.32 4.19 -16.06
N LEU A 487 -6.20 5.18 -16.11
CA LEU A 487 -7.16 5.31 -17.21
C LEU A 487 -7.43 6.77 -17.47
N TRP A 488 -7.74 7.09 -18.73
CA TRP A 488 -8.08 8.46 -19.12
C TRP A 488 -8.94 8.40 -20.36
N ASP A 489 -10.21 8.80 -20.23
CA ASP A 489 -11.16 8.75 -21.33
C ASP A 489 -11.69 10.15 -21.61
N ASN A 490 -11.76 10.51 -22.90
CA ASN A 490 -12.28 11.80 -23.34
C ASN A 490 -13.13 11.58 -24.58
N TYR A 491 -14.39 12.02 -24.52
CA TYR A 491 -15.29 11.83 -25.65
C TYR A 491 -16.35 12.92 -25.64
N PHE A 492 -16.97 13.13 -26.80
CA PHE A 492 -18.03 14.10 -26.97
C PHE A 492 -19.39 13.41 -26.99
N VAL A 493 -20.42 14.18 -26.66
CA VAL A 493 -21.80 13.69 -26.66
C VAL A 493 -22.66 14.68 -27.44
N PHE A 494 -23.39 14.17 -28.44
CA PHE A 494 -24.26 14.98 -29.27
C PHE A 494 -25.66 14.37 -29.28
N ASP A 495 -26.68 15.22 -29.20
CA ASP A 495 -28.06 14.76 -29.21
C ASP A 495 -28.93 15.90 -29.71
N HIS A 496 -29.65 15.68 -30.81
CA HIS A 496 -30.52 16.70 -31.38
C HIS A 496 -31.68 16.03 -32.09
N THR A 497 -32.78 16.77 -32.23
CA THR A 497 -33.98 16.31 -32.89
C THR A 497 -34.20 17.12 -34.15
N PHE A 498 -34.41 16.43 -35.28
CA PHE A 498 -34.59 17.08 -36.57
C PHE A 498 -36.04 16.90 -37.03
N ALA A 499 -36.71 18.01 -37.31
CA ALA A 499 -38.08 18.02 -37.83
C ALA A 499 -39.05 17.31 -36.90
N LYS A 500 -38.74 17.29 -35.60
CA LYS A 500 -39.54 16.73 -34.52
C LYS A 500 -39.70 15.22 -34.63
N LYS A 501 -39.13 14.59 -35.65
CA LYS A 501 -39.26 13.14 -35.85
C LYS A 501 -37.92 12.42 -35.80
N HIS A 502 -36.91 12.93 -36.51
CA HIS A 502 -35.61 12.28 -36.55
C HIS A 502 -34.78 12.67 -35.34
N ARG A 503 -34.24 11.66 -34.66
CA ARG A 503 -33.36 11.87 -33.51
C ARG A 503 -32.01 11.24 -33.81
N VAL A 504 -30.94 12.01 -33.67
CA VAL A 504 -29.58 11.58 -33.98
C VAL A 504 -28.72 11.74 -32.74
N GLY A 505 -27.99 10.68 -32.39
CA GLY A 505 -27.06 10.73 -31.29
C GLY A 505 -25.69 10.21 -31.67
N VAL A 506 -24.67 11.07 -31.60
CA VAL A 506 -23.32 10.73 -32.03
C VAL A 506 -22.37 10.90 -30.85
N MET A 507 -21.55 9.88 -30.62
CA MET A 507 -20.52 9.90 -29.60
C MET A 507 -19.21 9.44 -30.20
N ALA A 508 -18.13 10.17 -29.90
CA ALA A 508 -16.81 9.84 -30.42
C ALA A 508 -15.76 10.35 -29.45
N GLY A 509 -14.66 9.60 -29.32
CA GLY A 509 -13.61 9.99 -28.42
C GLY A 509 -12.45 9.04 -28.48
N SER A 510 -11.61 9.09 -27.44
CA SER A 510 -10.42 8.26 -27.34
C SER A 510 -10.31 7.69 -25.94
N SER A 511 -9.32 6.84 -25.73
CA SER A 511 -9.09 6.22 -24.43
C SER A 511 -7.65 5.76 -24.35
N ALA A 512 -7.17 5.58 -23.11
CA ALA A 512 -5.80 5.12 -22.87
C ALA A 512 -5.75 4.42 -21.53
N GLN A 513 -4.85 3.44 -21.42
CA GLN A 513 -4.74 2.65 -20.21
C GLN A 513 -3.41 1.91 -20.21
N TRP A 514 -2.75 1.87 -19.06
CA TRP A 514 -1.49 1.16 -18.90
C TRP A 514 -1.41 0.62 -17.46
N ASN A 515 -0.51 -0.35 -17.26
CA ASN A 515 -0.44 -1.07 -16.00
C ASN A 515 1.02 -1.39 -15.69
N ASN A 516 1.32 -1.55 -14.41
CA ASN A 516 2.65 -1.94 -13.94
C ASN A 516 2.50 -3.02 -12.88
N TYR A 517 3.56 -3.82 -12.71
CA TYR A 517 3.52 -4.95 -11.78
C TYR A 517 4.93 -5.27 -11.31
N ASP A 518 5.03 -5.72 -10.05
CA ASP A 518 6.31 -6.09 -9.46
C ASP A 518 6.03 -7.03 -8.30
N TYR A 519 7.04 -7.83 -7.95
CA TYR A 519 6.92 -8.78 -6.85
C TYR A 519 8.30 -9.15 -6.35
N LEU A 520 8.33 -9.74 -5.14
CA LEU A 520 9.58 -10.15 -4.50
C LEU A 520 9.24 -11.18 -3.43
N ASN A 521 10.15 -12.15 -3.25
CA ASN A 521 9.94 -13.20 -2.26
C ASN A 521 11.30 -13.69 -1.76
N ALA A 522 11.27 -14.32 -0.58
CA ALA A 522 12.49 -14.80 0.05
C ALA A 522 12.13 -15.89 1.06
N GLN A 523 13.17 -16.52 1.62
CA GLN A 523 12.97 -17.61 2.56
C GLN A 523 14.26 -17.82 3.37
N LYS A 524 14.10 -18.18 4.63
CA LYS A 524 15.22 -18.51 5.53
C LYS A 524 14.91 -19.81 6.27
N ASN A 525 15.83 -20.24 7.13
CA ASN A 525 15.74 -21.54 7.76
C ASN A 525 16.25 -21.49 9.20
N ILE A 526 16.29 -22.67 9.82
CA ILE A 526 16.77 -22.90 11.18
C ILE A 526 15.86 -22.19 12.18
N PHE A 527 16.14 -20.92 12.44
CA PHE A 527 15.35 -20.03 13.31
C PHE A 527 15.46 -20.39 14.79
N MET A 528 16.14 -21.49 15.12
CA MET A 528 16.34 -21.95 16.51
C MET A 528 14.96 -22.06 17.17
N PHE A 529 14.64 -21.23 18.17
CA PHE A 529 13.36 -21.32 18.86
C PHE A 529 12.19 -21.10 17.92
N ASP A 530 11.15 -21.93 18.08
CA ASP A 530 9.97 -21.81 17.22
C ASP A 530 9.12 -20.61 17.57
N ASN A 531 9.02 -20.25 18.86
CA ASN A 531 8.17 -19.13 19.25
C ASN A 531 8.67 -17.81 18.69
N ILE A 532 9.97 -17.59 18.71
CA ILE A 532 10.58 -16.37 18.17
C ILE A 532 11.17 -16.74 16.82
N HIS A 533 10.48 -16.37 15.74
CA HIS A 533 10.86 -16.76 14.38
C HIS A 533 10.84 -15.54 13.46
N GLU A 534 11.40 -14.42 13.92
CA GLU A 534 11.55 -13.26 13.07
C GLU A 534 12.70 -13.46 12.09
N MET A 535 12.67 -12.68 11.00
CA MET A 535 13.63 -12.87 9.92
C MET A 535 15.07 -12.64 10.36
N ASP A 536 15.30 -11.87 11.42
CA ASP A 536 16.66 -11.66 11.91
C ASP A 536 17.21 -12.86 12.66
N ASN A 537 16.35 -13.79 13.08
CA ASN A 537 16.79 -14.94 13.86
C ASN A 537 17.55 -15.94 12.97
N GLY A 538 17.04 -16.19 11.77
CA GLY A 538 17.65 -17.13 10.86
C GLY A 538 19.00 -16.69 10.35
N GLU A 539 19.82 -17.63 9.91
CA GLU A 539 21.15 -17.34 9.39
C GLU A 539 21.34 -17.82 7.96
N LYS A 540 20.70 -18.92 7.58
CA LYS A 540 20.88 -19.48 6.24
C LYS A 540 19.83 -18.97 5.27
N MET A 541 20.27 -18.22 4.25
CA MET A 541 19.37 -17.79 3.19
C MET A 541 19.08 -18.94 2.24
N TYR A 542 17.85 -18.98 1.74
CA TYR A 542 17.41 -20.08 0.87
C TYR A 542 17.15 -19.65 -0.56
N SER A 543 16.31 -18.64 -0.78
CA SER A 543 15.96 -18.22 -2.13
C SER A 543 15.60 -16.74 -2.12
N LEU A 544 15.66 -16.14 -3.31
CA LEU A 544 15.37 -14.72 -3.49
C LEU A 544 15.22 -14.39 -4.97
N GLY A 545 14.15 -13.71 -5.33
CA GLY A 545 13.93 -13.38 -6.73
C GLY A 545 12.79 -12.40 -6.91
N GLY A 546 12.69 -11.90 -8.13
CA GLY A 546 11.63 -10.96 -8.47
C GLY A 546 11.72 -10.60 -9.95
N SER A 547 10.68 -9.92 -10.41
CA SER A 547 10.59 -9.53 -11.82
C SER A 547 9.68 -8.31 -11.93
N GLN A 548 9.31 -7.97 -13.16
CA GLN A 548 8.51 -6.79 -13.44
C GLN A 548 7.85 -6.96 -14.81
N SER A 549 6.63 -6.43 -14.93
CA SER A 549 5.89 -6.50 -16.19
C SER A 549 5.02 -5.26 -16.33
N ASP A 550 4.66 -4.96 -17.58
CA ASP A 550 3.84 -3.80 -17.88
C ASP A 550 3.22 -3.96 -19.26
N TRP A 551 2.20 -3.16 -19.53
CA TRP A 551 1.55 -3.14 -20.84
C TRP A 551 0.82 -1.81 -20.99
N ALA A 552 0.42 -1.51 -22.23
CA ALA A 552 -0.25 -0.27 -22.54
C ALA A 552 -1.25 -0.51 -23.66
N LEU A 553 -2.17 0.44 -23.84
CA LEU A 553 -3.22 0.30 -24.83
C LEU A 553 -3.74 1.68 -25.21
N LEU A 554 -4.08 1.83 -26.50
CA LEU A 554 -4.66 3.07 -27.03
C LEU A 554 -5.81 2.70 -27.94
N SER A 555 -6.82 3.57 -27.99
CA SER A 555 -8.01 3.28 -28.77
C SER A 555 -8.69 4.56 -29.25
N LEU A 556 -9.53 4.41 -30.26
CA LEU A 556 -10.40 5.46 -30.76
C LEU A 556 -11.79 4.88 -30.96
N MET A 557 -12.81 5.66 -30.64
CA MET A 557 -14.18 5.16 -30.62
C MET A 557 -15.11 6.13 -31.34
N ALA A 558 -16.21 5.57 -31.86
CA ALA A 558 -17.23 6.36 -32.53
C ALA A 558 -18.51 5.54 -32.60
N ARG A 559 -19.62 6.13 -32.17
CA ARG A 559 -20.91 5.45 -32.15
C ARG A 559 -21.99 6.40 -32.62
N LEU A 560 -22.94 5.89 -33.41
CA LEU A 560 -24.05 6.67 -33.94
C LEU A 560 -25.36 6.00 -33.61
N ASN A 561 -26.35 6.81 -33.24
CA ASN A 561 -27.70 6.35 -32.93
C ASN A 561 -28.71 7.12 -33.76
N TYR A 562 -29.69 6.41 -34.31
CA TYR A 562 -30.71 7.00 -35.15
C TYR A 562 -32.08 6.47 -34.78
N SER A 563 -33.08 7.35 -34.81
CA SER A 563 -34.46 6.99 -34.56
C SER A 563 -35.35 7.62 -35.64
N TYR A 564 -36.50 6.98 -35.89
CA TYR A 564 -37.42 7.44 -36.93
C TYR A 564 -38.85 7.12 -36.48
N GLU A 565 -39.52 8.11 -35.90
CA GLU A 565 -40.92 8.02 -35.50
C GLU A 565 -41.19 6.89 -34.52
N ASP A 566 -40.17 6.48 -33.76
CA ASP A 566 -40.27 5.38 -32.80
C ASP A 566 -40.72 4.08 -33.46
N LYS A 567 -40.40 3.92 -34.75
CA LYS A 567 -40.75 2.72 -35.49
C LYS A 567 -39.58 2.06 -36.19
N TYR A 568 -38.40 2.69 -36.20
CA TYR A 568 -37.23 2.13 -36.87
C TYR A 568 -35.99 2.71 -36.22
N LEU A 569 -35.19 1.84 -35.59
CA LEU A 569 -33.98 2.26 -34.89
C LEU A 569 -32.77 1.62 -35.54
N LEU A 570 -31.74 2.44 -35.79
CA LEU A 570 -30.50 1.98 -36.40
C LEU A 570 -29.33 2.48 -35.56
N THR A 571 -28.40 1.56 -35.24
CA THR A 571 -27.21 1.88 -34.48
C THR A 571 -25.99 1.33 -35.18
N ALA A 572 -24.93 2.13 -35.24
CA ALA A 572 -23.67 1.73 -35.84
C ALA A 572 -22.54 2.11 -34.90
N THR A 573 -21.50 1.26 -34.89
CA THR A 573 -20.36 1.47 -34.01
C THR A 573 -19.09 0.97 -34.70
N VAL A 574 -18.03 1.78 -34.62
CA VAL A 574 -16.72 1.41 -35.14
C VAL A 574 -15.68 1.81 -34.11
N ARG A 575 -14.67 0.96 -33.92
CA ARG A 575 -13.63 1.21 -32.93
C ARG A 575 -12.30 0.70 -33.47
N ARG A 576 -11.25 1.50 -33.28
CA ARG A 576 -9.90 1.15 -33.69
C ARG A 576 -9.04 1.04 -32.44
N ASP A 577 -8.36 -0.10 -32.28
CA ASP A 577 -7.60 -0.40 -31.09
C ASP A 577 -6.16 -0.71 -31.43
N GLY A 578 -5.26 -0.36 -30.51
CA GLY A 578 -3.84 -0.68 -30.64
C GLY A 578 -3.22 -0.96 -29.30
N SER A 579 -2.58 -2.12 -29.17
CA SER A 579 -2.00 -2.55 -27.89
C SER A 579 -0.55 -2.96 -28.10
N SER A 580 0.23 -2.86 -27.01
CA SER A 580 1.63 -3.23 -27.05
C SER A 580 1.84 -4.74 -27.04
N ARG A 581 0.80 -5.53 -26.78
CA ARG A 581 0.94 -6.98 -26.79
C ARG A 581 1.02 -7.55 -28.20
N PHE A 582 0.58 -6.80 -29.19
CA PHE A 582 0.58 -7.27 -30.58
C PHE A 582 1.96 -7.10 -31.21
N GLY A 583 2.16 -7.77 -32.33
CA GLY A 583 3.39 -7.67 -33.06
C GLY A 583 3.52 -6.34 -33.79
N LYS A 584 4.73 -6.10 -34.30
CA LYS A 584 5.02 -4.86 -35.03
C LYS A 584 4.33 -4.80 -36.38
N ASN A 585 3.79 -5.91 -36.89
CA ASN A 585 3.11 -5.93 -38.17
C ASN A 585 1.60 -5.84 -38.06
N ASN A 586 1.04 -6.06 -36.87
CA ASN A 586 -0.40 -6.03 -36.64
C ASN A 586 -0.74 -5.17 -35.44
N ARG A 587 -0.16 -3.96 -35.41
CA ARG A 587 -0.31 -3.09 -34.25
C ARG A 587 -1.75 -2.62 -34.07
N TRP A 588 -2.44 -2.32 -35.16
CA TRP A 588 -3.77 -1.73 -35.10
C TRP A 588 -4.79 -2.61 -35.80
N GLY A 589 -6.06 -2.44 -35.41
CA GLY A 589 -7.15 -3.19 -36.00
C GLY A 589 -8.45 -2.41 -35.89
N THR A 590 -9.46 -2.90 -36.61
CA THR A 590 -10.77 -2.27 -36.65
C THR A 590 -11.86 -3.30 -36.38
N PHE A 591 -12.86 -2.91 -35.59
CA PHE A 591 -13.96 -3.78 -35.19
C PHE A 591 -15.28 -3.06 -35.44
N PRO A 592 -15.84 -3.18 -36.64
CA PRO A 592 -17.12 -2.53 -36.93
C PRO A 592 -18.30 -3.33 -36.39
N SER A 593 -19.45 -2.67 -36.37
CA SER A 593 -20.69 -3.29 -35.88
C SER A 593 -21.88 -2.56 -36.48
N VAL A 594 -23.03 -3.24 -36.45
CA VAL A 594 -24.27 -2.68 -36.98
C VAL A 594 -25.43 -3.48 -36.41
N SER A 595 -26.56 -2.82 -36.20
CA SER A 595 -27.75 -3.50 -35.68
C SER A 595 -29.00 -2.79 -36.20
N LEU A 596 -30.11 -3.52 -36.19
CA LEU A 596 -31.40 -2.99 -36.63
C LEU A 596 -32.48 -3.42 -35.65
N ALA A 597 -33.54 -2.62 -35.57
CA ALA A 597 -34.66 -2.92 -34.70
C ALA A 597 -35.87 -2.10 -35.15
N TRP A 598 -37.03 -2.74 -35.18
CA TRP A 598 -38.27 -2.06 -35.54
C TRP A 598 -39.43 -2.74 -34.84
N ARG A 599 -40.54 -2.00 -34.69
CA ARG A 599 -41.71 -2.46 -33.97
C ARG A 599 -42.84 -2.74 -34.94
N VAL A 600 -43.47 -3.91 -34.80
CA VAL A 600 -44.58 -4.29 -35.67
C VAL A 600 -45.88 -3.62 -35.26
N SER A 601 -46.09 -3.37 -33.96
CA SER A 601 -47.36 -2.83 -33.50
C SER A 601 -47.64 -1.46 -34.10
N GLN A 602 -46.63 -0.59 -34.16
CA GLN A 602 -46.80 0.73 -34.74
C GLN A 602 -46.58 0.69 -36.24
N MET A 613 -51.73 -10.26 -27.38
CA MET A 613 -50.73 -9.67 -28.25
C MET A 613 -50.89 -8.15 -28.32
N ASN A 614 -50.22 -7.45 -27.41
CA ASN A 614 -50.27 -5.99 -27.36
C ASN A 614 -49.05 -5.32 -27.96
N ASP A 615 -47.87 -5.91 -27.81
CA ASP A 615 -46.63 -5.34 -28.32
C ASP A 615 -45.81 -6.42 -29.01
N LEU A 616 -44.98 -5.98 -29.95
CA LEU A 616 -44.09 -6.88 -30.68
C LEU A 616 -42.88 -6.09 -31.17
N LYS A 617 -41.71 -6.72 -31.09
CA LYS A 617 -40.47 -6.07 -31.48
C LYS A 617 -39.49 -7.11 -31.99
N LEU A 618 -38.81 -6.78 -33.08
CA LEU A 618 -37.82 -7.66 -33.70
C LEU A 618 -36.46 -6.98 -33.69
N ARG A 619 -35.42 -7.73 -33.35
CA ARG A 619 -34.07 -7.20 -33.26
C ARG A 619 -33.13 -8.07 -34.09
N VAL A 620 -32.33 -7.41 -34.94
CA VAL A 620 -31.32 -8.08 -35.75
C VAL A 620 -29.99 -7.35 -35.56
N GLY A 621 -28.94 -8.10 -35.30
CA GLY A 621 -27.64 -7.50 -35.06
C GLY A 621 -26.53 -8.34 -35.64
N TYR A 622 -25.37 -7.70 -35.80
CA TYR A 622 -24.17 -8.35 -36.33
C TYR A 622 -22.97 -7.48 -36.01
N GLY A 623 -21.89 -8.10 -35.57
CA GLY A 623 -20.69 -7.35 -35.21
C GLY A 623 -19.49 -8.26 -35.11
N VAL A 624 -18.32 -7.62 -35.02
CA VAL A 624 -17.04 -8.31 -34.92
C VAL A 624 -16.31 -7.78 -33.69
N THR A 625 -15.84 -8.69 -32.85
CA THR A 625 -15.08 -8.32 -31.66
C THR A 625 -13.72 -9.00 -31.66
N GLY A 626 -12.95 -8.84 -30.58
CA GLY A 626 -11.64 -9.44 -30.50
C GLY A 626 -11.23 -9.70 -29.08
N ASN A 627 -10.25 -10.58 -28.92
CA ASN A 627 -9.70 -10.94 -27.62
C ASN A 627 -8.19 -10.75 -27.66
N GLN A 628 -7.64 -10.15 -26.59
CA GLN A 628 -6.22 -9.84 -26.53
C GLN A 628 -5.54 -10.47 -25.32
N GLU A 629 -6.17 -11.45 -24.68
CA GLU A 629 -5.58 -12.12 -23.51
C GLU A 629 -4.58 -13.17 -23.97
N ILE A 630 -3.48 -12.69 -24.55
CA ILE A 630 -2.43 -13.53 -25.09
C ILE A 630 -1.13 -13.40 -24.30
N GLY A 631 -1.17 -12.74 -23.14
CA GLY A 631 0.02 -12.55 -22.35
C GLY A 631 0.83 -11.36 -22.81
N ASN A 632 1.96 -11.15 -22.13
CA ASN A 632 2.85 -10.04 -22.41
C ASN A 632 4.19 -10.55 -22.94
N TYR A 633 4.80 -9.75 -23.82
CA TYR A 633 6.10 -10.06 -24.41
C TYR A 633 6.06 -11.40 -25.16
N GLY A 634 4.95 -11.65 -25.86
CA GLY A 634 4.82 -12.86 -26.64
C GLY A 634 5.53 -12.85 -27.98
N PHE A 635 6.10 -11.71 -28.37
CA PHE A 635 6.80 -11.57 -29.64
C PHE A 635 8.31 -11.54 -29.47
N VAL A 636 8.82 -11.94 -28.32
CA VAL A 636 10.24 -11.88 -28.00
C VAL A 636 10.75 -13.29 -27.76
N ALA A 637 11.85 -13.64 -28.42
CA ALA A 637 12.45 -14.95 -28.24
C ALA A 637 13.13 -15.05 -26.88
N SER A 638 13.46 -16.27 -26.48
CA SER A 638 14.11 -16.56 -25.21
C SER A 638 15.53 -17.03 -25.46
N TYR A 639 16.47 -16.49 -24.71
CA TYR A 639 17.88 -16.83 -24.84
C TYR A 639 18.40 -17.39 -23.52
N ASN A 640 19.34 -18.32 -23.63
CA ASN A 640 20.00 -18.92 -22.48
C ASN A 640 21.49 -18.69 -22.58
N THR A 641 22.13 -18.40 -21.45
CA THR A 641 23.54 -18.06 -21.42
C THR A 641 24.39 -19.28 -21.72
N GLY A 642 25.37 -19.11 -22.61
CA GLY A 642 26.31 -20.17 -22.92
C GLY A 642 27.71 -19.61 -23.07
N VAL A 643 28.67 -20.53 -23.19
CA VAL A 643 30.08 -20.17 -23.29
C VAL A 643 30.68 -20.86 -24.51
N TYR A 644 31.75 -20.25 -25.03
CA TYR A 644 32.50 -20.79 -26.15
C TYR A 644 33.98 -20.76 -25.77
N PRO A 645 34.65 -21.91 -25.70
CA PRO A 645 36.05 -21.92 -25.25
C PRO A 645 36.99 -21.39 -26.32
N PHE A 646 37.75 -20.35 -25.97
CA PHE A 646 38.81 -19.83 -26.83
C PHE A 646 40.11 -20.57 -26.51
N GLY A 647 41.24 -20.04 -26.97
CA GLY A 647 42.52 -20.70 -26.71
C GLY A 647 42.79 -20.87 -25.23
N ASN A 648 42.58 -19.81 -24.45
CA ASN A 648 42.80 -19.88 -23.01
C ASN A 648 41.71 -19.21 -22.18
N ASN A 649 40.70 -18.61 -22.81
CA ASN A 649 39.65 -17.90 -22.09
C ASN A 649 38.28 -18.39 -22.56
N ASN A 650 37.27 -18.10 -21.75
CA ASN A 650 35.89 -18.44 -22.06
C ASN A 650 35.08 -17.16 -22.23
N SER A 651 34.32 -17.09 -23.33
CA SER A 651 33.50 -15.93 -23.64
C SER A 651 32.03 -16.31 -23.60
N THR A 652 31.23 -15.51 -22.92
CA THR A 652 29.80 -15.77 -22.82
C THR A 652 29.12 -15.57 -24.17
N ALA A 653 28.18 -16.46 -24.49
CA ALA A 653 27.45 -16.41 -25.74
C ALA A 653 25.96 -16.63 -25.47
N LEU A 654 25.12 -16.11 -26.37
CA LEU A 654 23.68 -16.25 -26.28
C LEU A 654 23.20 -17.21 -27.36
N VAL A 655 22.39 -18.18 -26.97
CA VAL A 655 21.84 -19.18 -27.88
C VAL A 655 20.36 -18.90 -28.05
N SER A 656 19.92 -18.73 -29.30
CA SER A 656 18.54 -18.41 -29.57
C SER A 656 17.65 -19.65 -29.43
N THR A 657 16.47 -19.45 -28.86
CA THR A 657 15.47 -20.52 -28.73
C THR A 657 14.09 -19.88 -28.75
N THR A 658 13.12 -20.62 -29.29
CA THR A 658 11.74 -20.15 -29.40
C THR A 658 11.67 -18.85 -30.19
N LEU A 659 11.98 -18.98 -31.49
CA LEU A 659 12.10 -17.86 -32.42
C LEU A 659 10.94 -16.86 -32.29
N SER A 660 11.24 -15.59 -32.54
CA SER A 660 10.24 -14.53 -32.38
C SER A 660 9.13 -14.67 -33.40
N ASN A 661 7.94 -14.20 -33.02
CA ASN A 661 6.74 -14.26 -33.86
C ASN A 661 6.17 -12.86 -33.95
N PRO A 662 6.69 -12.03 -34.85
CA PRO A 662 6.18 -10.65 -34.98
C PRO A 662 4.83 -10.52 -35.64
N ASN A 663 4.15 -11.63 -35.94
CA ASN A 663 2.83 -11.60 -36.56
C ASN A 663 1.70 -11.92 -35.59
N ILE A 664 2.00 -11.98 -34.29
CA ILE A 664 0.97 -12.29 -33.30
C ILE A 664 0.00 -11.12 -33.18
N HIS A 665 -1.29 -11.42 -33.25
CA HIS A 665 -2.33 -10.41 -33.13
C HIS A 665 -3.47 -10.98 -32.29
N TRP A 666 -4.60 -10.29 -32.30
CA TRP A 666 -5.75 -10.67 -31.50
C TRP A 666 -6.45 -11.88 -32.12
N GLU A 667 -7.58 -12.27 -31.56
CA GLU A 667 -8.40 -13.36 -32.06
C GLU A 667 -9.75 -12.83 -32.49
N GLU A 668 -10.14 -13.12 -33.72
CA GLU A 668 -11.36 -12.56 -34.31
C GLU A 668 -12.57 -13.43 -33.99
N VAL A 669 -13.66 -12.78 -33.59
CA VAL A 669 -14.91 -13.45 -33.29
C VAL A 669 -16.03 -12.73 -34.03
N ARG A 670 -16.82 -13.48 -34.80
CA ARG A 670 -17.97 -12.95 -35.53
C ARG A 670 -19.25 -13.57 -34.98
N GLN A 671 -20.26 -12.74 -34.77
CA GLN A 671 -21.50 -13.17 -34.15
C GLN A 671 -22.69 -12.53 -34.83
N ALA A 672 -23.75 -13.31 -35.03
CA ALA A 672 -25.02 -12.83 -35.55
C ALA A 672 -26.11 -13.19 -34.55
N ASN A 673 -27.03 -12.24 -34.29
CA ASN A 673 -28.05 -12.41 -33.28
C ASN A 673 -29.42 -12.04 -33.83
N PHE A 674 -30.44 -12.76 -33.37
CA PHE A 674 -31.83 -12.47 -33.69
C PHE A 674 -32.64 -12.51 -32.40
N GLY A 675 -33.54 -11.54 -32.25
CA GLY A 675 -34.32 -11.43 -31.04
C GLY A 675 -35.76 -11.06 -31.33
N VAL A 676 -36.65 -11.57 -30.47
CA VAL A 676 -38.08 -11.31 -30.57
C VAL A 676 -38.59 -10.97 -29.17
N ASP A 677 -39.34 -9.87 -29.06
CA ASP A 677 -39.95 -9.46 -27.80
C ASP A 677 -41.46 -9.45 -27.97
N MET A 678 -42.17 -10.05 -27.00
CA MET A 678 -43.61 -10.20 -27.10
C MET A 678 -44.25 -9.87 -25.76
N SER A 679 -45.51 -9.44 -25.82
CA SER A 679 -46.33 -9.22 -24.64
C SER A 679 -47.73 -9.76 -24.91
N LEU A 680 -48.27 -10.51 -23.96
CA LEU A 680 -49.52 -11.22 -24.16
C LEU A 680 -50.46 -10.99 -22.97
N PHE A 681 -51.76 -11.18 -23.24
CA PHE A 681 -52.80 -11.13 -22.22
C PHE A 681 -52.85 -9.77 -21.52
N ASP A 682 -53.08 -8.73 -22.33
CA ASP A 682 -53.22 -7.37 -21.83
C ASP A 682 -51.97 -6.93 -21.05
N SER A 683 -50.81 -7.20 -21.62
CA SER A 683 -49.52 -6.82 -21.04
C SER A 683 -49.35 -7.38 -19.63
N ARG A 684 -49.76 -8.63 -19.43
CA ARG A 684 -49.61 -9.31 -18.16
C ARG A 684 -48.38 -10.20 -18.12
N VAL A 685 -48.08 -10.91 -19.21
CA VAL A 685 -46.93 -11.80 -19.29
C VAL A 685 -46.02 -11.31 -20.41
N SER A 686 -44.74 -11.66 -20.31
CA SER A 686 -43.74 -11.26 -21.29
C SER A 686 -43.03 -12.48 -21.84
N LEU A 687 -42.33 -12.28 -22.96
CA LEU A 687 -41.60 -13.35 -23.61
C LEU A 687 -40.41 -12.76 -24.35
N SER A 688 -39.32 -13.53 -24.38
CA SER A 688 -38.10 -13.11 -25.06
C SER A 688 -37.43 -14.32 -25.66
N LEU A 689 -37.15 -14.26 -26.96
CA LEU A 689 -36.49 -15.34 -27.68
C LEU A 689 -35.24 -14.80 -28.35
N ASP A 690 -34.12 -15.50 -28.17
CA ASP A 690 -32.85 -15.09 -28.75
C ASP A 690 -32.16 -16.29 -29.38
N ALA A 691 -31.73 -16.12 -30.63
CA ALA A 691 -30.97 -17.15 -31.34
C ALA A 691 -29.67 -16.52 -31.83
N TYR A 692 -28.55 -17.19 -31.57
CA TYR A 692 -27.24 -16.64 -31.89
C TYR A 692 -26.39 -17.70 -32.56
N ILE A 693 -25.49 -17.25 -33.44
CA ILE A 693 -24.46 -18.08 -34.04
C ILE A 693 -23.13 -17.37 -33.87
N LYS A 694 -22.19 -18.01 -33.19
CA LYS A 694 -20.90 -17.41 -32.87
C LYS A 694 -19.78 -18.22 -33.53
N ASN A 695 -18.90 -17.53 -34.24
CA ASN A 695 -17.76 -18.14 -34.90
C ASN A 695 -16.47 -17.51 -34.38
N THR A 696 -15.47 -18.35 -34.13
CA THR A 696 -14.18 -17.91 -33.63
C THR A 696 -13.11 -18.17 -34.68
N ASN A 697 -12.28 -17.16 -34.95
CA ASN A 697 -11.22 -17.25 -35.93
C ASN A 697 -9.91 -16.76 -35.32
N ASP A 698 -8.81 -17.13 -35.98
CA ASP A 698 -7.46 -16.71 -35.57
C ASP A 698 -7.14 -17.15 -34.14
N MET A 699 -7.63 -18.33 -33.76
CA MET A 699 -7.33 -18.88 -32.45
C MET A 699 -5.88 -19.34 -32.39
N LEU A 700 -5.25 -19.14 -31.23
CA LEU A 700 -3.86 -19.52 -31.05
C LEU A 700 -3.74 -21.02 -30.87
N VAL A 701 -2.96 -21.67 -31.73
CA VAL A 701 -2.71 -23.11 -31.68
C VAL A 701 -1.22 -23.34 -31.86
N LYS A 702 -0.81 -24.60 -31.67
CA LYS A 702 0.59 -24.96 -31.84
C LYS A 702 1.02 -24.79 -33.29
N ALA A 703 2.21 -24.26 -33.49
CA ALA A 703 2.75 -23.99 -34.82
C ALA A 703 3.73 -25.08 -35.23
N SER A 704 4.01 -25.11 -36.54
CA SER A 704 4.94 -26.08 -37.11
C SER A 704 6.25 -25.39 -37.45
N ILE A 705 7.35 -25.99 -37.01
CA ILE A 705 8.69 -25.43 -37.19
C ILE A 705 9.39 -26.25 -38.28
N PRO A 706 9.67 -25.68 -39.44
CA PRO A 706 10.39 -26.43 -40.48
C PRO A 706 11.82 -26.74 -40.05
N ILE A 707 12.34 -27.84 -40.60
CA ILE A 707 13.71 -28.26 -40.27
C ILE A 707 14.73 -27.25 -40.80
N THR A 708 14.43 -26.60 -41.92
CA THR A 708 15.36 -25.64 -42.51
C THR A 708 15.47 -24.34 -41.72
N SER A 709 14.59 -24.12 -40.74
CA SER A 709 14.62 -22.90 -39.94
C SER A 709 15.66 -22.94 -38.83
N GLY A 710 16.34 -24.07 -38.63
CA GLY A 710 17.36 -24.17 -37.61
C GLY A 710 16.85 -24.50 -36.23
N PHE A 711 15.56 -24.68 -36.05
CA PHE A 711 14.97 -25.00 -34.75
C PHE A 711 14.22 -26.32 -34.84
N GLU A 712 13.91 -26.88 -33.67
CA GLU A 712 13.22 -28.15 -33.56
C GLU A 712 11.72 -27.93 -33.38
N ASP A 713 10.96 -29.01 -33.54
CA ASP A 713 9.51 -28.93 -33.40
C ASP A 713 9.07 -28.83 -31.94
N THR A 714 9.95 -29.15 -31.00
CA THR A 714 9.60 -29.10 -29.58
C THR A 714 9.46 -27.67 -29.06
N THR A 715 9.87 -26.66 -29.83
CA THR A 715 9.75 -25.29 -29.39
C THR A 715 8.28 -24.90 -29.25
N GLU A 716 7.96 -24.15 -28.20
CA GLU A 716 6.58 -23.73 -27.92
C GLU A 716 6.32 -22.40 -28.61
N THR A 717 5.90 -22.49 -29.87
CA THR A 717 5.54 -21.32 -30.66
C THR A 717 4.08 -21.45 -31.10
N PHE A 718 3.34 -20.34 -31.04
CA PHE A 718 1.93 -20.33 -31.33
C PHE A 718 1.62 -19.38 -32.48
N THR A 719 0.52 -19.66 -33.17
CA THR A 719 0.07 -18.83 -34.28
C THR A 719 -1.45 -18.86 -34.35
N ASN A 720 -2.01 -17.86 -35.04
CA ASN A 720 -3.46 -17.70 -35.13
C ASN A 720 -3.97 -18.54 -36.29
N ALA A 721 -4.39 -19.77 -35.99
CA ALA A 721 -4.91 -20.65 -37.03
C ALA A 721 -6.16 -21.43 -36.64
N GLY A 722 -6.54 -21.48 -35.35
CA GLY A 722 -7.65 -22.29 -34.93
C GLY A 722 -9.01 -21.66 -35.24
N LYS A 723 -10.05 -22.51 -35.17
CA LYS A 723 -11.41 -22.08 -35.41
C LYS A 723 -12.34 -22.82 -34.46
N MET A 724 -13.50 -22.21 -34.20
CA MET A 724 -14.50 -22.80 -33.33
C MET A 724 -15.85 -22.17 -33.65
N ARG A 725 -16.91 -22.92 -33.37
CA ARG A 725 -18.27 -22.47 -33.65
C ARG A 725 -19.18 -22.83 -32.47
N ASN A 726 -20.02 -21.87 -32.08
CA ASN A 726 -21.02 -22.08 -31.03
C ASN A 726 -22.34 -21.49 -31.47
N LYS A 727 -23.43 -22.13 -31.05
CA LYS A 727 -24.77 -21.67 -31.36
C LYS A 727 -25.74 -22.20 -30.33
N GLY A 728 -26.87 -21.51 -30.17
CA GLY A 728 -27.87 -21.92 -29.22
C GLY A 728 -29.05 -20.98 -29.21
N VAL A 729 -30.01 -21.28 -28.35
CA VAL A 729 -31.24 -20.51 -28.21
C VAL A 729 -31.46 -20.21 -26.74
N GLU A 730 -31.84 -18.97 -26.44
CA GLU A 730 -32.12 -18.54 -25.08
C GLU A 730 -33.57 -18.10 -24.98
N MET A 731 -34.17 -18.35 -23.81
CA MET A 731 -35.58 -18.06 -23.58
C MET A 731 -35.74 -17.40 -22.22
N THR A 732 -36.78 -16.58 -22.10
CA THR A 732 -37.12 -15.92 -20.84
C THR A 732 -38.62 -15.63 -20.84
N LEU A 733 -39.27 -15.96 -19.72
CA LEU A 733 -40.72 -15.82 -19.60
C LEU A 733 -41.07 -15.45 -18.17
N ARG A 734 -41.92 -14.44 -18.00
CA ARG A 734 -42.34 -13.96 -16.69
C ARG A 734 -43.86 -13.82 -16.67
N THR A 735 -44.49 -14.25 -15.57
CA THR A 735 -45.93 -14.15 -15.41
C THR A 735 -46.25 -13.50 -14.08
N ILE A 736 -47.22 -12.60 -14.08
CA ILE A 736 -47.78 -12.01 -12.86
C ILE A 736 -49.30 -12.17 -12.98
N ASN A 737 -49.83 -13.27 -12.45
CA ASN A 737 -51.22 -13.64 -12.66
C ASN A 737 -52.12 -13.25 -11.49
N LEU A 738 -51.80 -13.72 -10.29
CA LEU A 738 -52.66 -13.49 -9.13
C LEU A 738 -52.45 -12.08 -8.59
N LYS A 739 -53.56 -11.38 -8.34
CA LYS A 739 -53.53 -10.02 -7.82
C LYS A 739 -54.51 -9.92 -6.66
N GLY A 740 -54.51 -8.76 -6.00
CA GLY A 740 -55.38 -8.54 -4.87
C GLY A 740 -54.66 -8.66 -3.55
N ILE A 741 -55.30 -9.34 -2.58
CA ILE A 741 -54.65 -9.55 -1.28
C ILE A 741 -53.42 -10.45 -1.43
N PHE A 742 -53.48 -11.43 -2.33
CA PHE A 742 -52.36 -12.33 -2.60
C PHE A 742 -51.74 -11.97 -3.94
N SER A 743 -50.43 -11.76 -3.93
CA SER A 743 -49.67 -11.44 -5.14
C SER A 743 -48.74 -12.61 -5.46
N TRP A 744 -48.89 -13.18 -6.64
CA TRP A 744 -48.09 -14.31 -7.09
C TRP A 744 -47.35 -13.94 -8.37
N GLU A 745 -46.04 -14.17 -8.37
CA GLU A 745 -45.21 -13.89 -9.53
C GLU A 745 -44.30 -15.09 -9.79
N SER A 746 -43.90 -15.24 -11.05
CA SER A 746 -43.04 -16.34 -11.45
C SER A 746 -42.18 -15.92 -12.63
N ALA A 747 -41.08 -16.62 -12.81
CA ALA A 747 -40.15 -16.36 -13.92
C ALA A 747 -39.52 -17.67 -14.35
N LEU A 748 -39.63 -17.98 -15.64
CA LEU A 748 -39.09 -19.21 -16.20
C LEU A 748 -37.94 -18.85 -17.16
N THR A 749 -36.81 -19.53 -16.98
CA THR A 749 -35.63 -19.29 -17.79
C THR A 749 -35.13 -20.61 -18.35
N ALA A 750 -34.87 -20.63 -19.66
CA ALA A 750 -34.34 -21.82 -20.32
C ALA A 750 -33.22 -21.39 -21.27
N THR A 751 -32.28 -22.30 -21.50
CA THR A 751 -31.13 -22.02 -22.35
C THR A 751 -30.63 -23.32 -22.96
N TYR A 752 -30.36 -23.28 -24.26
CA TYR A 752 -29.78 -24.41 -24.99
C TYR A 752 -28.53 -23.94 -25.70
N ASN A 753 -27.50 -24.79 -25.72
CA ASN A 753 -26.23 -24.45 -26.33
C ASN A 753 -25.60 -25.68 -26.94
N LYS A 754 -24.82 -25.47 -28.01
CA LYS A 754 -24.10 -26.55 -28.68
C LYS A 754 -22.73 -26.04 -29.07
N ASN A 755 -21.72 -26.88 -28.86
CA ASN A 755 -20.33 -26.53 -29.13
C ASN A 755 -19.77 -27.43 -30.22
N GLU A 756 -18.82 -26.89 -30.98
CA GLU A 756 -18.22 -27.62 -32.09
C GLU A 756 -16.86 -27.01 -32.40
N ILE A 757 -15.88 -27.88 -32.66
CA ILE A 757 -14.53 -27.47 -33.03
C ILE A 757 -14.33 -27.76 -34.50
N LEU A 758 -13.91 -26.74 -35.26
CA LEU A 758 -13.80 -26.87 -36.71
C LEU A 758 -12.40 -27.30 -37.15
N ASP A 759 -11.39 -26.50 -36.81
CA ASP A 759 -10.03 -26.78 -37.25
C ASP A 759 -9.05 -26.48 -36.12
N LEU A 760 -7.91 -27.16 -36.14
CA LEU A 760 -6.85 -26.95 -35.17
C LEU A 760 -5.47 -26.83 -35.84
N ASN A 761 -5.42 -26.77 -37.16
CA ASN A 761 -4.17 -26.65 -37.92
C ASN A 761 -3.20 -27.78 -37.57
N SER A 762 -3.74 -28.98 -37.42
CA SER A 762 -2.93 -30.15 -37.11
C SER A 762 -3.69 -31.40 -37.54
N GLU A 763 -2.93 -32.49 -37.70
CA GLU A 763 -3.50 -33.78 -38.08
C GLU A 763 -3.57 -34.77 -36.93
N THR A 764 -3.10 -34.38 -35.73
CA THR A 764 -3.12 -35.28 -34.58
C THR A 764 -3.88 -34.65 -33.43
N PRO A 765 -4.70 -35.42 -32.71
CA PRO A 765 -5.43 -34.87 -31.57
C PRO A 765 -4.50 -34.47 -30.44
N MET A 766 -4.94 -33.48 -29.66
CA MET A 766 -4.19 -32.98 -28.53
C MET A 766 -4.70 -33.63 -27.24
N PHE A 767 -3.77 -34.14 -26.43
CA PHE A 767 -4.10 -34.81 -25.18
C PHE A 767 -3.59 -33.97 -24.02
N ILE A 768 -4.49 -33.63 -23.09
CA ILE A 768 -4.18 -32.81 -21.94
C ILE A 768 -4.91 -33.38 -20.72
N ASN A 769 -4.72 -32.72 -19.58
CA ASN A 769 -5.37 -33.08 -18.31
C ASN A 769 -5.01 -34.52 -17.91
N GLN A 770 -3.72 -34.71 -17.66
CA GLN A 770 -3.21 -36.01 -17.26
C GLN A 770 -3.68 -36.34 -15.84
N ILE A 771 -4.24 -37.53 -15.66
CA ILE A 771 -4.67 -38.03 -14.36
C ILE A 771 -4.03 -39.40 -14.17
N GLY A 772 -3.28 -39.56 -13.09
CA GLY A 772 -2.57 -40.81 -12.85
C GLY A 772 -1.33 -40.93 -13.71
N ASN A 773 -1.38 -41.78 -14.73
CA ASN A 773 -0.28 -41.96 -15.67
C ASN A 773 -0.78 -41.92 -17.10
N SER A 774 -1.92 -41.27 -17.34
CA SER A 774 -2.49 -41.17 -18.68
C SER A 774 -3.32 -39.91 -18.78
N TYR A 775 -3.57 -39.48 -20.01
CA TYR A 775 -4.38 -38.30 -20.27
C TYR A 775 -5.84 -38.68 -20.41
N VAL A 776 -6.73 -37.82 -19.92
CA VAL A 776 -8.16 -38.09 -19.93
C VAL A 776 -8.82 -37.36 -21.09
N THR A 777 -8.73 -36.03 -21.09
CA THR A 777 -9.39 -35.24 -22.12
C THR A 777 -8.63 -35.33 -23.44
N MET A 778 -9.33 -34.98 -24.51
CA MET A 778 -8.76 -35.03 -25.86
C MET A 778 -9.47 -34.00 -26.73
N LEU A 779 -8.68 -33.31 -27.55
CA LEU A 779 -9.20 -32.28 -28.45
C LEU A 779 -9.05 -32.76 -29.89
N LYS A 780 -10.15 -32.72 -30.64
CA LYS A 780 -10.14 -33.15 -32.03
C LYS A 780 -11.17 -32.35 -32.81
N ALA A 781 -10.88 -32.10 -34.08
CA ALA A 781 -11.79 -31.38 -34.95
C ALA A 781 -13.06 -32.19 -35.18
N GLY A 782 -14.20 -31.49 -35.23
CA GLY A 782 -15.48 -32.14 -35.42
C GLY A 782 -16.15 -32.64 -34.15
N TYR A 783 -15.53 -32.46 -32.99
CA TYR A 783 -16.07 -32.90 -31.73
C TYR A 783 -16.02 -31.78 -30.71
N PRO A 784 -16.89 -31.82 -29.70
CA PRO A 784 -16.86 -30.77 -28.67
C PRO A 784 -15.55 -30.76 -27.91
N ILE A 785 -15.39 -29.72 -27.08
CA ILE A 785 -14.15 -29.50 -26.36
C ILE A 785 -14.11 -30.37 -25.11
N ASN A 786 -12.90 -30.79 -24.73
CA ASN A 786 -12.65 -31.50 -23.48
C ASN A 786 -13.42 -32.81 -23.39
N VAL A 787 -13.68 -33.46 -24.54
CA VAL A 787 -14.38 -34.73 -24.52
C VAL A 787 -13.46 -35.83 -23.99
N PHE A 788 -14.05 -36.76 -23.26
CA PHE A 788 -13.29 -37.86 -22.70
C PHE A 788 -12.88 -38.85 -23.79
N TYR A 789 -11.84 -39.63 -23.50
CA TYR A 789 -11.29 -40.57 -24.46
C TYR A 789 -10.65 -41.71 -23.70
N GLY A 790 -11.26 -42.89 -23.75
CA GLY A 790 -10.74 -44.01 -23.02
C GLY A 790 -11.34 -45.32 -23.51
N TYR A 791 -11.08 -46.38 -22.74
CA TYR A 791 -11.54 -47.72 -23.08
C TYR A 791 -13.00 -47.91 -22.71
N VAL A 792 -13.56 -49.04 -23.15
CA VAL A 792 -14.94 -49.42 -22.86
C VAL A 792 -14.92 -50.75 -22.12
N THR A 793 -15.61 -50.82 -20.99
CA THR A 793 -15.67 -52.02 -20.19
C THR A 793 -16.85 -52.89 -20.60
N ASP A 794 -16.63 -54.21 -20.62
CA ASP A 794 -17.65 -55.17 -21.01
C ASP A 794 -18.22 -55.92 -19.81
N GLY A 795 -17.36 -56.55 -19.02
CA GLY A 795 -17.81 -57.30 -17.85
C GLY A 795 -16.67 -57.83 -17.01
N LEU A 796 -16.90 -58.95 -16.34
CA LEU A 796 -15.91 -59.58 -15.47
C LEU A 796 -15.69 -61.02 -15.88
N PHE A 797 -14.43 -61.45 -15.88
CA PHE A 797 -14.11 -62.84 -16.15
C PHE A 797 -14.62 -63.74 -15.03
N GLN A 798 -15.17 -64.90 -15.41
CA GLN A 798 -15.70 -65.84 -14.44
C GLN A 798 -14.86 -67.11 -14.30
N ASN A 799 -14.12 -67.49 -15.34
CA ASN A 799 -13.29 -68.68 -15.30
C ASN A 799 -12.21 -68.55 -16.35
N TRP A 800 -11.28 -69.52 -16.35
CA TRP A 800 -10.17 -69.49 -17.30
C TRP A 800 -10.64 -69.73 -18.72
N GLY A 801 -11.77 -70.42 -18.90
CA GLY A 801 -12.27 -70.67 -20.25
C GLY A 801 -12.65 -69.40 -20.97
N GLU A 802 -13.30 -68.47 -20.25
CA GLU A 802 -13.63 -67.17 -20.86
C GLU A 802 -12.36 -66.39 -21.20
N VAL A 803 -11.36 -66.45 -20.33
CA VAL A 803 -10.12 -65.71 -20.57
C VAL A 803 -9.40 -66.25 -21.79
N ASN A 804 -9.34 -67.58 -21.94
CA ASN A 804 -8.57 -68.17 -23.03
C ASN A 804 -9.16 -67.83 -24.38
N ARG A 805 -10.49 -67.88 -24.52
CA ARG A 805 -11.13 -67.66 -25.81
C ARG A 805 -11.35 -66.19 -26.12
N HIS A 806 -11.03 -65.28 -25.20
CA HIS A 806 -11.17 -63.86 -25.44
C HIS A 806 -9.91 -63.31 -26.09
N ALA A 807 -9.97 -62.06 -26.53
CA ALA A 807 -8.82 -61.40 -27.13
C ALA A 807 -7.70 -61.29 -26.11
N THR A 808 -6.47 -61.27 -26.61
CA THR A 808 -5.30 -61.24 -25.73
C THR A 808 -5.28 -59.97 -24.89
N GLN A 809 -4.84 -60.11 -23.64
CA GLN A 809 -4.80 -58.99 -22.71
C GLN A 809 -3.76 -59.28 -21.63
N PRO A 810 -2.71 -58.47 -21.53
CA PRO A 810 -1.66 -58.72 -20.52
C PRO A 810 -2.23 -58.69 -19.11
N GLY A 811 -1.70 -59.57 -18.27
CA GLY A 811 -2.16 -59.65 -16.88
C GLY A 811 -3.60 -60.09 -16.75
N ALA A 812 -4.02 -61.06 -17.55
CA ALA A 812 -5.39 -61.54 -17.52
C ALA A 812 -5.55 -62.63 -16.46
N ALA A 813 -6.63 -62.53 -15.68
CA ALA A 813 -6.92 -63.48 -14.62
C ALA A 813 -8.42 -63.45 -14.35
N PRO A 814 -8.98 -64.53 -13.80
CA PRO A 814 -10.41 -64.52 -13.46
C PRO A 814 -10.71 -63.46 -12.42
N GLY A 815 -11.90 -62.87 -12.53
CA GLY A 815 -12.32 -61.81 -11.65
C GLY A 815 -11.88 -60.42 -12.07
N ASP A 816 -11.27 -60.27 -13.24
CA ASP A 816 -10.80 -58.99 -13.73
C ASP A 816 -11.79 -58.42 -14.73
N ILE A 817 -11.59 -57.14 -15.07
CA ILE A 817 -12.49 -56.43 -15.98
C ILE A 817 -12.14 -56.77 -17.41
N ARG A 818 -13.16 -57.00 -18.23
CA ARG A 818 -13.00 -57.32 -19.64
C ARG A 818 -13.28 -56.07 -20.49
N PHE A 819 -12.37 -55.74 -21.39
CA PHE A 819 -12.49 -54.57 -22.25
C PHE A 819 -12.86 -55.01 -23.66
N ARG A 820 -13.77 -54.27 -24.28
CA ARG A 820 -14.20 -54.58 -25.64
C ARG A 820 -13.09 -54.28 -26.64
N ASP A 821 -13.16 -54.95 -27.78
CA ASP A 821 -12.21 -54.78 -28.87
C ASP A 821 -12.91 -54.00 -29.98
N LEU A 822 -12.65 -52.69 -30.03
CA LEU A 822 -13.33 -51.84 -31.00
C LEU A 822 -12.98 -52.22 -32.44
N ASN A 823 -11.70 -52.50 -32.70
CA ASN A 823 -11.25 -52.93 -34.01
C ASN A 823 -11.05 -54.44 -34.02
N ASN A 824 -11.44 -55.07 -35.13
CA ASN A 824 -11.37 -56.53 -35.25
C ASN A 824 -9.94 -56.96 -35.54
N ASP A 825 -9.10 -56.87 -34.52
CA ASP A 825 -7.72 -57.30 -34.60
C ASP A 825 -7.35 -58.40 -33.62
N GLY A 826 -8.18 -58.65 -32.61
CA GLY A 826 -7.91 -59.66 -31.62
C GLY A 826 -6.94 -59.27 -30.53
N VAL A 827 -6.46 -58.02 -30.52
CA VAL A 827 -5.52 -57.54 -29.53
C VAL A 827 -6.08 -56.28 -28.90
N ILE A 828 -6.08 -56.22 -27.57
CA ILE A 828 -6.50 -55.03 -26.84
C ILE A 828 -5.27 -54.14 -26.67
N ASN A 829 -5.33 -52.93 -27.24
CA ASN A 829 -4.18 -52.04 -27.25
C ASN A 829 -4.69 -50.60 -27.21
N ASP A 830 -3.81 -49.65 -27.54
CA ASP A 830 -4.15 -48.24 -27.47
C ASP A 830 -5.24 -47.85 -28.45
N GLU A 831 -5.34 -48.56 -29.58
CA GLU A 831 -6.33 -48.23 -30.60
C GLU A 831 -7.75 -48.51 -30.17
N ASP A 832 -7.96 -49.23 -29.07
CA ASP A 832 -9.30 -49.55 -28.59
C ASP A 832 -9.81 -48.49 -27.62
N ARG A 833 -9.81 -47.25 -28.09
CA ARG A 833 -10.30 -46.11 -27.32
C ARG A 833 -11.29 -45.32 -28.15
N THR A 834 -12.25 -44.69 -27.48
CA THR A 834 -13.28 -43.90 -28.14
C THR A 834 -13.77 -42.82 -27.18
N ILE A 835 -14.70 -42.00 -27.65
CA ILE A 835 -15.24 -40.91 -26.85
C ILE A 835 -16.22 -41.47 -25.83
N LEU A 836 -16.07 -41.05 -24.57
CA LEU A 836 -16.89 -41.56 -23.48
C LEU A 836 -18.08 -40.64 -23.17
N GLY A 837 -17.84 -39.34 -23.06
CA GLY A 837 -18.92 -38.42 -22.74
C GLY A 837 -18.50 -36.99 -22.99
N ASN A 838 -19.49 -36.10 -22.94
CA ASN A 838 -19.28 -34.67 -23.15
C ASN A 838 -19.47 -33.93 -21.84
N PRO A 839 -18.44 -33.32 -21.27
CA PRO A 839 -18.62 -32.58 -20.01
C PRO A 839 -19.46 -31.32 -20.15
N ASN A 840 -19.63 -30.80 -21.36
CA ASN A 840 -20.39 -29.57 -21.54
C ASN A 840 -21.88 -29.87 -21.52
N PRO A 841 -22.65 -29.26 -20.61
CA PRO A 841 -24.09 -29.50 -20.58
C PRO A 841 -24.79 -28.82 -21.73
N ASN A 842 -26.03 -29.27 -22.00
CA ASN A 842 -26.82 -28.76 -23.10
C ASN A 842 -27.98 -27.88 -22.67
N TRP A 843 -28.59 -28.14 -21.51
CA TRP A 843 -29.77 -27.42 -21.06
C TRP A 843 -29.49 -26.75 -19.72
N PHE A 844 -29.84 -25.47 -19.63
CA PHE A 844 -29.81 -24.72 -18.39
C PHE A 844 -31.22 -24.19 -18.12
N PHE A 845 -31.73 -24.41 -16.91
CA PHE A 845 -33.08 -24.01 -16.58
C PHE A 845 -33.13 -23.55 -15.13
N SER A 846 -34.13 -22.72 -14.84
CA SER A 846 -34.36 -22.20 -13.49
C SER A 846 -35.81 -21.78 -13.38
N LEU A 847 -36.27 -21.65 -12.13
CA LEU A 847 -37.64 -21.26 -11.86
C LEU A 847 -37.70 -20.55 -10.51
N SER A 848 -38.47 -19.47 -10.44
CA SER A 848 -38.63 -18.69 -9.23
C SER A 848 -40.10 -18.38 -8.99
N ASN A 849 -40.46 -18.21 -7.72
CA ASN A 849 -41.81 -17.86 -7.33
C ASN A 849 -41.75 -16.88 -6.16
N ASN A 850 -42.76 -16.03 -6.07
CA ASN A 850 -42.84 -15.02 -5.02
C ASN A 850 -44.28 -14.83 -4.59
N LEU A 851 -44.52 -14.88 -3.29
CA LEU A 851 -45.84 -14.65 -2.71
C LEU A 851 -45.76 -13.46 -1.75
N SER A 852 -46.90 -12.81 -1.55
CA SER A 852 -46.99 -11.67 -0.64
C SER A 852 -48.41 -11.54 -0.13
N TYR A 853 -48.55 -11.41 1.19
CA TYR A 853 -49.87 -11.24 1.79
C TYR A 853 -49.69 -10.56 3.15
N LYS A 854 -50.06 -9.28 3.23
CA LYS A 854 -50.03 -8.50 4.47
C LYS A 854 -48.67 -8.58 5.15
N GLY A 855 -47.66 -8.10 4.43
CA GLY A 855 -46.31 -8.07 4.96
C GLY A 855 -45.56 -9.38 4.77
N TRP A 856 -46.20 -10.49 5.06
CA TRP A 856 -45.58 -11.80 4.89
C TRP A 856 -45.29 -12.04 3.41
N GLU A 857 -44.07 -12.52 3.13
CA GLU A 857 -43.67 -12.84 1.78
C GLU A 857 -42.86 -14.13 1.78
N LEU A 858 -43.03 -14.94 0.74
CA LEU A 858 -42.33 -16.20 0.60
C LEU A 858 -41.76 -16.31 -0.82
N SER A 859 -40.51 -16.73 -0.91
CA SER A 859 -39.82 -16.85 -2.19
C SER A 859 -39.18 -18.23 -2.28
N VAL A 860 -39.42 -18.92 -3.40
CA VAL A 860 -38.83 -20.23 -3.67
C VAL A 860 -38.13 -20.15 -5.02
N PHE A 861 -36.87 -20.59 -5.06
CA PHE A 861 -36.06 -20.53 -6.27
C PHE A 861 -35.56 -21.93 -6.61
N LEU A 862 -35.68 -22.31 -7.87
CA LEU A 862 -35.22 -23.60 -8.37
C LEU A 862 -34.17 -23.38 -9.46
N GLN A 863 -33.20 -24.30 -9.50
CA GLN A 863 -32.14 -24.23 -10.50
C GLN A 863 -31.60 -25.63 -10.73
N GLY A 864 -31.28 -25.94 -11.98
CA GLY A 864 -30.74 -27.25 -12.31
C GLY A 864 -30.07 -27.24 -13.66
N VAL A 865 -29.14 -28.19 -13.83
CA VAL A 865 -28.38 -28.33 -15.07
C VAL A 865 -28.38 -29.81 -15.45
N ALA A 866 -28.69 -30.10 -16.71
CA ALA A 866 -28.77 -31.47 -17.19
C ALA A 866 -28.11 -31.58 -18.56
N GLY A 867 -27.51 -32.74 -18.82
CA GLY A 867 -26.93 -33.01 -20.12
C GLY A 867 -25.42 -33.03 -20.16
N ASN A 868 -24.79 -33.49 -19.08
CA ASN A 868 -23.34 -33.51 -19.00
C ASN A 868 -22.89 -34.72 -18.21
N LYS A 869 -21.62 -35.09 -18.39
CA LYS A 869 -20.99 -36.20 -17.70
C LYS A 869 -19.86 -35.69 -16.82
N ILE A 870 -19.62 -36.41 -15.72
CA ILE A 870 -18.61 -36.04 -14.74
C ILE A 870 -17.66 -37.21 -14.56
N TYR A 871 -16.36 -36.93 -14.60
CA TYR A 871 -15.33 -37.94 -14.38
C TYR A 871 -14.87 -37.87 -12.93
N ASN A 872 -15.04 -38.97 -12.21
CA ASN A 872 -14.70 -39.02 -10.79
C ASN A 872 -13.26 -39.54 -10.66
N ALA A 873 -12.32 -38.61 -10.47
CA ALA A 873 -10.92 -38.99 -10.30
C ALA A 873 -10.60 -39.44 -8.88
N ASN A 874 -11.49 -39.16 -7.92
CA ASN A 874 -11.25 -39.60 -6.54
C ASN A 874 -11.38 -41.11 -6.43
N ASN A 875 -12.27 -41.72 -7.20
CA ASN A 875 -12.48 -43.16 -7.14
C ASN A 875 -11.33 -43.95 -7.76
N VAL A 876 -10.39 -43.28 -8.43
CA VAL A 876 -9.25 -43.98 -9.01
C VAL A 876 -8.42 -44.64 -7.90
N ASP A 877 -8.18 -43.90 -6.81
CA ASP A 877 -7.43 -44.44 -5.68
C ASP A 877 -8.32 -45.03 -4.61
N ASN A 878 -9.57 -44.60 -4.52
CA ASN A 878 -10.50 -45.08 -3.51
C ASN A 878 -11.26 -46.33 -3.94
N GLU A 879 -11.09 -46.78 -5.18
CA GLU A 879 -11.71 -48.01 -5.66
C GLU A 879 -10.74 -48.95 -6.36
N GLY A 880 -9.49 -48.55 -6.58
CA GLY A 880 -8.55 -49.42 -7.26
C GLY A 880 -8.21 -50.66 -6.45
N MET A 881 -8.13 -50.50 -5.12
CA MET A 881 -7.79 -51.60 -4.22
C MET A 881 -6.44 -52.23 -4.57
N ALA A 882 -5.46 -51.38 -4.92
CA ALA A 882 -4.13 -51.84 -5.28
C ALA A 882 -3.04 -51.16 -4.45
N ALA A 883 -3.39 -50.49 -3.36
CA ALA A 883 -2.42 -49.81 -2.53
C ALA A 883 -2.97 -49.71 -1.12
N ALA A 884 -2.13 -49.20 -0.21
CA ALA A 884 -2.51 -49.05 1.19
C ALA A 884 -3.29 -47.74 1.40
N TYR A 885 -4.46 -47.69 0.77
CA TYR A 885 -5.35 -46.55 0.86
C TYR A 885 -6.71 -47.00 1.37
N ASN A 886 -7.33 -46.18 2.21
CA ASN A 886 -8.66 -46.49 2.71
C ASN A 886 -9.67 -46.43 1.56
N GLN A 887 -10.58 -47.41 1.53
CA GLN A 887 -11.55 -47.54 0.45
C GLN A 887 -12.92 -47.10 0.93
N THR A 888 -13.84 -46.97 -0.03
CA THR A 888 -15.22 -46.60 0.28
C THR A 888 -16.05 -47.85 0.54
N THR A 889 -17.32 -47.64 0.87
CA THR A 889 -18.21 -48.77 1.17
C THR A 889 -18.61 -49.56 -0.08
N ALA A 890 -18.29 -49.05 -1.28
CA ALA A 890 -18.66 -49.75 -2.50
C ALA A 890 -17.82 -50.99 -2.76
N VAL A 891 -16.74 -51.20 -1.98
CA VAL A 891 -15.88 -52.37 -2.18
C VAL A 891 -16.34 -53.58 -1.38
N LEU A 892 -17.39 -53.44 -0.57
CA LEU A 892 -17.87 -54.57 0.22
C LEU A 892 -18.36 -55.70 -0.67
N ASN A 893 -19.11 -55.37 -1.71
CA ASN A 893 -19.63 -56.37 -2.64
C ASN A 893 -18.69 -56.59 -3.82
N ARG A 894 -17.42 -56.89 -3.52
CA ARG A 894 -16.43 -57.14 -4.56
C ARG A 894 -16.51 -58.59 -5.02
N TRP A 895 -15.65 -58.94 -5.98
CA TRP A 895 -15.64 -60.28 -6.55
C TRP A 895 -14.74 -61.17 -5.69
N THR A 896 -15.35 -62.08 -4.94
CA THR A 896 -14.62 -63.04 -4.12
C THR A 896 -14.78 -64.47 -4.60
N GLY A 897 -15.52 -64.69 -5.68
CA GLY A 897 -15.71 -66.03 -6.20
C GLY A 897 -16.56 -65.98 -7.46
N GLU A 898 -16.71 -67.15 -8.08
CA GLU A 898 -17.49 -67.24 -9.31
C GLU A 898 -18.96 -67.00 -9.02
N GLY A 899 -19.54 -66.04 -9.73
CA GLY A 899 -20.95 -65.70 -9.56
C GLY A 899 -21.25 -64.80 -8.37
N THR A 900 -20.24 -64.38 -7.62
CA THR A 900 -20.49 -63.52 -6.46
C THR A 900 -20.91 -62.12 -6.90
N SER A 901 -20.28 -61.58 -7.94
CA SER A 901 -20.61 -60.25 -8.43
C SER A 901 -20.31 -60.19 -9.92
N TYR A 902 -20.91 -59.21 -10.59
CA TYR A 902 -20.76 -59.03 -12.02
C TYR A 902 -20.23 -57.66 -12.40
N SER A 903 -20.08 -56.73 -11.46
CA SER A 903 -19.60 -55.40 -11.74
C SER A 903 -18.30 -55.07 -11.01
N MET A 904 -18.25 -55.31 -9.71
CA MET A 904 -17.06 -54.96 -8.94
C MET A 904 -15.99 -56.02 -9.11
N PRO A 905 -14.78 -55.65 -9.55
CA PRO A 905 -13.72 -56.66 -9.72
C PRO A 905 -13.13 -57.13 -8.40
N ARG A 906 -12.13 -58.00 -8.48
CA ARG A 906 -11.48 -58.53 -7.28
C ARG A 906 -10.47 -57.52 -6.74
N ALA A 907 -9.88 -57.86 -5.59
CA ALA A 907 -8.85 -57.05 -4.98
C ALA A 907 -7.49 -57.70 -5.18
N ILE A 908 -6.54 -56.94 -5.72
CA ILE A 908 -5.20 -57.45 -6.00
C ILE A 908 -4.20 -56.33 -5.79
N TRP A 909 -3.03 -56.67 -5.24
CA TRP A 909 -1.99 -55.68 -4.99
C TRP A 909 -1.22 -55.42 -6.28
N GLY A 910 -1.14 -54.14 -6.66
CA GLY A 910 -0.41 -53.74 -7.84
C GLY A 910 -1.23 -53.63 -9.11
N ASP A 911 -2.41 -54.27 -9.15
CA ASP A 911 -3.32 -54.25 -10.28
C ASP A 911 -2.58 -54.65 -11.57
N PRO A 912 -2.23 -55.92 -11.74
CA PRO A 912 -1.55 -56.33 -12.97
C PRO A 912 -2.37 -56.09 -14.23
N ASN A 913 -3.69 -56.20 -14.15
CA ASN A 913 -4.54 -56.04 -15.31
C ASN A 913 -4.82 -54.57 -15.65
N GLN A 914 -4.39 -53.64 -14.79
CA GLN A 914 -4.65 -52.22 -14.97
C GLN A 914 -6.16 -51.94 -15.02
N ASN A 915 -6.87 -52.47 -14.03
CA ASN A 915 -8.31 -52.28 -13.95
C ASN A 915 -8.70 -50.84 -13.64
N CYS A 916 -7.76 -50.00 -13.21
CA CYS A 916 -8.03 -48.60 -12.90
C CYS A 916 -7.61 -47.68 -14.04
N ARG A 917 -7.55 -48.20 -15.26
CA ARG A 917 -7.18 -47.38 -16.41
C ARG A 917 -8.33 -46.44 -16.79
N VAL A 918 -8.05 -45.58 -17.77
CA VAL A 918 -9.04 -44.61 -18.23
C VAL A 918 -10.10 -45.36 -19.04
N SER A 919 -11.33 -45.36 -18.54
CA SER A 919 -12.43 -46.06 -19.19
C SER A 919 -13.74 -45.43 -18.72
N ASP A 920 -14.85 -46.07 -19.10
CA ASP A 920 -16.17 -45.60 -18.69
C ASP A 920 -16.56 -46.04 -17.29
N ARG A 921 -15.68 -46.76 -16.59
CA ARG A 921 -15.97 -47.17 -15.23
C ARG A 921 -16.13 -45.97 -14.30
N PHE A 922 -15.30 -44.95 -14.47
CA PHE A 922 -15.32 -43.77 -13.62
C PHE A 922 -16.04 -42.59 -14.27
N VAL A 923 -17.10 -42.86 -15.04
CA VAL A 923 -17.90 -41.83 -15.70
C VAL A 923 -19.31 -41.93 -15.17
N GLU A 924 -19.83 -40.81 -14.66
CA GLU A 924 -21.17 -40.76 -14.06
C GLU A 924 -21.94 -39.58 -14.62
N ASN A 925 -23.27 -39.69 -14.58
CA ASN A 925 -24.13 -38.63 -15.07
C ASN A 925 -24.04 -37.40 -14.17
N GLY A 926 -23.99 -36.22 -14.79
CA GLY A 926 -23.89 -34.97 -14.08
C GLY A 926 -25.17 -34.18 -13.95
N SER A 927 -26.28 -34.67 -14.49
CA SER A 927 -27.54 -33.94 -14.42
C SER A 927 -28.04 -33.89 -12.97
N TYR A 928 -28.57 -32.73 -12.58
CA TYR A 928 -29.08 -32.56 -11.23
C TYR A 928 -30.14 -31.47 -11.22
N LEU A 929 -30.99 -31.52 -10.19
CA LEU A 929 -31.96 -30.48 -9.89
C LEU A 929 -31.86 -30.13 -8.42
N ARG A 930 -31.71 -28.85 -8.12
CA ARG A 930 -31.41 -28.40 -6.76
C ARG A 930 -32.42 -27.35 -6.30
N LEU A 931 -32.87 -27.48 -5.06
CA LEU A 931 -33.67 -26.44 -4.41
C LEU A 931 -32.71 -25.40 -3.84
N LYS A 932 -32.64 -24.24 -4.48
CA LYS A 932 -31.57 -23.30 -4.19
C LYS A 932 -31.83 -22.51 -2.91
N ASN A 933 -32.92 -21.75 -2.87
CA ASN A 933 -33.16 -20.83 -1.76
C ASN A 933 -34.64 -20.77 -1.43
N ILE A 934 -34.93 -20.79 -0.12
CA ILE A 934 -36.28 -20.53 0.40
C ILE A 934 -36.15 -19.45 1.45
N THR A 935 -36.83 -18.33 1.26
CA THR A 935 -36.72 -17.19 2.16
C THR A 935 -38.11 -16.77 2.63
N LEU A 936 -38.27 -16.60 3.93
CA LEU A 936 -39.49 -16.11 4.54
C LEU A 936 -39.16 -14.92 5.42
N SER A 937 -39.79 -13.78 5.15
CA SER A 937 -39.54 -12.56 5.91
C SER A 937 -40.86 -11.88 6.23
N TYR A 938 -40.90 -11.21 7.38
CA TYR A 938 -42.07 -10.47 7.84
C TYR A 938 -41.70 -9.03 8.10
N THR A 939 -42.58 -8.12 7.71
CA THR A 939 -42.37 -6.69 7.90
C THR A 939 -43.08 -6.24 9.17
N LEU A 940 -42.33 -5.65 10.10
CA LEU A 940 -42.89 -5.19 11.36
C LEU A 940 -43.69 -3.91 11.17
N ILE A 948 -39.61 3.66 20.75
CA ILE A 948 -38.51 4.01 19.86
C ILE A 948 -39.05 4.41 18.50
N GLN A 949 -38.43 5.40 17.87
CA GLN A 949 -38.86 5.89 16.57
C GLN A 949 -38.13 5.12 15.47
N LEU A 950 -38.91 4.61 14.51
CA LEU A 950 -38.36 3.84 13.39
C LEU A 950 -39.27 4.04 12.18
N GLU A 951 -38.71 3.77 11.00
CA GLU A 951 -39.44 3.84 9.75
C GLU A 951 -39.78 2.47 9.18
N ASN A 952 -38.79 1.60 9.03
CA ASN A 952 -38.99 0.25 8.54
C ASN A 952 -38.23 -0.73 9.42
N ALA A 953 -38.75 -1.95 9.49
CA ALA A 953 -38.11 -3.01 10.28
C ALA A 953 -38.59 -4.36 9.75
N ARG A 954 -37.65 -5.21 9.36
CA ARG A 954 -37.98 -6.51 8.81
C ARG A 954 -37.06 -7.57 9.41
N ILE A 955 -37.59 -8.78 9.55
CA ILE A 955 -36.83 -9.94 10.00
C ILE A 955 -36.98 -11.02 8.94
N SER A 956 -35.84 -11.59 8.51
CA SER A 956 -35.82 -12.53 7.40
C SER A 956 -35.17 -13.83 7.83
N PHE A 957 -35.74 -14.94 7.37
CA PHE A 957 -35.17 -16.27 7.54
C PHE A 957 -35.00 -16.91 6.17
N SER A 958 -33.81 -17.47 5.92
CA SER A 958 -33.51 -18.02 4.60
C SER A 958 -32.64 -19.26 4.74
N CYS A 959 -32.67 -20.08 3.70
CA CYS A 959 -31.87 -21.31 3.64
C CYS A 959 -31.26 -21.43 2.27
N GLU A 960 -30.14 -22.16 2.19
CA GLU A 960 -29.42 -22.36 0.95
C GLU A 960 -29.10 -23.83 0.76
N ASN A 961 -29.34 -24.35 -0.45
CA ASN A 961 -29.07 -25.74 -0.79
C ASN A 961 -29.80 -26.69 0.15
N VAL A 962 -31.12 -26.51 0.23
CA VAL A 962 -31.92 -27.33 1.13
C VAL A 962 -31.90 -28.79 0.69
N ALA A 963 -32.07 -29.04 -0.60
CA ALA A 963 -32.12 -30.41 -1.12
C ALA A 963 -31.53 -30.44 -2.52
N THR A 964 -31.11 -31.64 -2.93
CA THR A 964 -30.53 -31.86 -4.25
C THR A 964 -30.95 -33.23 -4.74
N ILE A 965 -31.39 -33.30 -5.99
CA ILE A 965 -31.80 -34.55 -6.63
C ILE A 965 -30.81 -34.83 -7.75
N THR A 966 -30.02 -35.90 -7.58
CA THR A 966 -29.03 -36.27 -8.58
C THR A 966 -28.66 -37.73 -8.40
N ARG A 967 -28.06 -38.31 -9.45
CA ARG A 967 -27.55 -39.67 -9.41
C ARG A 967 -26.06 -39.72 -9.16
N TYR A 968 -25.40 -38.58 -8.99
CA TYR A 968 -23.96 -38.55 -8.78
C TYR A 968 -23.61 -39.05 -7.39
N SER A 969 -22.49 -39.76 -7.29
CA SER A 969 -22.00 -40.31 -6.03
C SER A 969 -20.71 -39.58 -5.68
N GLY A 970 -20.83 -38.52 -4.88
CA GLY A 970 -19.68 -37.75 -4.49
C GLY A 970 -20.07 -36.64 -3.56
N PHE A 971 -19.12 -35.71 -3.35
CA PHE A 971 -19.38 -34.57 -2.47
C PHE A 971 -20.50 -33.69 -3.02
N ASP A 972 -20.40 -33.31 -4.29
CA ASP A 972 -21.40 -32.44 -4.89
C ASP A 972 -21.25 -32.50 -6.40
N PRO A 973 -22.33 -32.48 -7.18
CA PRO A 973 -22.20 -32.51 -8.64
C PRO A 973 -21.53 -31.28 -9.22
N GLU A 974 -21.47 -30.17 -8.48
CA GLU A 974 -20.83 -28.95 -8.98
C GLU A 974 -19.33 -29.16 -9.10
N VAL A 975 -18.83 -29.27 -10.33
CA VAL A 975 -17.41 -29.46 -10.59
C VAL A 975 -16.91 -28.36 -11.51
N ASP A 976 -15.64 -28.41 -11.86
CA ASP A 976 -15.05 -27.39 -12.71
C ASP A 976 -15.50 -27.55 -14.17
N VAL A 977 -14.90 -26.75 -15.05
CA VAL A 977 -15.38 -26.64 -16.43
C VAL A 977 -15.19 -27.95 -17.18
N ASN A 978 -14.04 -28.62 -16.99
CA ASN A 978 -13.76 -29.83 -17.74
C ASN A 978 -14.33 -31.08 -17.08
N GLY A 979 -15.10 -30.94 -16.01
CA GLY A 979 -15.76 -32.07 -15.38
C GLY A 979 -14.82 -33.08 -14.73
N ILE A 980 -13.80 -32.61 -14.02
CA ILE A 980 -12.89 -33.48 -13.28
C ILE A 980 -12.95 -33.09 -11.81
N ASP A 981 -13.26 -34.06 -10.96
CA ASP A 981 -13.35 -33.86 -9.52
C ASP A 981 -12.16 -34.55 -8.86
N SER A 982 -11.33 -33.76 -8.17
CA SER A 982 -10.15 -34.30 -7.50
C SER A 982 -9.84 -33.41 -6.29
N SER A 983 -10.31 -33.84 -5.12
CA SER A 983 -10.04 -33.18 -3.85
C SER A 983 -10.40 -31.70 -3.90
N ARG A 984 -11.69 -31.43 -4.07
CA ARG A 984 -12.21 -30.08 -4.09
C ARG A 984 -12.84 -29.72 -2.75
N TYR A 985 -12.92 -28.42 -2.49
CA TYR A 985 -13.50 -27.95 -1.24
C TYR A 985 -14.99 -28.22 -1.22
N PRO A 986 -15.52 -28.85 -0.17
CA PRO A 986 -16.95 -29.19 -0.16
C PRO A 986 -17.83 -27.96 -0.15
N ILE A 987 -19.02 -28.10 -0.72
CA ILE A 987 -20.02 -27.04 -0.74
C ILE A 987 -20.93 -27.23 0.47
N SER A 988 -21.13 -26.16 1.23
CA SER A 988 -21.84 -26.22 2.50
C SER A 988 -23.30 -25.82 2.34
N ARG A 989 -24.09 -26.12 3.36
CA ARG A 989 -25.49 -25.75 3.44
C ARG A 989 -25.66 -24.72 4.54
N THR A 990 -26.38 -23.63 4.23
CA THR A 990 -26.41 -22.45 5.09
C THR A 990 -27.84 -22.20 5.58
N PHE A 991 -27.98 -21.98 6.88
CA PHE A 991 -29.20 -21.48 7.49
C PHE A 991 -28.90 -20.14 8.13
N SER A 992 -29.70 -19.13 7.80
CA SER A 992 -29.41 -17.77 8.23
C SER A 992 -30.68 -17.05 8.66
N MET A 993 -30.50 -16.04 9.50
CA MET A 993 -31.57 -15.14 9.90
C MET A 993 -31.08 -13.70 9.74
N GLY A 994 -31.95 -12.84 9.21
CA GLY A 994 -31.58 -11.48 8.87
C GLY A 994 -32.26 -10.44 9.75
N LEU A 995 -31.86 -9.19 9.51
CA LEU A 995 -32.40 -8.05 10.23
C LEU A 995 -32.10 -6.79 9.44
N ASN A 996 -33.04 -5.84 9.43
CA ASN A 996 -32.88 -4.62 8.65
C ASN A 996 -33.59 -3.48 9.37
N PHE A 997 -32.87 -2.37 9.54
CA PHE A 997 -33.41 -1.15 10.14
C PHE A 997 -33.39 -0.02 9.12
N ASN A 998 -34.16 1.03 9.43
CA ASN A 998 -34.24 2.20 8.58
C ASN A 998 -34.72 3.38 9.42
N PHE A 999 -33.85 4.36 9.62
CA PHE A 999 -34.21 5.54 10.40
C PHE A 999 -34.99 6.53 9.55
N VAL B 112 -11.99 32.01 15.38
CA VAL B 112 -11.82 31.08 16.48
C VAL B 112 -10.55 30.26 16.31
N VAL B 113 -10.13 29.59 17.38
CA VAL B 113 -8.94 28.75 17.38
C VAL B 113 -9.30 27.39 17.95
N VAL B 114 -8.47 26.40 17.63
CA VAL B 114 -8.64 25.03 18.10
C VAL B 114 -7.62 24.76 19.19
N VAL B 115 -8.08 24.19 20.31
CA VAL B 115 -7.22 23.87 21.44
C VAL B 115 -7.29 22.38 21.77
N GLY B 116 -7.80 21.57 20.86
CA GLY B 116 -7.93 20.14 21.09
C GLY B 116 -9.26 19.75 21.69
N TYR B 117 -9.97 18.85 21.02
CA TYR B 117 -11.28 18.36 21.46
C TYR B 117 -12.27 19.50 21.66
N GLY B 118 -12.24 20.46 20.75
CA GLY B 118 -13.15 21.59 20.81
C GLY B 118 -12.51 22.83 20.22
N THR B 119 -13.30 23.90 20.22
CA THR B 119 -12.86 25.20 19.72
C THR B 119 -13.17 26.26 20.76
N MET B 120 -12.39 27.34 20.73
CA MET B 120 -12.54 28.44 21.67
C MET B 120 -12.19 29.75 20.99
N LYS B 121 -12.81 30.83 21.45
CA LYS B 121 -12.53 32.15 20.90
C LYS B 121 -11.17 32.64 21.39
N LYS B 122 -10.56 33.52 20.59
CA LYS B 122 -9.25 34.07 20.95
C LYS B 122 -9.34 34.95 22.19
N SER B 123 -10.40 35.74 22.30
CA SER B 123 -10.55 36.64 23.44
C SER B 123 -10.75 35.90 24.76
N ASP B 124 -11.24 34.65 24.71
CA ASP B 124 -11.47 33.86 25.90
C ASP B 124 -10.31 32.93 26.24
N LEU B 125 -9.22 33.01 25.50
CA LEU B 125 -8.07 32.14 25.76
C LEU B 125 -7.38 32.54 27.05
N THR B 126 -7.11 31.55 27.89
CA THR B 126 -6.39 31.77 29.15
C THR B 126 -4.93 31.36 29.08
N GLY B 127 -4.45 30.94 27.92
CA GLY B 127 -3.07 30.51 27.78
C GLY B 127 -2.36 31.17 26.62
N ALA B 128 -1.16 30.69 26.30
CA ALA B 128 -0.35 31.23 25.21
C ALA B 128 -0.63 30.40 23.96
N VAL B 129 -1.42 30.95 23.05
CA VAL B 129 -1.77 30.28 21.79
C VAL B 129 -1.45 31.24 20.65
N SER B 130 -0.73 30.75 19.65
CA SER B 130 -0.36 31.53 18.48
C SER B 130 -0.92 30.87 17.23
N SER B 131 -1.33 31.69 16.26
CA SER B 131 -1.96 31.20 15.05
C SER B 131 -1.37 31.88 13.83
N VAL B 132 -1.43 31.18 12.70
CA VAL B 132 -1.01 31.71 11.40
C VAL B 132 -2.19 31.63 10.46
N GLY B 133 -2.53 32.76 9.83
CA GLY B 133 -3.70 32.85 9.00
C GLY B 133 -3.42 32.56 7.54
N VAL B 134 -4.50 32.63 6.74
CA VAL B 134 -4.39 32.40 5.31
C VAL B 134 -3.60 33.52 4.65
N LYS B 135 -3.75 34.75 5.14
CA LYS B 135 -3.10 35.90 4.53
C LYS B 135 -1.58 35.76 4.53
N ASP B 136 -1.03 35.02 5.50
CA ASP B 136 0.42 34.83 5.53
C ASP B 136 0.87 33.82 4.48
N ILE B 137 0.30 32.62 4.51
CA ILE B 137 0.66 31.57 3.54
C ILE B 137 -0.30 31.71 2.36
N LYS B 138 0.04 32.63 1.46
CA LYS B 138 -0.73 32.80 0.23
C LYS B 138 0.12 32.92 -1.03
N ASP B 139 1.39 33.36 -0.94
CA ASP B 139 2.24 33.49 -2.11
C ASP B 139 3.66 32.98 -1.85
N SER B 140 3.83 32.11 -0.86
CA SER B 140 5.17 31.65 -0.52
C SER B 140 5.70 30.72 -1.59
N PRO B 141 6.87 30.99 -2.17
CA PRO B 141 7.44 30.08 -3.18
C PRO B 141 7.99 28.79 -2.60
N VAL B 142 7.98 28.60 -1.28
CA VAL B 142 8.54 27.40 -0.69
C VAL B 142 7.66 26.19 -1.01
N ALA B 143 8.24 25.01 -0.85
CA ALA B 143 7.52 23.77 -1.20
C ALA B 143 6.59 23.34 -0.08
N ASN B 144 7.14 23.08 1.11
CA ASN B 144 6.38 22.56 2.23
C ASN B 144 5.92 23.69 3.15
N ILE B 145 4.96 23.36 4.01
CA ILE B 145 4.41 24.35 4.93
C ILE B 145 5.44 24.73 6.00
N GLY B 146 6.37 23.83 6.31
CA GLY B 146 7.33 24.13 7.37
C GLY B 146 8.21 25.32 7.05
N GLN B 147 8.68 25.43 5.82
CA GLN B 147 9.52 26.57 5.44
C GLN B 147 8.71 27.85 5.29
N ALA B 148 7.38 27.75 5.22
CA ALA B 148 6.53 28.92 5.01
C ALA B 148 6.23 29.68 6.29
N MET B 149 6.56 29.12 7.46
CA MET B 149 6.27 29.75 8.74
C MET B 149 7.54 29.96 9.57
N GLN B 150 8.67 30.16 8.90
CA GLN B 150 9.92 30.40 9.61
C GLN B 150 9.99 31.87 10.03
N GLY B 151 9.99 32.11 11.33
CA GLY B 151 10.03 33.46 11.87
C GLY B 151 8.69 34.15 11.94
N LYS B 152 7.61 33.51 11.49
CA LYS B 152 6.29 34.12 11.54
C LYS B 152 5.61 33.97 12.89
N VAL B 153 6.16 33.17 13.79
CA VAL B 153 5.56 32.88 15.09
C VAL B 153 6.62 33.04 16.16
N SER B 154 6.22 33.58 17.31
CA SER B 154 7.15 33.80 18.41
C SER B 154 7.30 32.54 19.24
N GLY B 155 8.50 32.34 19.79
CA GLY B 155 8.79 31.21 20.65
C GLY B 155 9.07 29.91 19.95
N VAL B 156 9.07 29.89 18.61
CA VAL B 156 9.33 28.68 17.84
C VAL B 156 10.51 28.94 16.92
N GLN B 157 11.48 28.03 16.94
CA GLN B 157 12.67 28.13 16.11
C GLN B 157 12.60 27.07 15.02
N ILE B 158 12.77 27.49 13.76
CA ILE B 158 12.69 26.61 12.60
C ILE B 158 14.00 26.73 11.82
N ILE B 159 14.59 25.58 11.49
CA ILE B 159 15.84 25.53 10.73
C ILE B 159 15.57 24.77 9.44
N ASP B 160 15.96 25.38 8.31
CA ASP B 160 15.73 24.78 7.01
C ASP B 160 16.73 23.64 6.76
N ALA B 161 16.42 22.83 5.76
CA ALA B 161 17.27 21.72 5.37
C ALA B 161 17.93 21.94 4.02
N GLY B 162 17.15 22.25 2.99
CA GLY B 162 17.71 22.55 1.68
C GLY B 162 17.43 21.49 0.64
N LYS B 163 17.55 20.22 1.02
CA LYS B 163 17.30 19.14 0.08
C LYS B 163 15.79 18.99 -0.15
N PRO B 164 15.36 18.88 -1.40
CA PRO B 164 13.93 18.66 -1.67
C PRO B 164 13.44 17.36 -1.05
N GLY B 165 12.20 17.38 -0.56
CA GLY B 165 11.60 16.23 0.07
C GLY B 165 11.95 16.04 1.54
N ASP B 166 12.74 16.94 2.11
CA ASP B 166 13.11 16.86 3.52
C ASP B 166 12.20 17.74 4.37
N ASN B 167 12.32 17.58 5.68
CA ASN B 167 11.51 18.32 6.64
C ASN B 167 12.40 19.18 7.51
N VAL B 168 11.86 20.33 7.93
CA VAL B 168 12.59 21.27 8.77
C VAL B 168 12.59 20.79 10.21
N THR B 169 13.43 21.40 11.04
CA THR B 169 13.53 21.07 12.45
C THR B 169 12.83 22.15 13.27
N ILE B 170 11.92 21.73 14.14
CA ILE B 170 11.10 22.64 14.93
C ILE B 170 11.41 22.42 16.40
N LYS B 171 11.75 23.50 17.10
CA LYS B 171 11.97 23.48 18.54
C LYS B 171 11.18 24.63 19.17
N ILE B 172 10.47 24.33 20.25
CA ILE B 172 9.58 25.29 20.90
C ILE B 172 10.17 25.67 22.25
N ARG B 173 10.45 26.96 22.43
CA ARG B 173 10.91 27.51 23.70
C ARG B 173 12.18 26.80 24.20
N GLY B 174 13.10 26.56 23.27
CA GLY B 174 14.38 25.99 23.60
C GLY B 174 14.34 24.48 23.79
N LEU B 175 15.52 23.90 23.93
CA LEU B 175 15.64 22.47 24.15
C LEU B 175 15.12 22.09 25.53
N GLY B 176 14.42 20.96 25.60
CA GLY B 176 13.85 20.50 26.85
C GLY B 176 14.64 19.39 27.51
N THR B 177 15.14 18.45 26.71
CA THR B 177 15.91 17.32 27.22
C THR B 177 17.11 17.09 26.32
N ILE B 178 17.94 16.12 26.70
CA ILE B 178 19.09 15.71 25.90
C ILE B 178 18.68 14.56 24.99
N ASN B 179 17.37 14.31 24.91
CA ASN B 179 16.78 13.25 24.10
C ASN B 179 15.87 13.88 23.05
N ASN B 180 15.11 13.04 22.37
CA ASN B 180 14.17 13.49 21.35
C ASN B 180 13.23 14.55 21.90
N SER B 181 13.33 15.77 21.37
CA SER B 181 12.55 16.91 21.85
C SER B 181 11.67 17.51 20.76
N ASN B 182 11.39 16.76 19.70
CA ASN B 182 10.52 17.26 18.65
C ASN B 182 9.10 17.38 19.15
N PRO B 183 8.35 18.38 18.68
CA PRO B 183 6.97 18.57 19.15
C PRO B 183 6.02 17.53 18.58
N LEU B 184 4.73 17.66 18.92
CA LEU B 184 3.71 16.75 18.45
C LEU B 184 2.91 17.40 17.34
N VAL B 185 2.69 16.67 16.26
CA VAL B 185 1.97 17.17 15.08
C VAL B 185 0.60 16.51 15.06
N VAL B 186 -0.45 17.32 15.01
CA VAL B 186 -1.83 16.84 14.97
C VAL B 186 -2.46 17.38 13.69
N ILE B 187 -3.00 16.48 12.88
CA ILE B 187 -3.63 16.83 11.60
C ILE B 187 -5.10 16.43 11.69
N ASP B 188 -5.98 17.43 11.68
CA ASP B 188 -7.42 17.21 11.72
C ASP B 188 -7.83 16.36 12.91
N GLY B 189 -7.19 16.59 14.06
CA GLY B 189 -7.47 15.84 15.26
C GLY B 189 -6.84 14.47 15.35
N ILE B 190 -6.01 14.10 14.38
CA ILE B 190 -5.38 12.79 14.34
C ILE B 190 -3.89 12.98 14.64
N PRO B 191 -3.40 12.60 15.82
CA PRO B 191 -1.95 12.69 16.09
C PRO B 191 -1.18 11.67 15.28
N THR B 192 -0.44 12.13 14.27
CA THR B 192 0.27 11.25 13.35
C THR B 192 1.73 11.66 13.26
N ASP B 193 2.53 10.77 12.71
CA ASP B 193 3.96 11.00 12.50
C ASP B 193 4.28 11.35 11.05
N LEU B 194 3.26 11.70 10.27
CA LEU B 194 3.48 12.04 8.86
C LEU B 194 4.29 13.32 8.74
N GLY B 195 5.23 13.32 7.80
CA GLY B 195 6.07 14.48 7.60
C GLY B 195 5.29 15.65 7.01
N LEU B 196 5.79 16.86 7.28
CA LEU B 196 5.13 18.06 6.80
C LEU B 196 5.31 18.26 5.30
N SER B 197 6.33 17.64 4.70
CA SER B 197 6.58 17.80 3.28
C SER B 197 5.58 17.04 2.42
N SER B 198 4.76 16.16 3.01
CA SER B 198 3.78 15.39 2.28
C SER B 198 2.41 16.04 2.22
N LEU B 199 2.28 17.25 2.76
CA LEU B 199 1.01 17.97 2.79
C LEU B 199 1.02 19.11 1.79
N ASN B 200 -0.04 19.20 1.00
CA ASN B 200 -0.18 20.31 0.06
C ASN B 200 -0.47 21.60 0.81
N MET B 201 0.28 22.66 0.46
CA MET B 201 0.10 23.94 1.12
C MET B 201 -1.13 24.69 0.62
N ALA B 202 -1.62 24.37 -0.58
CA ALA B 202 -2.71 25.12 -1.17
C ALA B 202 -4.04 24.91 -0.45
N ASP B 203 -4.18 23.84 0.32
CA ASP B 203 -5.44 23.57 1.00
C ASP B 203 -5.28 23.49 2.51
N VAL B 204 -4.53 24.44 3.08
CA VAL B 204 -4.33 24.54 4.52
C VAL B 204 -5.04 25.79 5.01
N GLU B 205 -5.91 25.62 6.02
CA GLU B 205 -6.67 26.76 6.53
C GLU B 205 -5.84 27.61 7.47
N ARG B 206 -5.37 27.03 8.56
CA ARG B 206 -4.56 27.77 9.53
C ARG B 206 -3.73 26.78 10.34
N VAL B 207 -2.68 27.32 10.96
CA VAL B 207 -1.78 26.55 11.80
C VAL B 207 -1.76 27.18 13.19
N ASP B 208 -2.03 26.37 14.21
CA ASP B 208 -2.03 26.82 15.59
C ASP B 208 -0.99 26.07 16.38
N VAL B 209 -0.26 26.79 17.24
CA VAL B 209 0.82 26.24 18.04
C VAL B 209 0.49 26.46 19.52
N LEU B 210 0.56 25.39 20.30
CA LEU B 210 0.34 25.45 21.74
C LEU B 210 1.69 25.34 22.43
N LYS B 211 2.00 26.31 23.29
CA LYS B 211 3.31 26.41 23.93
C LYS B 211 3.26 26.20 25.43
N ASP B 212 2.43 26.94 26.15
CA ASP B 212 2.39 26.83 27.60
C ASP B 212 1.74 25.52 28.03
N ALA B 213 2.11 25.09 29.25
CA ALA B 213 1.57 23.85 29.78
C ALA B 213 0.09 23.94 30.13
N SER B 214 -0.45 25.17 30.24
CA SER B 214 -1.87 25.32 30.52
C SER B 214 -2.75 24.86 29.37
N ALA B 215 -2.23 24.87 28.14
CA ALA B 215 -2.98 24.42 26.98
C ALA B 215 -2.53 23.07 26.44
N THR B 216 -1.29 22.67 26.71
CA THR B 216 -0.78 21.39 26.25
C THR B 216 -1.03 20.25 27.24
N ALA B 217 -1.64 20.54 28.39
CA ALA B 217 -1.92 19.49 29.37
C ALA B 217 -3.04 18.57 28.94
N ILE B 218 -3.86 18.98 27.97
CA ILE B 218 -4.96 18.14 27.51
C ILE B 218 -4.44 16.87 26.82
N TYR B 219 -3.25 16.91 26.25
CA TYR B 219 -2.65 15.73 25.63
C TYR B 219 -1.87 14.87 26.60
N GLY B 220 -1.65 15.34 27.82
CA GLY B 220 -1.03 14.55 28.86
C GLY B 220 0.41 14.13 28.60
N SER B 221 0.60 12.82 28.36
CA SER B 221 1.93 12.23 28.27
C SER B 221 2.65 12.55 26.96
N ARG B 222 2.06 13.34 26.06
CA ARG B 222 2.70 13.69 24.80
C ARG B 222 2.87 15.19 24.59
N GLY B 223 2.16 16.03 25.33
CA GLY B 223 2.25 17.46 25.14
C GLY B 223 3.27 18.15 26.02
N ALA B 224 4.51 17.67 26.00
CA ALA B 224 5.57 18.27 26.79
C ALA B 224 6.49 19.17 25.98
N ASN B 225 6.56 18.99 24.66
CA ASN B 225 7.41 19.80 23.79
C ASN B 225 6.62 20.69 22.85
N GLY B 226 5.32 20.89 23.11
CA GLY B 226 4.49 21.69 22.26
C GLY B 226 3.68 20.86 21.28
N VAL B 227 2.54 21.41 20.87
CA VAL B 227 1.63 20.74 19.95
C VAL B 227 1.35 21.67 18.79
N VAL B 228 1.45 21.14 17.57
CA VAL B 228 1.19 21.88 16.34
C VAL B 228 -0.12 21.38 15.75
N MET B 229 -1.06 22.29 15.55
CA MET B 229 -2.38 21.96 15.02
C MET B 229 -2.50 22.46 13.59
N ILE B 230 -2.93 21.58 12.68
CA ILE B 230 -3.11 21.91 11.28
C ILE B 230 -4.57 21.64 10.92
N THR B 231 -5.22 22.64 10.32
CA THR B 231 -6.62 22.55 9.94
C THR B 231 -6.75 22.72 8.43
N SER B 232 -7.52 21.84 7.80
CA SER B 232 -7.73 21.88 6.36
C SER B 232 -8.93 22.76 6.02
N LYS B 233 -9.01 23.16 4.76
CA LYS B 233 -10.09 24.01 4.29
C LYS B 233 -11.39 23.22 4.20
N ARG B 234 -12.50 23.94 4.28
CA ARG B 234 -13.83 23.36 4.17
C ARG B 234 -14.70 24.25 3.30
N GLY B 235 -15.78 23.66 2.78
CA GLY B 235 -16.68 24.41 1.93
C GLY B 235 -17.45 25.47 2.68
N ALA B 236 -17.88 26.49 1.93
CA ALA B 236 -18.61 27.61 2.49
C ALA B 236 -19.95 27.75 1.78
N GLU B 237 -20.96 28.19 2.54
CA GLU B 237 -22.30 28.30 1.99
C GLU B 237 -22.36 29.34 0.88
N GLY B 238 -23.15 29.05 -0.15
CA GLY B 238 -23.31 29.92 -1.29
C GLY B 238 -23.12 29.14 -2.58
N ALA B 239 -22.84 29.88 -3.64
CA ALA B 239 -22.62 29.25 -4.94
C ALA B 239 -21.27 28.54 -4.97
N GLY B 240 -21.13 27.62 -5.93
CA GLY B 240 -19.89 26.89 -6.07
C GLY B 240 -18.75 27.77 -6.55
N LYS B 241 -17.53 27.40 -6.19
CA LYS B 241 -16.35 28.15 -6.55
C LYS B 241 -15.30 27.20 -7.12
N VAL B 242 -14.54 27.71 -8.08
CA VAL B 242 -13.44 26.97 -8.70
C VAL B 242 -12.18 27.83 -8.60
N THR B 243 -11.10 27.23 -8.08
CA THR B 243 -9.85 27.95 -7.89
C THR B 243 -8.72 27.20 -8.59
N VAL B 244 -7.93 27.93 -9.38
CA VAL B 244 -6.80 27.37 -10.11
C VAL B 244 -5.56 28.17 -9.77
N ASN B 245 -4.47 27.48 -9.44
CA ASN B 245 -3.22 28.11 -9.08
C ASN B 245 -2.07 27.48 -9.85
N ALA B 246 -1.04 28.28 -10.10
CA ALA B 246 0.16 27.83 -10.79
C ALA B 246 1.34 28.64 -10.31
N ASN B 247 2.53 28.07 -10.45
CA ASN B 247 3.74 28.73 -9.99
C ASN B 247 4.96 28.12 -10.70
N TRP B 248 5.91 28.98 -11.05
CA TRP B 248 7.18 28.56 -11.61
C TRP B 248 8.31 29.30 -10.90
N ALA B 249 9.44 28.62 -10.75
CA ALA B 249 10.55 29.19 -10.00
C ALA B 249 11.87 28.59 -10.47
N ILE B 250 12.95 29.31 -10.16
CA ILE B 250 14.31 28.84 -10.41
C ILE B 250 15.11 29.01 -9.13
N GLN B 251 16.11 28.17 -8.95
CA GLN B 251 16.90 28.15 -7.73
C GLN B 251 18.38 28.16 -8.06
N ASN B 252 19.15 28.94 -7.30
CA ASN B 252 20.59 29.01 -7.45
C ASN B 252 21.23 29.10 -6.07
N ALA B 253 22.46 28.60 -5.97
CA ALA B 253 23.18 28.61 -4.70
C ALA B 253 23.49 30.05 -4.27
N THR B 254 23.45 30.28 -2.96
CA THR B 254 23.67 31.61 -2.42
C THR B 254 25.15 31.97 -2.41
N LYS B 255 25.95 31.20 -1.67
CA LYS B 255 27.38 31.48 -1.53
C LYS B 255 28.17 30.19 -1.76
N VAL B 256 29.25 30.31 -2.52
CA VAL B 256 30.12 29.16 -2.81
C VAL B 256 31.54 29.50 -2.36
N PRO B 257 32.18 28.63 -1.57
CA PRO B 257 33.56 28.90 -1.15
C PRO B 257 34.52 28.87 -2.32
N ASP B 258 35.61 29.64 -2.18
CA ASP B 258 36.64 29.74 -3.20
C ASP B 258 37.78 28.78 -2.89
N MET B 259 38.22 28.03 -3.89
CA MET B 259 39.28 27.05 -3.74
C MET B 259 40.48 27.43 -4.60
N LEU B 260 41.61 26.80 -4.30
CA LEU B 260 42.84 27.07 -5.03
C LEU B 260 42.77 26.47 -6.43
N ASN B 261 43.61 27.01 -7.31
CA ASN B 261 43.74 26.50 -8.67
C ASN B 261 44.90 25.52 -8.75
N ALA B 262 45.25 25.10 -9.96
CA ALA B 262 46.30 24.12 -10.14
C ALA B 262 47.65 24.65 -9.69
N ALA B 263 47.97 25.89 -10.08
CA ALA B 263 49.27 26.46 -9.74
C ALA B 263 49.41 26.65 -8.23
N GLN B 264 48.38 27.20 -7.59
CA GLN B 264 48.44 27.44 -6.15
C GLN B 264 48.52 26.13 -5.38
N TYR B 265 47.75 25.13 -5.80
CA TYR B 265 47.82 23.82 -5.14
C TYR B 265 49.19 23.18 -5.34
N ALA B 266 49.78 23.31 -6.53
CA ALA B 266 51.10 22.77 -6.76
C ALA B 266 52.14 23.44 -5.88
N ALA B 267 52.06 24.77 -5.75
CA ALA B 267 52.99 25.48 -4.88
C ALA B 267 52.81 25.06 -3.43
N LEU B 268 51.56 24.91 -2.98
CA LEU B 268 51.32 24.48 -1.60
C LEU B 268 51.86 23.08 -1.36
N SER B 269 51.66 22.17 -2.31
CA SER B 269 52.17 20.81 -2.16
C SER B 269 53.69 20.79 -2.13
N ASN B 270 54.33 21.60 -2.99
CA ASN B 270 55.78 21.68 -2.98
C ASN B 270 56.29 22.20 -1.64
N ASP B 271 55.64 23.25 -1.11
CA ASP B 271 56.06 23.81 0.17
C ASP B 271 55.88 22.77 1.29
N MET B 272 54.74 22.08 1.29
CA MET B 272 54.47 21.10 2.33
C MET B 272 55.47 19.94 2.29
N LEU B 273 55.81 19.48 1.08
CA LEU B 273 56.75 18.37 0.96
C LEU B 273 58.18 18.81 1.26
N SER B 274 58.52 20.07 0.98
CA SER B 274 59.86 20.55 1.29
C SER B 274 60.03 20.77 2.79
N ASN B 275 58.99 21.25 3.47
CA ASN B 275 59.08 21.48 4.91
C ASN B 275 59.22 20.17 5.68
N ASN B 276 58.70 19.06 5.14
CA ASN B 276 58.79 17.77 5.78
C ASN B 276 59.99 16.95 5.30
N ASP B 277 60.82 17.53 4.43
CA ASP B 277 61.99 16.84 3.86
C ASP B 277 61.57 15.56 3.13
N ASP B 278 60.71 15.73 2.15
CA ASP B 278 60.19 14.63 1.34
C ASP B 278 60.28 15.00 -0.13
N ASN B 279 60.36 13.97 -0.98
CA ASN B 279 60.46 14.19 -2.41
C ASN B 279 59.18 14.81 -2.95
N THR B 280 59.34 15.76 -3.87
CA THR B 280 58.22 16.46 -4.48
C THR B 280 57.92 15.85 -5.85
N ASN B 281 56.86 16.35 -6.48
CA ASN B 281 56.49 15.87 -7.80
C ASN B 281 57.52 16.35 -8.82
N PRO B 282 58.08 15.45 -9.65
CA PRO B 282 59.13 15.87 -10.58
C PRO B 282 58.70 16.91 -11.60
N TYR B 283 57.44 16.88 -12.05
CA TYR B 283 56.96 17.80 -13.07
C TYR B 283 56.11 18.92 -12.51
N TRP B 284 56.14 19.13 -11.19
CA TRP B 284 55.45 20.27 -10.56
C TRP B 284 56.43 21.33 -10.08
N ALA B 285 57.66 21.33 -10.60
CA ALA B 285 58.65 22.32 -10.20
C ALA B 285 58.36 23.70 -10.76
N ASP B 286 57.45 23.82 -11.73
CA ASP B 286 57.07 25.10 -12.31
C ASP B 286 55.55 25.22 -12.22
N PRO B 287 55.04 25.66 -11.08
CA PRO B 287 53.58 25.75 -10.92
C PRO B 287 52.91 26.68 -11.92
N SER B 288 53.59 27.75 -12.34
CA SER B 288 52.98 28.72 -13.25
C SER B 288 52.61 28.11 -14.60
N SER B 289 53.27 27.02 -15.00
CA SER B 289 52.97 26.38 -16.27
C SER B 289 51.76 25.46 -16.21
N LEU B 290 51.27 25.13 -15.01
CA LEU B 290 50.12 24.24 -14.90
C LEU B 290 48.86 24.88 -15.47
N GLY B 291 48.65 26.18 -15.19
CA GLY B 291 47.48 26.86 -15.69
C GLY B 291 46.44 27.14 -14.60
N LYS B 292 45.20 26.74 -14.85
CA LYS B 292 44.11 26.94 -13.91
C LYS B 292 43.59 25.64 -13.33
N GLY B 293 43.20 24.70 -14.17
CA GLY B 293 42.68 23.43 -13.70
C GLY B 293 41.18 23.27 -13.87
N THR B 294 40.57 22.44 -13.04
CA THR B 294 39.14 22.16 -13.11
C THR B 294 38.49 22.51 -11.78
N ASN B 295 37.31 23.12 -11.84
CA ASN B 295 36.55 23.49 -10.65
C ASN B 295 35.42 22.47 -10.46
N TRP B 296 35.53 21.65 -9.41
CA TRP B 296 34.54 20.60 -9.19
C TRP B 296 33.21 21.16 -8.72
N LEU B 297 33.25 22.20 -7.89
CA LEU B 297 32.00 22.77 -7.36
C LEU B 297 31.16 23.38 -8.47
N ASP B 298 31.79 24.05 -9.43
CA ASP B 298 31.05 24.64 -10.55
C ASP B 298 30.38 23.57 -11.42
N GLU B 299 31.04 22.44 -11.64
CA GLU B 299 30.48 21.37 -12.43
C GLU B 299 29.42 20.57 -11.69
N MET B 300 29.55 20.41 -10.38
CA MET B 300 28.60 19.63 -9.59
C MET B 300 27.28 20.35 -9.36
N LEU B 301 27.27 21.69 -9.43
CA LEU B 301 26.06 22.46 -9.15
C LEU B 301 25.46 22.97 -10.45
N ARG B 302 24.14 23.12 -10.45
CA ARG B 302 23.41 23.62 -11.61
C ARG B 302 22.32 24.57 -11.10
N THR B 303 21.39 24.91 -11.98
CA THR B 303 20.25 25.75 -11.65
C THR B 303 19.00 24.90 -11.64
N GLY B 304 18.31 24.87 -10.49
CA GLY B 304 17.11 24.07 -10.36
C GLY B 304 15.88 24.76 -10.88
N VAL B 305 14.91 23.96 -11.31
CA VAL B 305 13.64 24.46 -11.83
C VAL B 305 12.52 23.82 -11.04
N LYS B 306 11.58 24.63 -10.55
CA LYS B 306 10.45 24.16 -9.77
C LYS B 306 9.15 24.67 -10.39
N GLN B 307 8.20 23.76 -10.58
CA GLN B 307 6.88 24.12 -11.08
C GLN B 307 5.82 23.42 -10.24
N SER B 308 4.70 24.09 -10.05
CA SER B 308 3.62 23.57 -9.23
C SER B 308 2.29 23.99 -9.82
N TYR B 309 1.30 23.08 -9.74
CA TYR B 309 -0.05 23.36 -10.22
C TYR B 309 -1.05 22.84 -9.19
N SER B 310 -2.22 23.46 -9.17
CA SER B 310 -3.26 23.07 -8.23
C SER B 310 -4.61 23.50 -8.78
N VAL B 311 -5.64 22.72 -8.44
CA VAL B 311 -7.01 23.02 -8.84
C VAL B 311 -7.95 22.38 -7.83
N SER B 312 -9.03 23.08 -7.52
CA SER B 312 -9.99 22.59 -6.55
C SER B 312 -11.35 23.26 -6.79
N TYR B 313 -12.39 22.62 -6.27
CA TYR B 313 -13.74 23.16 -6.32
C TYR B 313 -14.42 22.90 -4.99
N SER B 314 -15.35 23.79 -4.63
CA SER B 314 -16.03 23.69 -3.35
C SER B 314 -17.43 24.29 -3.48
N GLY B 315 -18.29 23.91 -2.54
CA GLY B 315 -19.65 24.41 -2.50
C GLY B 315 -20.17 24.36 -1.08
N GLY B 316 -21.38 24.86 -0.89
CA GLY B 316 -21.96 24.90 0.44
C GLY B 316 -23.47 24.88 0.41
N THR B 317 -24.04 24.42 1.51
CA THR B 317 -25.49 24.36 1.69
C THR B 317 -25.75 24.44 3.19
N GLU B 318 -26.95 24.91 3.54
CA GLU B 318 -27.30 25.06 4.95
C GLU B 318 -27.25 23.74 5.71
N LYS B 319 -27.37 22.60 5.00
CA LYS B 319 -27.32 21.30 5.64
C LYS B 319 -26.15 20.43 5.19
N ALA B 320 -25.42 20.82 4.14
CA ALA B 320 -24.33 20.00 3.64
C ALA B 320 -23.22 20.88 3.09
N HIS B 321 -21.99 20.34 3.10
CA HIS B 321 -20.84 21.02 2.55
C HIS B 321 -19.92 19.98 1.92
N TYR B 322 -19.08 20.44 0.99
CA TYR B 322 -18.12 19.56 0.33
C TYR B 322 -16.93 20.37 -0.13
N TYR B 323 -15.81 19.68 -0.34
CA TYR B 323 -14.58 20.31 -0.80
C TYR B 323 -13.67 19.23 -1.36
N VAL B 324 -13.28 19.37 -2.62
CA VAL B 324 -12.40 18.43 -3.30
C VAL B 324 -11.23 19.21 -3.88
N SER B 325 -10.01 18.73 -3.65
CA SER B 325 -8.79 19.41 -4.09
C SER B 325 -7.89 18.42 -4.80
N GLY B 326 -6.75 18.92 -5.27
CA GLY B 326 -5.76 18.12 -5.97
C GLY B 326 -4.66 18.96 -6.56
N GLY B 327 -3.41 18.49 -6.47
CA GLY B 327 -2.28 19.26 -6.94
C GLY B 327 -1.17 18.39 -7.45
N PHE B 328 -0.16 19.04 -8.04
CA PHE B 328 1.00 18.37 -8.59
C PHE B 328 2.21 19.29 -8.42
N LEU B 329 3.35 18.70 -8.06
CA LEU B 329 4.57 19.44 -7.83
C LEU B 329 5.77 18.67 -8.37
N ASP B 330 6.66 19.38 -9.06
CA ASP B 330 7.90 18.81 -9.56
C ASP B 330 9.03 19.78 -9.26
N GLN B 331 10.12 19.26 -8.69
CA GLN B 331 11.25 20.09 -8.29
C GLN B 331 12.55 19.37 -8.56
N SER B 332 13.54 20.11 -9.07
CA SER B 332 14.88 19.60 -9.32
C SER B 332 15.87 20.36 -8.45
N GLY B 333 16.76 19.62 -7.78
CA GLY B 333 17.71 20.23 -6.88
C GLY B 333 18.80 21.00 -7.60
N ILE B 334 19.54 21.80 -6.82
CA ILE B 334 20.63 22.60 -7.36
C ILE B 334 21.82 21.73 -7.76
N VAL B 335 21.93 20.53 -7.20
CA VAL B 335 22.99 19.60 -7.59
C VAL B 335 22.58 18.89 -8.87
N LYS B 336 23.52 18.15 -9.48
CA LYS B 336 23.34 17.68 -10.84
C LYS B 336 22.14 16.75 -10.99
N SER B 337 21.99 15.76 -10.11
CA SER B 337 20.96 14.72 -10.28
C SER B 337 20.19 14.52 -8.97
N VAL B 338 19.17 15.34 -8.75
CA VAL B 338 18.16 15.12 -7.71
C VAL B 338 16.82 15.57 -8.26
N ASN B 339 15.79 14.72 -8.11
CA ASN B 339 14.45 15.03 -8.56
C ASN B 339 13.46 14.71 -7.44
N TYR B 340 12.30 15.33 -7.51
CA TYR B 340 11.26 15.14 -6.49
C TYR B 340 9.91 15.46 -7.10
N ARG B 341 8.98 14.51 -7.03
CA ARG B 341 7.62 14.67 -7.51
C ARG B 341 6.65 14.31 -6.41
N ARG B 342 5.46 14.91 -6.47
CA ARG B 342 4.45 14.68 -5.44
C ARG B 342 3.07 14.89 -6.04
N PHE B 343 2.16 13.94 -5.76
CA PHE B 343 0.76 14.04 -6.16
C PHE B 343 -0.09 14.08 -4.90
N ASN B 344 -1.11 14.94 -4.91
CA ASN B 344 -1.97 15.12 -3.75
C ASN B 344 -3.43 15.06 -4.16
N PHE B 345 -4.26 14.59 -3.24
CA PHE B 345 -5.71 14.54 -3.42
C PHE B 345 -6.36 14.54 -2.06
N GLN B 346 -7.46 15.28 -1.92
CA GLN B 346 -8.14 15.39 -0.65
C GLN B 346 -9.61 15.71 -0.88
N ALA B 347 -10.49 15.06 -0.11
CA ALA B 347 -11.92 15.30 -0.19
C ALA B 347 -12.47 15.44 1.22
N ASN B 348 -13.27 16.49 1.44
CA ASN B 348 -13.89 16.75 2.73
C ASN B 348 -15.39 16.87 2.56
N SER B 349 -16.13 16.43 3.57
CA SER B 349 -17.59 16.44 3.52
C SER B 349 -18.14 16.70 4.91
N ASP B 350 -19.39 17.17 4.94
CA ASP B 350 -20.08 17.44 6.20
C ASP B 350 -21.57 17.47 5.89
N ALA B 351 -22.34 16.61 6.54
CA ALA B 351 -23.77 16.48 6.28
C ALA B 351 -24.55 16.47 7.57
N GLN B 352 -25.79 16.97 7.50
CA GLN B 352 -26.72 16.96 8.62
C GLN B 352 -27.89 16.07 8.22
N VAL B 353 -27.85 14.81 8.67
CA VAL B 353 -28.87 13.84 8.27
C VAL B 353 -30.24 14.26 8.80
N ASN B 354 -30.31 14.59 10.09
CA ASN B 354 -31.57 15.00 10.71
C ASN B 354 -31.26 15.99 11.82
N LYS B 355 -32.25 16.23 12.69
CA LYS B 355 -32.08 17.23 13.74
C LYS B 355 -31.03 16.80 14.75
N TRP B 356 -31.01 15.51 15.11
CA TRP B 356 -30.16 15.02 16.20
C TRP B 356 -28.99 14.16 15.68
N LEU B 357 -28.66 14.26 14.40
CA LEU B 357 -27.56 13.47 13.85
C LEU B 357 -26.73 14.34 12.92
N LYS B 358 -25.44 14.03 12.84
CA LYS B 358 -24.51 14.78 12.01
C LYS B 358 -23.25 13.95 11.80
N PHE B 359 -22.68 14.04 10.61
CA PHE B 359 -21.49 13.28 10.25
C PHE B 359 -20.47 14.19 9.59
N THR B 360 -19.19 13.84 9.75
CA THR B 360 -18.09 14.55 9.13
C THR B 360 -17.07 13.55 8.62
N THR B 361 -16.52 13.79 7.44
CA THR B 361 -15.59 12.87 6.81
C THR B 361 -14.43 13.65 6.20
N ASN B 362 -13.21 13.15 6.40
CA ASN B 362 -12.01 13.73 5.82
C ASN B 362 -11.16 12.61 5.25
N LEU B 363 -10.74 12.77 4.00
CA LEU B 363 -9.92 11.77 3.32
C LEU B 363 -8.71 12.44 2.68
N THR B 364 -7.56 11.79 2.79
CA THR B 364 -6.31 12.33 2.24
C THR B 364 -5.54 11.21 1.56
N PHE B 365 -4.92 11.54 0.43
CA PHE B 365 -4.11 10.59 -0.32
C PHE B 365 -2.96 11.34 -0.99
N SER B 366 -1.76 10.77 -0.91
CA SER B 366 -0.58 11.42 -1.47
C SER B 366 0.47 10.39 -1.81
N THR B 367 1.23 10.68 -2.86
CA THR B 367 2.37 9.86 -3.27
C THR B 367 3.55 10.77 -3.57
N ASP B 368 4.76 10.21 -3.45
CA ASP B 368 5.97 10.95 -3.72
C ASP B 368 7.04 10.01 -4.26
N VAL B 369 7.88 10.55 -5.15
CA VAL B 369 9.00 9.81 -5.73
C VAL B 369 10.26 10.63 -5.54
N LYS B 370 11.31 10.01 -5.03
CA LYS B 370 12.59 10.66 -4.79
C LYS B 370 13.70 9.91 -5.52
N GLU B 371 14.60 10.66 -6.15
CA GLU B 371 15.73 10.12 -6.87
C GLU B 371 17.01 10.77 -6.39
N GLY B 372 18.13 10.40 -6.99
CA GLY B 372 19.41 10.98 -6.64
C GLY B 372 20.55 9.98 -6.63
N GLY B 373 21.71 10.39 -7.12
CA GLY B 373 22.88 9.55 -7.14
C GLY B 373 23.69 9.64 -5.86
N THR B 374 24.86 9.01 -5.89
CA THR B 374 25.79 9.04 -4.77
C THR B 374 26.70 10.25 -4.90
N TYR B 375 26.65 11.14 -3.92
CA TYR B 375 27.41 12.39 -3.97
C TYR B 375 27.81 12.79 -2.56
N SER B 376 28.83 13.63 -2.47
CA SER B 376 29.31 14.14 -1.19
C SER B 376 29.95 15.51 -1.41
N ILE B 377 29.51 16.49 -0.62
CA ILE B 377 30.06 17.84 -0.74
C ILE B 377 31.51 17.87 -0.26
N GLY B 378 31.82 17.11 0.80
CA GLY B 378 33.18 17.08 1.31
C GLY B 378 34.17 16.52 0.29
N ASP B 379 33.78 15.45 -0.41
CA ASP B 379 34.65 14.89 -1.44
C ASP B 379 34.85 15.88 -2.58
N ALA B 380 33.79 16.60 -2.96
CA ALA B 380 33.92 17.61 -4.01
C ALA B 380 34.85 18.73 -3.59
N MET B 381 34.77 19.18 -2.34
CA MET B 381 35.64 20.24 -1.87
C MET B 381 37.08 19.78 -1.63
N LYS B 382 37.33 18.47 -1.62
CA LYS B 382 38.67 17.94 -1.42
C LYS B 382 39.28 17.37 -2.69
N ALA B 383 38.56 17.39 -3.80
CA ALA B 383 39.11 16.89 -5.06
C ALA B 383 40.16 17.85 -5.60
N LEU B 384 41.27 17.29 -6.07
CA LEU B 384 42.37 18.12 -6.56
C LEU B 384 41.97 18.81 -7.87
N PRO B 385 42.35 20.07 -8.05
CA PRO B 385 41.99 20.78 -9.29
C PRO B 385 42.85 20.40 -10.49
N THR B 386 43.92 19.64 -10.30
CA THR B 386 44.80 19.25 -11.40
C THR B 386 44.32 18.03 -12.16
N GLN B 387 43.29 17.34 -11.67
CA GLN B 387 42.79 16.14 -12.33
C GLN B 387 41.67 16.48 -13.29
N PRO B 388 41.80 16.15 -14.57
CA PRO B 388 40.70 16.38 -15.51
C PRO B 388 39.52 15.46 -15.20
N VAL B 389 38.33 15.92 -15.62
CA VAL B 389 37.11 15.16 -15.35
C VAL B 389 37.14 13.82 -16.06
N LYS B 390 37.54 13.82 -17.32
CA LYS B 390 37.59 12.60 -18.13
C LYS B 390 38.94 12.48 -18.82
N ASN B 391 39.30 11.25 -19.16
CA ASN B 391 40.54 10.97 -19.88
C ASN B 391 40.37 11.34 -21.35
N ASP B 392 41.39 11.05 -22.16
CA ASP B 392 41.33 11.37 -23.57
C ASP B 392 40.35 10.46 -24.31
N ASP B 393 40.11 9.26 -23.80
CA ASP B 393 39.20 8.31 -24.43
C ASP B 393 37.78 8.39 -23.89
N GLY B 394 37.50 9.35 -23.00
CA GLY B 394 36.17 9.55 -22.48
C GLY B 394 35.87 8.86 -21.17
N SER B 395 36.74 7.95 -20.71
CA SER B 395 36.52 7.27 -19.45
C SER B 395 36.76 8.21 -18.28
N TRP B 396 36.15 7.88 -17.15
CA TRP B 396 36.32 8.68 -15.94
C TRP B 396 37.76 8.60 -15.44
N SER B 397 38.29 9.74 -15.01
CA SER B 397 39.67 9.82 -14.54
C SER B 397 39.74 9.35 -13.09
N GLY B 398 40.92 9.45 -12.49
CA GLY B 398 41.13 9.06 -11.12
C GLY B 398 42.49 9.47 -10.59
N PRO B 399 42.68 9.34 -9.28
CA PRO B 399 43.99 9.69 -8.70
C PRO B 399 45.09 8.74 -9.15
N GLY B 400 46.31 9.25 -9.12
CA GLY B 400 47.46 8.47 -9.51
C GLY B 400 47.87 7.45 -8.47
N GLN B 401 48.94 6.72 -8.78
CA GLN B 401 49.41 5.67 -7.89
C GLN B 401 49.98 6.24 -6.59
N GLU B 402 50.65 7.39 -6.66
CA GLU B 402 51.26 7.99 -5.48
C GLU B 402 50.17 8.65 -4.64
N ALA B 403 49.92 8.10 -3.45
CA ALA B 403 48.89 8.66 -2.58
C ALA B 403 49.28 10.04 -2.07
N GLN B 404 50.56 10.23 -1.75
CA GLN B 404 51.02 11.51 -1.19
C GLN B 404 51.04 12.63 -2.21
N TRP B 405 50.90 12.32 -3.50
CA TRP B 405 50.89 13.34 -4.54
C TRP B 405 49.53 13.54 -5.20
N TYR B 406 48.64 12.55 -5.15
CA TYR B 406 47.34 12.64 -5.80
C TYR B 406 46.17 12.34 -4.88
N GLY B 407 46.40 11.82 -3.68
CA GLY B 407 45.31 11.50 -2.78
C GLY B 407 44.63 10.20 -3.15
N SER B 408 43.49 9.95 -2.50
CA SER B 408 42.71 8.74 -2.72
C SER B 408 41.22 9.04 -2.83
N ILE B 409 40.87 10.22 -3.33
CA ILE B 409 39.47 10.61 -3.44
C ILE B 409 38.90 10.07 -4.75
N ARG B 410 37.86 9.26 -4.65
CA ARG B 410 37.20 8.73 -5.84
C ARG B 410 36.48 9.85 -6.58
N ASN B 411 36.36 9.70 -7.90
CA ASN B 411 35.74 10.70 -8.74
C ASN B 411 34.29 10.91 -8.33
N PRO B 412 33.87 12.12 -7.95
CA PRO B 412 32.49 12.32 -7.52
C PRO B 412 31.50 12.33 -8.66
N ILE B 413 31.90 12.89 -9.81
CA ILE B 413 31.00 12.97 -10.95
C ILE B 413 30.66 11.57 -11.47
N GLY B 414 31.65 10.68 -11.51
CA GLY B 414 31.38 9.32 -11.96
C GLY B 414 30.40 8.58 -11.07
N THR B 415 30.59 8.70 -9.75
CA THR B 415 29.67 8.07 -8.82
C THR B 415 28.28 8.68 -8.92
N LEU B 416 28.21 10.00 -9.11
CA LEU B 416 26.92 10.66 -9.25
C LEU B 416 26.17 10.20 -10.50
N HIS B 417 26.89 10.05 -11.60
CA HIS B 417 26.25 9.71 -12.88
C HIS B 417 26.12 8.21 -13.12
N MET B 418 26.74 7.37 -12.29
CA MET B 418 26.66 5.93 -12.49
C MET B 418 25.79 5.21 -11.47
N MET B 419 25.65 5.75 -10.27
CA MET B 419 24.85 5.12 -9.21
C MET B 419 23.50 5.82 -9.10
N THR B 420 22.44 5.02 -8.99
CA THR B 420 21.08 5.53 -8.94
C THR B 420 20.40 5.01 -7.67
N ASN B 421 19.74 5.92 -6.95
CA ASN B 421 18.94 5.58 -5.78
C ASN B 421 17.52 6.08 -5.98
N GLU B 422 16.55 5.25 -5.63
CA GLU B 422 15.15 5.58 -5.84
C GLU B 422 14.35 5.21 -4.59
N THR B 423 13.30 6.00 -4.33
CA THR B 423 12.43 5.77 -3.18
C THR B 423 11.02 6.20 -3.53
N LYS B 424 10.04 5.36 -3.18
CA LYS B 424 8.63 5.65 -3.41
C LYS B 424 7.88 5.53 -2.10
N GLY B 425 6.81 6.31 -1.97
CA GLY B 425 6.00 6.29 -0.76
C GLY B 425 4.55 6.52 -1.08
N TYR B 426 3.68 5.88 -0.29
CA TYR B 426 2.24 6.03 -0.42
C TYR B 426 1.65 6.24 0.96
N ASN B 427 0.79 7.24 1.10
CA ASN B 427 0.20 7.60 2.38
C ASN B 427 -1.31 7.74 2.25
N PHE B 428 -2.03 7.19 3.23
CA PHE B 428 -3.49 7.26 3.27
CA PHE B 428 -3.49 7.26 3.27
C PHE B 428 -3.92 7.74 4.65
N LEU B 429 -4.82 8.72 4.68
CA LEU B 429 -5.32 9.27 5.92
C LEU B 429 -6.83 9.39 5.84
N ALA B 430 -7.52 8.90 6.87
CA ALA B 430 -8.98 8.96 6.93
C ALA B 430 -9.42 9.41 8.31
N ASN B 431 -10.61 9.99 8.37
CA ASN B 431 -11.16 10.48 9.63
C ASN B 431 -12.67 10.56 9.49
N ILE B 432 -13.40 9.80 10.31
CA ILE B 432 -14.85 9.81 10.32
C ILE B 432 -15.32 10.22 11.70
N THR B 433 -16.19 11.21 11.76
CA THR B 433 -16.66 11.77 13.03
C THR B 433 -18.19 11.81 13.03
N GLY B 434 -18.77 11.38 14.16
CA GLY B 434 -20.21 11.43 14.35
C GLY B 434 -20.56 12.31 15.54
N GLU B 435 -21.84 12.68 15.60
CA GLU B 435 -22.32 13.54 16.67
C GLU B 435 -23.81 13.28 16.90
N ILE B 436 -24.17 13.08 18.16
CA ILE B 436 -25.56 12.84 18.56
C ILE B 436 -25.96 13.92 19.54
N THR B 437 -27.11 14.55 19.30
CA THR B 437 -27.63 15.61 20.15
C THR B 437 -28.80 15.07 20.95
N PHE B 438 -28.60 14.90 22.25
CA PHE B 438 -29.66 14.40 23.12
C PHE B 438 -30.63 15.51 23.51
N THR B 439 -30.12 16.53 24.20
CA THR B 439 -30.91 17.69 24.61
C THR B 439 -30.28 18.96 24.06
N LYS B 440 -30.85 20.10 24.44
CA LYS B 440 -30.33 21.38 23.97
C LYS B 440 -28.95 21.68 24.56
N TRP B 441 -28.65 21.13 25.74
CA TRP B 441 -27.42 21.43 26.46
C TRP B 441 -26.56 20.17 26.68
N LEU B 442 -26.70 19.18 25.80
CA LEU B 442 -25.91 17.96 25.93
C LEU B 442 -25.68 17.38 24.54
N LYS B 443 -24.44 16.98 24.26
CA LYS B 443 -24.07 16.38 22.99
C LYS B 443 -23.07 15.26 23.23
N LEU B 444 -23.03 14.32 22.28
CA LEU B 444 -22.09 13.22 22.30
C LEU B 444 -21.36 13.17 20.96
N LYS B 445 -20.04 12.95 21.02
CA LYS B 445 -19.21 12.95 19.83
C LYS B 445 -18.36 11.68 19.80
N SER B 446 -18.22 11.12 18.59
CA SER B 446 -17.39 9.94 18.36
C SER B 446 -16.49 10.19 17.17
N THR B 447 -15.28 9.65 17.22
CA THR B 447 -14.30 9.88 16.17
C THR B 447 -13.47 8.62 15.96
N PHE B 448 -13.30 8.25 14.69
CA PHE B 448 -12.44 7.13 14.31
C PHE B 448 -11.39 7.61 13.33
N GLY B 449 -10.16 7.16 13.52
CA GLY B 449 -9.05 7.58 12.69
C GLY B 449 -8.28 6.41 12.13
N TYR B 450 -7.83 6.57 10.89
CA TYR B 450 -7.04 5.55 10.21
C TYR B 450 -5.83 6.21 9.56
N ASP B 451 -4.75 5.44 9.45
CA ASP B 451 -3.50 5.97 8.88
C ASP B 451 -2.65 4.79 8.42
N ALA B 452 -2.31 4.76 7.14
CA ALA B 452 -1.47 3.72 6.56
C ALA B 452 -0.37 4.34 5.74
N LYS B 453 0.84 3.82 5.87
CA LYS B 453 1.99 4.30 5.12
C LYS B 453 2.76 3.12 4.54
N PHE B 454 3.36 3.35 3.36
CA PHE B 454 4.19 2.35 2.70
C PHE B 454 5.45 3.04 2.18
N TRP B 455 6.58 2.36 2.29
CA TRP B 455 7.85 2.84 1.75
C TRP B 455 8.50 1.74 0.93
N PHE B 456 9.19 2.14 -0.14
CA PHE B 456 9.95 1.22 -0.96
C PHE B 456 11.24 1.89 -1.41
N ALA B 457 12.33 1.12 -1.39
CA ALA B 457 13.64 1.62 -1.74
C ALA B 457 14.26 0.73 -2.82
N ASP B 458 15.13 1.33 -3.63
CA ASP B 458 15.78 0.61 -4.72
C ASP B 458 17.11 1.28 -5.02
N ASN B 459 18.20 0.55 -4.84
CA ASN B 459 19.54 1.04 -5.12
C ASN B 459 20.26 0.07 -6.03
N PHE B 460 21.19 0.60 -6.84
CA PHE B 460 21.94 -0.22 -7.77
C PHE B 460 23.29 0.43 -8.02
N THR B 461 24.37 -0.32 -7.79
CA THR B 461 25.73 0.18 -7.99
C THR B 461 26.41 -0.64 -9.07
N PRO B 462 26.56 -0.13 -10.29
CA PRO B 462 27.24 -0.89 -11.33
C PRO B 462 28.70 -1.12 -11.01
N ALA B 463 29.22 -2.24 -11.48
CA ALA B 463 30.63 -2.57 -11.28
C ALA B 463 31.49 -1.75 -12.23
N TYR B 464 32.52 -1.09 -11.68
CA TYR B 464 33.40 -0.25 -12.47
C TYR B 464 34.78 -0.26 -11.85
N ASP B 465 35.80 -0.17 -12.70
CA ASP B 465 37.20 -0.21 -12.25
C ASP B 465 37.64 1.21 -11.90
N TRP B 466 37.29 1.63 -10.68
CA TRP B 466 37.74 2.92 -10.18
C TRP B 466 39.22 2.89 -9.86
N LYS B 467 39.90 4.00 -10.15
CA LYS B 467 41.35 4.05 -9.95
C LYS B 467 41.77 3.85 -8.50
N PRO B 468 41.23 4.57 -7.50
CA PRO B 468 41.70 4.36 -6.12
C PRO B 468 41.25 3.02 -5.55
N ASN B 469 39.98 2.69 -5.73
CA ASN B 469 39.41 1.44 -5.22
C ASN B 469 38.40 0.91 -6.23
N PRO B 470 38.77 -0.07 -7.03
CA PRO B 470 37.84 -0.59 -8.03
C PRO B 470 36.69 -1.36 -7.39
N VAL B 471 35.56 -1.36 -8.08
CA VAL B 471 34.38 -2.13 -7.67
C VAL B 471 34.17 -3.23 -8.72
N GLU B 472 34.25 -4.48 -8.27
CA GLU B 472 34.17 -5.62 -9.17
C GLU B 472 32.91 -6.46 -8.92
N GLU B 473 31.92 -5.91 -8.23
CA GLU B 473 30.71 -6.66 -7.89
C GLU B 473 29.52 -5.72 -7.91
N SER B 474 28.66 -5.85 -8.92
CA SER B 474 27.47 -5.04 -9.03
C SER B 474 26.37 -5.62 -8.15
N SER B 475 25.71 -4.75 -7.38
CA SER B 475 24.71 -5.18 -6.40
C SER B 475 23.46 -4.32 -6.50
N ARG B 476 22.35 -4.89 -6.00
CA ARG B 476 21.06 -4.21 -5.96
C ARG B 476 20.48 -4.35 -4.55
N TYR B 477 19.95 -3.25 -4.02
CA TYR B 477 19.40 -3.22 -2.68
C TYR B 477 17.94 -2.79 -2.73
N LYS B 478 17.09 -3.51 -2.02
CA LYS B 478 15.67 -3.21 -1.95
C LYS B 478 15.20 -3.28 -0.51
N SER B 479 14.14 -2.51 -0.21
CA SER B 479 13.58 -2.48 1.13
C SER B 479 12.11 -2.11 1.05
N ASP B 480 11.32 -2.70 1.96
CA ASP B 480 9.88 -2.44 2.04
C ASP B 480 9.53 -2.06 3.47
N ASN B 481 8.50 -1.24 3.62
CA ASN B 481 8.09 -0.74 4.93
C ASN B 481 6.57 -0.61 4.98
N LYS B 482 6.02 -0.88 6.16
CA LYS B 482 4.59 -0.72 6.41
C LYS B 482 4.38 -0.18 7.82
N SER B 483 3.25 0.51 8.01
CA SER B 483 2.89 1.06 9.31
C SER B 483 1.41 1.44 9.30
N PHE B 484 0.69 1.02 10.32
CA PHE B 484 -0.75 1.27 10.44
C PHE B 484 -1.05 1.78 11.83
N THR B 485 -1.83 2.86 11.91
CA THR B 485 -2.19 3.50 13.18
C THR B 485 -3.70 3.67 13.24
N TYR B 486 -4.28 3.41 14.41
CA TYR B 486 -5.72 3.49 14.61
C TYR B 486 -6.01 4.40 15.81
N LEU B 487 -7.21 4.99 15.80
CA LEU B 487 -7.61 5.90 16.86
C LEU B 487 -9.11 5.78 17.08
N TRP B 488 -9.54 6.01 18.31
CA TRP B 488 -10.95 5.98 18.66
C TRP B 488 -11.17 6.87 19.88
N ASP B 489 -11.90 7.96 19.70
CA ASP B 489 -12.14 8.93 20.77
C ASP B 489 -13.64 9.06 21.00
N ASN B 490 -14.05 9.06 22.27
CA ASN B 490 -15.43 9.23 22.66
C ASN B 490 -15.50 10.14 23.88
N TYR B 491 -16.24 11.23 23.78
CA TYR B 491 -16.34 12.18 24.88
C TYR B 491 -17.68 12.91 24.81
N PHE B 492 -18.09 13.46 25.94
CA PHE B 492 -19.32 14.23 26.06
C PHE B 492 -19.02 15.73 26.05
N VAL B 493 -20.02 16.51 25.66
CA VAL B 493 -19.92 17.97 25.63
C VAL B 493 -21.12 18.54 26.36
N PHE B 494 -20.87 19.41 27.35
CA PHE B 494 -21.91 20.05 28.13
C PHE B 494 -21.70 21.55 28.12
N ASP B 495 -22.79 22.30 27.98
CA ASP B 495 -22.73 23.76 27.97
C ASP B 495 -24.07 24.30 28.41
N HIS B 496 -24.09 25.08 29.48
CA HIS B 496 -25.32 25.65 30.00
C HIS B 496 -25.00 26.98 30.68
N THR B 497 -26.02 27.83 30.77
CA THR B 497 -25.90 29.14 31.40
C THR B 497 -26.80 29.16 32.64
N PHE B 498 -26.22 29.58 33.77
CA PHE B 498 -26.93 29.60 35.05
C PHE B 498 -27.16 31.05 35.46
N ALA B 499 -28.43 31.41 35.69
CA ALA B 499 -28.83 32.73 36.17
C ALA B 499 -28.38 33.84 35.23
N LYS B 500 -28.23 33.51 33.93
CA LYS B 500 -27.87 34.42 32.84
C LYS B 500 -26.47 34.98 32.99
N LYS B 501 -25.73 34.63 34.03
CA LYS B 501 -24.39 35.14 34.26
C LYS B 501 -23.33 34.05 34.27
N HIS B 502 -23.57 32.96 35.00
CA HIS B 502 -22.59 31.89 35.10
C HIS B 502 -22.70 30.95 33.91
N ARG B 503 -21.58 30.68 33.26
CA ARG B 503 -21.49 29.75 32.15
C ARG B 503 -20.52 28.63 32.51
N VAL B 504 -20.99 27.39 32.38
CA VAL B 504 -20.21 26.21 32.75
C VAL B 504 -20.10 25.31 31.53
N GLY B 505 -18.87 24.88 31.22
CA GLY B 505 -18.63 23.94 30.15
C GLY B 505 -17.78 22.77 30.60
N VAL B 506 -18.33 21.57 30.54
CA VAL B 506 -17.66 20.37 31.02
C VAL B 506 -17.52 19.37 29.87
N MET B 507 -16.31 18.85 29.69
CA MET B 507 -16.02 17.83 28.70
C MET B 507 -15.24 16.69 29.35
N ALA B 508 -15.65 15.46 29.07
CA ALA B 508 -14.99 14.30 29.64
C ALA B 508 -15.17 13.12 28.70
N GLY B 509 -14.15 12.27 28.62
CA GLY B 509 -14.22 11.13 27.74
C GLY B 509 -12.99 10.26 27.86
N SER B 510 -12.78 9.42 26.85
CA SER B 510 -11.65 8.49 26.81
C SER B 510 -11.03 8.52 25.41
N SER B 511 -9.93 7.78 25.26
CA SER B 511 -9.24 7.69 23.98
C SER B 511 -8.40 6.42 23.96
N ALA B 512 -8.07 5.99 22.75
CA ALA B 512 -7.25 4.79 22.57
C ALA B 512 -6.52 4.89 21.24
N GLN B 513 -5.33 4.28 21.19
CA GLN B 513 -4.50 4.37 19.99
C GLN B 513 -3.43 3.29 20.06
N TRP B 514 -3.18 2.63 18.93
CA TRP B 514 -2.15 1.62 18.82
C TRP B 514 -1.57 1.63 17.41
N ASN B 515 -0.38 1.04 17.26
CA ASN B 515 0.38 1.12 16.02
C ASN B 515 1.09 -0.20 15.77
N ASN B 516 1.36 -0.47 14.49
CA ASN B 516 2.10 -1.66 14.08
C ASN B 516 3.14 -1.26 13.04
N TYR B 517 4.21 -2.05 12.92
CA TYR B 517 5.30 -1.75 12.03
C TYR B 517 6.01 -3.02 11.60
N ASP B 518 6.51 -3.03 10.36
CA ASP B 518 7.22 -4.17 9.82
C ASP B 518 8.10 -3.69 8.66
N TYR B 519 9.14 -4.45 8.37
CA TYR B 519 10.06 -4.10 7.30
C TYR B 519 10.81 -5.35 6.84
N LEU B 520 11.42 -5.25 5.66
CA LEU B 520 12.17 -6.35 5.07
C LEU B 520 13.10 -5.77 4.01
N ASN B 521 14.28 -6.39 3.88
CA ASN B 521 15.28 -5.93 2.91
C ASN B 521 16.12 -7.12 2.47
N ALA B 522 16.76 -6.96 1.30
CA ALA B 522 17.57 -8.01 0.72
C ALA B 522 18.55 -7.39 -0.27
N GLN B 523 19.45 -8.24 -0.79
CA GLN B 523 20.49 -7.78 -1.71
C GLN B 523 21.06 -8.98 -2.46
N LYS B 524 21.41 -8.76 -3.73
CA LYS B 524 22.05 -9.77 -4.58
C LYS B 524 23.25 -9.14 -5.29
N ASN B 525 23.93 -9.94 -6.12
CA ASN B 525 25.19 -9.50 -6.72
C ASN B 525 25.31 -10.05 -8.14
N ILE B 526 26.48 -9.79 -8.74
CA ILE B 526 26.88 -10.22 -10.08
C ILE B 526 25.98 -9.56 -11.12
N PHE B 527 24.83 -10.17 -11.41
CA PHE B 527 23.79 -9.68 -12.30
C PHE B 527 24.21 -9.72 -13.77
N MET B 528 25.46 -10.08 -14.06
CA MET B 528 26.00 -10.19 -15.44
C MET B 528 25.77 -8.85 -16.13
N PHE B 529 24.91 -8.78 -17.16
CA PHE B 529 24.67 -7.55 -17.90
C PHE B 529 24.11 -6.46 -17.00
N ASP B 530 24.63 -5.24 -17.17
CA ASP B 530 24.19 -4.11 -16.36
C ASP B 530 22.80 -3.63 -16.75
N ASN B 531 22.48 -3.65 -18.05
CA ASN B 531 21.18 -3.15 -18.50
C ASN B 531 20.02 -3.98 -17.95
N ILE B 532 20.15 -5.30 -17.94
CA ILE B 532 19.13 -6.20 -17.41
C ILE B 532 19.61 -6.64 -16.03
N HIS B 533 19.03 -6.04 -14.99
CA HIS B 533 19.46 -6.27 -13.61
C HIS B 533 18.26 -6.55 -12.72
N GLU B 534 17.35 -7.41 -13.19
CA GLU B 534 16.25 -7.84 -12.36
C GLU B 534 16.72 -8.86 -11.33
N MET B 535 15.92 -9.03 -10.28
CA MET B 535 16.33 -9.88 -9.15
C MET B 535 16.51 -11.34 -9.55
N ASP B 536 15.86 -11.80 -10.62
CA ASP B 536 16.04 -13.16 -11.07
C ASP B 536 17.37 -13.39 -11.77
N ASN B 537 18.04 -12.32 -12.21
CA ASN B 537 19.30 -12.46 -12.93
C ASN B 537 20.43 -12.88 -12.00
N GLY B 538 20.49 -12.30 -10.81
CA GLY B 538 21.55 -12.61 -9.87
C GLY B 538 21.46 -14.02 -9.32
N GLU B 539 22.59 -14.54 -8.83
CA GLU B 539 22.64 -15.89 -8.27
C GLU B 539 23.11 -15.91 -6.83
N LYS B 540 23.98 -14.98 -6.44
CA LYS B 540 24.53 -14.97 -5.09
C LYS B 540 23.72 -14.08 -4.15
N MET B 541 23.10 -14.68 -3.15
CA MET B 541 22.40 -13.90 -2.13
C MET B 541 23.40 -13.29 -1.16
N TYR B 542 23.10 -12.08 -0.69
CA TYR B 542 24.00 -11.33 0.18
C TYR B 542 23.47 -11.17 1.60
N SER B 543 22.27 -10.62 1.75
CA SER B 543 21.73 -10.37 3.09
C SER B 543 20.21 -10.43 3.03
N LEU B 544 19.62 -10.62 4.21
CA LEU B 544 18.16 -10.72 4.34
C LEU B 544 17.76 -10.62 5.81
N GLY B 545 16.79 -9.77 6.12
CA GLY B 545 16.38 -9.61 7.51
C GLY B 545 15.13 -8.78 7.62
N GLY B 546 14.58 -8.77 8.84
CA GLY B 546 13.38 -8.01 9.12
C GLY B 546 13.02 -8.15 10.58
N SER B 547 12.06 -7.33 11.00
CA SER B 547 11.62 -7.31 12.40
C SER B 547 10.20 -6.76 12.45
N GLN B 548 9.73 -6.47 13.66
CA GLN B 548 8.37 -6.00 13.88
C GLN B 548 8.30 -5.29 15.24
N SER B 549 7.46 -4.26 15.31
CA SER B 549 7.30 -3.50 16.54
C SER B 549 5.87 -2.99 16.63
N ASP B 550 5.44 -2.69 17.86
CA ASP B 550 4.09 -2.21 18.10
C ASP B 550 4.04 -1.53 19.47
N TRP B 551 2.99 -0.76 19.68
CA TRP B 551 2.74 -0.11 20.97
C TRP B 551 1.27 0.24 21.07
N ALA B 552 0.84 0.57 22.28
CA ALA B 552 -0.55 0.89 22.53
C ALA B 552 -0.63 1.94 23.63
N LEU B 553 -1.79 2.58 23.75
CA LEU B 553 -1.98 3.66 24.72
C LEU B 553 -3.45 3.79 25.05
N LEU B 554 -3.74 4.11 26.32
CA LEU B 554 -5.09 4.34 26.80
C LEU B 554 -5.09 5.58 27.69
N SER B 555 -6.20 6.31 27.68
CA SER B 555 -6.25 7.56 28.43
C SER B 555 -7.68 7.87 28.85
N LEU B 556 -7.80 8.75 29.85
CA LEU B 556 -9.06 9.31 30.30
C LEU B 556 -8.88 10.82 30.46
N MET B 557 -9.90 11.58 30.09
CA MET B 557 -9.78 13.03 30.04
C MET B 557 -10.98 13.68 30.71
N ALA B 558 -10.77 14.90 31.20
CA ALA B 558 -11.82 15.69 31.82
C ALA B 558 -11.37 17.15 31.86
N ARG B 559 -12.23 18.05 31.38
CA ARG B 559 -11.92 19.47 31.35
C ARG B 559 -13.16 20.27 31.76
N LEU B 560 -12.93 21.34 32.53
CA LEU B 560 -14.00 22.19 33.00
C LEU B 560 -13.70 23.64 32.64
N ASN B 561 -14.73 24.36 32.22
CA ASN B 561 -14.63 25.78 31.88
C ASN B 561 -15.67 26.56 32.66
N TYR B 562 -15.27 27.72 33.19
CA TYR B 562 -16.15 28.55 34.00
C TYR B 562 -16.00 30.02 33.58
N SER B 563 -17.11 30.73 33.56
CA SER B 563 -17.13 32.16 33.27
C SER B 563 -18.01 32.87 34.30
N TYR B 564 -17.71 34.15 34.53
CA TYR B 564 -18.44 34.94 35.53
C TYR B 564 -18.50 36.39 35.04
N GLU B 565 -19.61 36.75 34.42
CA GLU B 565 -19.90 38.12 33.98
C GLU B 565 -18.84 38.65 33.02
N ASP B 566 -18.16 37.77 32.30
CA ASP B 566 -17.09 38.14 31.36
C ASP B 566 -15.98 38.94 32.05
N LYS B 567 -15.78 38.71 33.34
CA LYS B 567 -14.74 39.38 34.10
C LYS B 567 -13.81 38.44 34.85
N TYR B 568 -14.11 37.15 34.89
CA TYR B 568 -13.27 36.19 35.61
C TYR B 568 -13.47 34.82 34.98
N LEU B 569 -12.40 34.27 34.41
CA LEU B 569 -12.46 32.99 33.73
C LEU B 569 -11.54 32.00 34.43
N LEU B 570 -12.05 30.79 34.70
CA LEU B 570 -11.29 29.74 35.35
C LEU B 570 -11.43 28.46 34.54
N THR B 571 -10.30 27.81 34.28
CA THR B 571 -10.26 26.56 33.55
C THR B 571 -9.42 25.54 34.30
N ALA B 572 -9.91 24.32 34.38
CA ALA B 572 -9.20 23.22 35.03
C ALA B 572 -9.22 22.00 34.12
N THR B 573 -8.14 21.24 34.16
CA THR B 573 -8.00 20.06 33.31
C THR B 573 -7.20 18.99 34.05
N VAL B 574 -7.69 17.76 33.98
CA VAL B 574 -7.01 16.60 34.56
C VAL B 574 -7.08 15.46 33.55
N ARG B 575 -5.98 14.72 33.42
CA ARG B 575 -5.90 13.63 32.47
C ARG B 575 -5.07 12.50 33.05
N ARG B 576 -5.56 11.27 32.86
CA ARG B 576 -4.86 10.07 33.34
C ARG B 576 -4.49 9.24 32.12
N ASP B 577 -3.20 8.90 32.01
CA ASP B 577 -2.67 8.21 30.84
C ASP B 577 -2.00 6.92 31.25
N GLY B 578 -2.06 5.94 30.34
CA GLY B 578 -1.38 4.67 30.53
C GLY B 578 -0.90 4.10 29.22
N SER B 579 0.39 3.80 29.13
CA SER B 579 1.00 3.33 27.90
C SER B 579 1.78 2.04 28.15
N SER B 580 1.92 1.25 27.09
CA SER B 580 2.66 -0.01 27.17
C SER B 580 4.17 0.18 27.21
N ARG B 581 4.66 1.40 26.93
CA ARG B 581 6.09 1.67 26.98
C ARG B 581 6.62 1.77 28.40
N PHE B 582 5.74 2.02 29.38
CA PHE B 582 6.16 2.18 30.76
C PHE B 582 6.34 0.82 31.43
N GLY B 583 7.01 0.85 32.58
CA GLY B 583 7.22 -0.37 33.35
C GLY B 583 5.96 -0.82 34.05
N LYS B 584 6.03 -2.05 34.59
CA LYS B 584 4.90 -2.63 35.29
C LYS B 584 4.60 -1.95 36.62
N ASN B 585 5.52 -1.12 37.13
CA ASN B 585 5.31 -0.43 38.40
C ASN B 585 4.82 1.00 38.24
N ASN B 586 4.91 1.57 37.04
CA ASN B 586 4.51 2.95 36.76
C ASN B 586 3.62 2.99 35.53
N ARG B 587 2.62 2.12 35.49
CA ARG B 587 1.78 1.99 34.30
C ARG B 587 0.95 3.25 34.07
N TRP B 588 0.43 3.86 35.13
CA TRP B 588 -0.49 4.98 35.01
C TRP B 588 0.07 6.22 35.69
N GLY B 589 -0.43 7.38 35.26
CA GLY B 589 -0.02 8.65 35.83
C GLY B 589 -1.11 9.69 35.66
N THR B 590 -0.94 10.82 36.36
CA THR B 590 -1.90 11.90 36.34
C THR B 590 -1.19 13.22 36.06
N PHE B 591 -1.82 14.05 35.22
CA PHE B 591 -1.27 15.35 34.83
C PHE B 591 -2.32 16.43 35.01
N PRO B 592 -2.40 17.03 36.19
CA PRO B 592 -3.37 18.09 36.42
C PRO B 592 -2.90 19.43 35.86
N SER B 593 -3.85 20.37 35.79
CA SER B 593 -3.57 21.70 35.28
C SER B 593 -4.61 22.67 35.83
N VAL B 594 -4.27 23.97 35.76
CA VAL B 594 -5.16 25.02 36.25
C VAL B 594 -4.67 26.33 35.66
N SER B 595 -5.61 27.25 35.40
CA SER B 595 -5.27 28.56 34.86
C SER B 595 -6.30 29.58 35.31
N LEU B 596 -5.89 30.84 35.28
CA LEU B 596 -6.76 31.95 35.67
C LEU B 596 -6.61 33.09 34.68
N ALA B 597 -7.66 33.89 34.55
CA ALA B 597 -7.65 35.03 33.64
C ALA B 597 -8.78 35.98 34.03
N TRP B 598 -8.48 37.28 34.04
CA TRP B 598 -9.48 38.29 34.35
C TRP B 598 -9.10 39.58 33.62
N ARG B 599 -10.11 40.43 33.42
CA ARG B 599 -9.96 41.67 32.68
C ARG B 599 -10.03 42.86 33.61
N VAL B 600 -9.07 43.77 33.48
CA VAL B 600 -9.03 44.96 34.33
C VAL B 600 -10.02 46.03 33.87
N SER B 601 -10.27 46.13 32.55
CA SER B 601 -11.12 47.19 32.03
C SER B 601 -12.54 47.11 32.59
N GLN B 602 -13.10 45.91 32.66
CA GLN B 602 -14.43 45.72 33.20
C GLN B 602 -14.39 45.55 34.72
N MET B 613 -4.95 53.27 25.95
CA MET B 613 -5.28 52.15 26.84
C MET B 613 -6.79 51.91 26.87
N ASN B 614 -7.25 51.04 25.96
CA ASN B 614 -8.66 50.70 25.86
C ASN B 614 -9.00 49.35 26.50
N ASP B 615 -8.11 48.37 26.40
CA ASP B 615 -8.34 47.04 26.94
C ASP B 615 -7.11 46.56 27.68
N LEU B 616 -7.33 45.65 28.63
CA LEU B 616 -6.25 45.08 29.41
C LEU B 616 -6.69 43.71 29.92
N LYS B 617 -5.77 42.75 29.89
CA LYS B 617 -6.08 41.39 30.31
C LYS B 617 -4.83 40.74 30.87
N LEU B 618 -5.00 40.01 31.98
CA LEU B 618 -3.91 39.32 32.64
C LEU B 618 -4.20 37.82 32.67
N ARG B 619 -3.19 37.02 32.37
CA ARG B 619 -3.32 35.58 32.31
C ARG B 619 -2.27 34.93 33.21
N VAL B 620 -2.71 34.00 34.05
CA VAL B 620 -1.82 33.23 34.92
C VAL B 620 -2.16 31.76 34.75
N GLY B 621 -1.14 30.92 34.54
CA GLY B 621 -1.36 29.51 34.34
C GLY B 621 -0.26 28.69 34.97
N TYR B 622 -0.57 27.41 35.16
CA TYR B 622 0.35 26.44 35.74
C TYR B 622 -0.16 25.04 35.44
N GLY B 623 0.75 24.15 35.04
CA GLY B 623 0.36 22.79 34.71
C GLY B 623 1.56 21.88 34.66
N VAL B 624 1.27 20.58 34.60
CA VAL B 624 2.27 19.53 34.55
C VAL B 624 2.01 18.65 33.35
N THR B 625 3.04 18.42 32.54
CA THR B 625 2.92 17.56 31.37
C THR B 625 3.94 16.44 31.43
N GLY B 626 4.02 15.64 30.37
CA GLY B 626 4.96 14.53 30.35
C GLY B 626 5.36 14.17 28.93
N ASN B 627 6.48 13.46 28.84
CA ASN B 627 7.01 12.99 27.56
C ASN B 627 7.23 11.49 27.64
N GLN B 628 6.85 10.78 26.58
CA GLN B 628 6.92 9.32 26.56
C GLN B 628 7.76 8.81 25.38
N GLU B 629 8.55 9.66 24.75
CA GLU B 629 9.39 9.25 23.62
C GLU B 629 10.66 8.57 24.13
N ILE B 630 10.47 7.40 24.74
CA ILE B 630 11.55 6.63 25.33
C ILE B 630 11.79 5.33 24.58
N GLY B 631 11.19 5.17 23.40
CA GLY B 631 11.35 3.93 22.64
C GLY B 631 10.40 2.85 23.11
N ASN B 632 10.52 1.70 22.46
CA ASN B 632 9.69 0.54 22.74
C ASN B 632 10.52 -0.59 23.33
N TYR B 633 9.89 -1.38 24.20
CA TYR B 633 10.53 -2.53 24.85
C TYR B 633 11.77 -2.12 25.62
N GLY B 634 11.70 -0.97 26.29
CA GLY B 634 12.82 -0.49 27.10
C GLY B 634 12.95 -1.14 28.45
N PHE B 635 12.00 -1.98 28.84
CA PHE B 635 12.01 -2.66 30.13
C PHE B 635 12.39 -4.14 30.01
N VAL B 636 12.95 -4.54 28.87
CA VAL B 636 13.27 -5.93 28.61
C VAL B 636 14.78 -6.05 28.41
N ALA B 637 15.39 -7.00 29.11
CA ALA B 637 16.82 -7.23 28.99
C ALA B 637 17.14 -7.89 27.65
N SER B 638 18.42 -7.88 27.30
CA SER B 638 18.91 -8.46 26.05
C SER B 638 19.74 -9.70 26.36
N TYR B 639 19.49 -10.78 25.63
CA TYR B 639 20.19 -12.03 25.80
C TYR B 639 20.92 -12.41 24.53
N ASN B 640 22.07 -13.06 24.69
CA ASN B 640 22.86 -13.56 23.58
C ASN B 640 23.03 -15.07 23.72
N THR B 641 22.96 -15.77 22.59
CA THR B 641 23.01 -17.24 22.60
C THR B 641 24.41 -17.72 22.96
N GLY B 642 24.48 -18.69 23.88
CA GLY B 642 25.74 -19.29 24.25
C GLY B 642 25.59 -20.79 24.43
N VAL B 643 26.72 -21.46 24.59
CA VAL B 643 26.74 -22.91 24.74
C VAL B 643 27.53 -23.27 26.00
N TYR B 644 27.21 -24.45 26.53
CA TYR B 644 27.91 -25.01 27.69
C TYR B 644 28.29 -26.44 27.36
N PRO B 645 29.57 -26.78 27.33
CA PRO B 645 29.98 -28.14 26.92
C PRO B 645 29.69 -29.16 28.02
N PHE B 646 28.91 -30.18 27.67
CA PHE B 646 28.67 -31.31 28.54
C PHE B 646 29.74 -32.37 28.28
N GLY B 647 29.51 -33.59 28.77
CA GLY B 647 30.51 -34.65 28.57
C GLY B 647 30.79 -34.91 27.10
N ASN B 648 29.73 -35.00 26.29
CA ASN B 648 29.90 -35.25 24.86
C ASN B 648 28.99 -34.39 23.98
N ASN B 649 28.12 -33.56 24.56
CA ASN B 649 27.19 -32.76 23.79
C ASN B 649 27.26 -31.31 24.22
N ASN B 650 26.74 -30.43 23.38
CA ASN B 650 26.68 -29.00 23.65
C ASN B 650 25.23 -28.56 23.77
N SER B 651 24.93 -27.82 24.83
CA SER B 651 23.58 -27.34 25.10
C SER B 651 23.55 -25.82 25.03
N THR B 652 22.57 -25.29 24.29
CA THR B 652 22.45 -23.84 24.15
C THR B 652 22.03 -23.21 25.48
N ALA B 653 22.62 -22.06 25.78
CA ALA B 653 22.33 -21.33 27.01
C ALA B 653 22.17 -19.85 26.70
N LEU B 654 21.41 -19.17 27.56
CA LEU B 654 21.15 -17.74 27.43
C LEU B 654 21.91 -16.99 28.51
N VAL B 655 22.64 -15.95 28.12
CA VAL B 655 23.43 -15.14 29.04
C VAL B 655 22.76 -13.78 29.15
N SER B 656 22.44 -13.37 30.38
CA SER B 656 21.74 -12.11 30.59
C SER B 656 22.70 -10.93 30.47
N THR B 657 22.22 -9.86 29.85
CA THR B 657 22.97 -8.63 29.70
C THR B 657 21.99 -7.47 29.67
N THR B 658 22.42 -6.32 30.18
CA THR B 658 21.60 -5.10 30.25
C THR B 658 20.30 -5.37 31.01
N LEU B 659 20.47 -5.60 32.32
CA LEU B 659 19.39 -6.00 33.22
C LEU B 659 18.12 -5.16 33.04
N SER B 660 16.97 -5.78 33.26
CA SER B 660 15.69 -5.11 33.03
C SER B 660 15.49 -3.97 34.04
N ASN B 661 14.74 -2.97 33.61
CA ASN B 661 14.45 -1.78 34.40
C ASN B 661 12.94 -1.60 34.44
N PRO B 662 12.25 -2.30 35.34
CA PRO B 662 10.78 -2.20 35.43
C PRO B 662 10.27 -0.90 36.04
N ASN B 663 11.15 0.06 36.34
CA ASN B 663 10.75 1.33 36.92
C ASN B 663 10.78 2.48 35.91
N ILE B 664 10.95 2.18 34.62
CA ILE B 664 11.01 3.22 33.61
C ILE B 664 9.63 3.83 33.43
N HIS B 665 9.57 5.17 33.46
CA HIS B 665 8.31 5.89 33.29
C HIS B 665 8.58 7.12 32.43
N TRP B 666 7.61 8.03 32.40
CA TRP B 666 7.69 9.22 31.56
C TRP B 666 8.66 10.22 32.18
N GLU B 667 8.73 11.41 31.60
CA GLU B 667 9.56 12.50 32.10
C GLU B 667 8.66 13.68 32.47
N GLU B 668 8.80 14.16 33.69
CA GLU B 668 7.92 15.19 34.23
C GLU B 668 8.44 16.58 33.89
N VAL B 669 7.53 17.45 33.44
CA VAL B 669 7.86 18.84 33.12
C VAL B 669 6.83 19.74 33.81
N ARG B 670 7.32 20.71 34.57
CA ARG B 670 6.48 21.69 35.24
C ARG B 670 6.75 23.07 34.67
N GLN B 671 5.68 23.82 34.41
CA GLN B 671 5.79 25.11 33.76
C GLN B 671 4.81 26.10 34.38
N ALA B 672 5.28 27.34 34.57
CA ALA B 672 4.46 28.45 35.03
C ALA B 672 4.54 29.57 34.01
N ASN B 673 3.39 30.18 33.71
CA ASN B 673 3.31 31.19 32.65
C ASN B 673 2.58 32.42 33.16
N PHE B 674 3.00 33.59 32.68
CA PHE B 674 2.34 34.86 32.95
C PHE B 674 2.19 35.62 31.63
N GLY B 675 1.03 36.21 31.43
CA GLY B 675 0.75 36.91 30.18
C GLY B 675 0.00 38.20 30.42
N VAL B 676 0.28 39.17 29.56
CA VAL B 676 -0.37 40.48 29.59
C VAL B 676 -0.78 40.85 28.18
N ASP B 677 -2.03 41.27 28.01
CA ASP B 677 -2.57 41.71 26.73
C ASP B 677 -2.98 43.17 26.84
N MET B 678 -2.57 43.99 25.88
CA MET B 678 -2.82 45.42 25.92
C MET B 678 -3.26 45.91 24.56
N SER B 679 -4.01 47.01 24.56
CA SER B 679 -4.42 47.72 23.35
C SER B 679 -4.27 49.21 23.60
N LEU B 680 -3.67 49.91 22.65
CA LEU B 680 -3.33 51.31 22.82
C LEU B 680 -3.77 52.12 21.60
N PHE B 681 -3.95 53.43 21.83
CA PHE B 681 -4.23 54.40 20.77
C PHE B 681 -5.54 54.06 20.05
N ASP B 682 -6.62 54.02 20.82
CA ASP B 682 -7.97 53.77 20.29
C ASP B 682 -8.04 52.44 19.54
N SER B 683 -7.46 51.40 20.15
CA SER B 683 -7.47 50.05 19.60
C SER B 683 -6.84 49.99 18.21
N ARG B 684 -5.74 50.73 18.03
CA ARG B 684 -5.00 50.73 16.78
C ARG B 684 -3.81 49.78 16.80
N VAL B 685 -3.09 49.72 17.91
CA VAL B 685 -1.91 48.86 18.05
C VAL B 685 -2.18 47.87 19.18
N SER B 686 -1.51 46.73 19.14
CA SER B 686 -1.65 45.69 20.14
C SER B 686 -0.30 45.35 20.75
N LEU B 687 -0.34 44.64 21.88
CA LEU B 687 0.87 44.25 22.59
C LEU B 687 0.60 42.96 23.34
N SER B 688 1.63 42.12 23.42
CA SER B 688 1.53 40.86 24.14
C SER B 688 2.87 40.55 24.79
N LEU B 689 2.85 40.29 26.09
CA LEU B 689 4.03 39.97 26.86
C LEU B 689 3.83 38.64 27.56
N ASP B 690 4.81 37.74 27.42
CA ASP B 690 4.74 36.42 28.04
C ASP B 690 6.05 36.11 28.72
N ALA B 691 5.98 35.67 29.98
CA ALA B 691 7.14 35.23 30.73
C ALA B 691 6.87 33.82 31.25
N TYR B 692 7.83 32.92 31.06
CA TYR B 692 7.65 31.52 31.40
C TYR B 692 8.88 31.00 32.13
N ILE B 693 8.65 30.03 33.01
CA ILE B 693 9.71 29.29 33.67
C ILE B 693 9.38 27.80 33.53
N LYS B 694 10.28 27.05 32.89
CA LYS B 694 10.07 25.65 32.60
C LYS B 694 11.12 24.81 33.31
N ASN B 695 10.67 23.79 34.03
CA ASN B 695 11.55 22.87 34.75
C ASN B 695 11.31 21.45 34.26
N THR B 696 12.39 20.71 34.06
CA THR B 696 12.33 19.34 33.59
C THR B 696 12.83 18.40 34.68
N ASN B 697 12.08 17.34 34.95
CA ASN B 697 12.42 16.36 35.97
C ASN B 697 12.31 14.96 35.39
N ASP B 698 12.95 14.01 36.09
CA ASP B 698 12.92 12.60 35.71
C ASP B 698 13.48 12.37 34.30
N MET B 699 14.49 13.15 33.93
CA MET B 699 15.14 12.98 32.65
C MET B 699 15.98 11.70 32.65
N LEU B 700 15.99 11.02 31.50
CA LEU B 700 16.74 9.77 31.38
C LEU B 700 18.22 10.07 31.24
N VAL B 701 19.03 9.50 32.14
CA VAL B 701 20.48 9.65 32.13
C VAL B 701 21.10 8.28 32.36
N LYS B 702 22.43 8.23 32.22
CA LYS B 702 23.15 6.98 32.44
C LYS B 702 23.05 6.56 33.90
N ALA B 703 22.86 5.26 34.12
CA ALA B 703 22.70 4.71 35.46
C ALA B 703 24.00 4.07 35.93
N SER B 704 24.07 3.84 37.24
CA SER B 704 25.23 3.23 37.88
C SER B 704 24.91 1.79 38.23
N ILE B 705 25.79 0.88 37.84
CA ILE B 705 25.62 -0.56 38.06
C ILE B 705 26.56 -0.98 39.18
N PRO B 706 26.05 -1.38 40.34
CA PRO B 706 26.93 -1.84 41.42
C PRO B 706 27.62 -3.14 41.05
N ILE B 707 28.81 -3.34 41.64
CA ILE B 707 29.59 -4.54 41.36
C ILE B 707 28.88 -5.78 41.90
N THR B 708 28.14 -5.65 43.00
CA THR B 708 27.45 -6.79 43.59
C THR B 708 26.25 -7.25 42.78
N SER B 709 25.84 -6.50 41.76
CA SER B 709 24.69 -6.88 40.94
C SER B 709 25.04 -7.90 39.87
N GLY B 710 26.32 -8.25 39.71
CA GLY B 710 26.72 -9.23 38.74
C GLY B 710 26.95 -8.69 37.34
N PHE B 711 26.78 -7.39 37.12
CA PHE B 711 26.97 -6.78 35.82
C PHE B 711 28.04 -5.69 35.91
N GLU B 712 28.53 -5.28 34.74
CA GLU B 712 29.57 -4.27 34.64
C GLU B 712 28.95 -2.90 34.41
N ASP B 713 29.78 -1.86 34.57
CA ASP B 713 29.32 -0.49 34.38
C ASP B 713 29.14 -0.14 32.91
N THR B 714 29.73 -0.92 32.00
CA THR B 714 29.63 -0.64 30.57
C THR B 714 28.24 -0.89 30.02
N THR B 715 27.35 -1.54 30.77
CA THR B 715 26.01 -1.80 30.29
C THR B 715 25.24 -0.50 30.10
N GLU B 716 24.47 -0.42 29.02
CA GLU B 716 23.71 0.78 28.69
C GLU B 716 22.33 0.69 29.34
N THR B 717 22.26 1.15 30.58
CA THR B 717 21.02 1.21 31.34
C THR B 717 20.74 2.65 31.74
N PHE B 718 19.48 3.06 31.62
CA PHE B 718 19.07 4.43 31.87
C PHE B 718 18.03 4.50 32.98
N THR B 719 17.98 5.64 33.64
CA THR B 719 17.03 5.88 34.72
C THR B 719 16.65 7.35 34.73
N ASN B 720 15.52 7.64 35.38
CA ASN B 720 14.97 8.99 35.42
C ASN B 720 15.60 9.75 36.59
N ALA B 721 16.68 10.47 36.31
CA ALA B 721 17.36 11.24 37.34
C ALA B 721 17.78 12.64 36.93
N GLY B 722 17.77 12.98 35.64
CA GLY B 722 18.26 14.28 35.21
C GLY B 722 17.28 15.42 35.45
N LYS B 723 17.82 16.63 35.37
CA LYS B 723 17.04 17.84 35.55
C LYS B 723 17.52 18.92 34.59
N MET B 724 16.63 19.85 34.28
CA MET B 724 16.96 20.95 33.39
C MET B 724 15.98 22.09 33.64
N ARG B 725 16.42 23.32 33.36
CA ARG B 725 15.61 24.51 33.58
C ARG B 725 15.75 25.45 32.39
N ASN B 726 14.61 25.99 31.94
CA ASN B 726 14.58 26.97 30.87
C ASN B 726 13.65 28.11 31.25
N LYS B 727 13.98 29.32 30.80
CA LYS B 727 13.16 30.48 31.07
C LYS B 727 13.45 31.54 30.01
N GLY B 728 12.48 32.44 29.81
CA GLY B 728 12.64 33.49 28.82
C GLY B 728 11.41 34.36 28.77
N VAL B 729 11.48 35.35 27.88
CA VAL B 729 10.41 36.32 27.68
C VAL B 729 10.10 36.42 26.19
N GLU B 730 8.82 36.44 25.85
CA GLU B 730 8.36 36.56 24.48
C GLU B 730 7.56 37.84 24.31
N MET B 731 7.68 38.46 23.14
CA MET B 731 7.02 39.72 22.85
C MET B 731 6.39 39.68 21.47
N THR B 732 5.32 40.45 21.30
CA THR B 732 4.64 40.56 20.02
C THR B 732 3.96 41.93 19.96
N LEU B 733 4.12 42.62 18.83
CA LEU B 733 3.60 43.96 18.67
C LEU B 733 3.20 44.18 17.21
N ARG B 734 2.00 44.71 16.99
CA ARG B 734 1.48 44.96 15.65
C ARG B 734 0.93 46.37 15.58
N THR B 735 1.21 47.07 14.48
CA THR B 735 0.74 48.43 14.26
C THR B 735 0.06 48.53 12.91
N ILE B 736 -1.07 49.22 12.86
CA ILE B 736 -1.75 49.57 11.61
C ILE B 736 -2.00 51.08 11.69
N ASN B 737 -1.07 51.87 11.16
CA ASN B 737 -1.10 53.32 11.34
C ASN B 737 -1.68 54.04 10.13
N LEU B 738 -1.10 53.84 8.95
CA LEU B 738 -1.52 54.57 7.76
C LEU B 738 -2.80 53.97 7.19
N LYS B 739 -3.77 54.84 6.89
CA LYS B 739 -5.05 54.44 6.34
C LYS B 739 -5.38 55.32 5.15
N GLY B 740 -6.47 55.00 4.46
CA GLY B 740 -6.90 55.75 3.29
C GLY B 740 -6.53 55.06 2.00
N ILE B 741 -6.02 55.82 1.03
CA ILE B 741 -5.60 55.23 -0.24
C ILE B 741 -4.41 54.30 -0.03
N PHE B 742 -3.51 54.65 0.88
CA PHE B 742 -2.35 53.81 1.21
C PHE B 742 -2.57 53.15 2.55
N SER B 743 -2.42 51.83 2.60
CA SER B 743 -2.56 51.05 3.82
C SER B 743 -1.20 50.47 4.19
N TRP B 744 -0.73 50.80 5.39
CA TRP B 744 0.56 50.35 5.88
C TRP B 744 0.36 49.57 7.18
N GLU B 745 0.94 48.37 7.23
CA GLU B 745 0.86 47.52 8.41
C GLU B 745 2.25 46.98 8.73
N SER B 746 2.46 46.66 10.00
CA SER B 746 3.74 46.14 10.45
C SER B 746 3.53 45.23 11.66
N ALA B 747 4.51 44.36 11.89
CA ALA B 747 4.46 43.42 13.01
C ALA B 747 5.88 43.18 13.49
N LEU B 748 6.11 43.40 14.79
CA LEU B 748 7.42 43.22 15.40
C LEU B 748 7.35 42.06 16.37
N THR B 749 8.32 41.14 16.26
CA THR B 749 8.38 39.96 17.09
C THR B 749 9.77 39.85 17.71
N ALA B 750 9.82 39.64 19.02
CA ALA B 750 11.08 39.46 19.73
C ALA B 750 10.94 38.30 20.70
N THR B 751 12.07 37.64 20.98
CA THR B 751 12.07 36.49 21.86
C THR B 751 13.44 36.37 22.51
N TYR B 752 13.44 36.13 23.82
CA TYR B 752 14.65 35.90 24.60
C TYR B 752 14.51 34.58 25.34
N ASN B 753 15.61 33.82 25.40
CA ASN B 753 15.60 32.52 26.05
C ASN B 753 16.95 32.26 26.72
N LYS B 754 16.92 31.48 27.80
CA LYS B 754 18.13 31.10 28.52
C LYS B 754 18.00 29.64 28.94
N ASN B 755 19.08 28.89 28.78
CA ASN B 755 19.11 27.48 29.09
C ASN B 755 20.10 27.20 30.22
N GLU B 756 19.80 26.16 31.00
CA GLU B 756 20.63 25.81 32.15
C GLU B 756 20.41 24.35 32.48
N ILE B 757 21.50 23.64 32.79
CA ILE B 757 21.46 22.24 33.20
C ILE B 757 21.74 22.16 34.69
N LEU B 758 20.85 21.51 35.43
CA LEU B 758 20.95 21.47 36.88
C LEU B 758 21.73 20.25 37.37
N ASP B 759 21.26 19.05 37.05
CA ASP B 759 21.87 17.82 37.54
C ASP B 759 21.88 16.78 36.43
N LEU B 760 22.85 15.86 36.51
CA LEU B 760 22.96 14.75 35.58
C LEU B 760 23.20 13.42 36.28
N ASN B 761 23.11 13.38 37.61
CA ASN B 761 23.30 12.17 38.40
C ASN B 761 24.66 11.54 38.11
N SER B 762 25.68 12.38 37.98
CA SER B 762 27.03 11.90 37.72
C SER B 762 28.02 12.97 38.14
N GLU B 763 29.26 12.55 38.36
CA GLU B 763 30.34 13.45 38.75
C GLU B 763 31.31 13.76 37.61
N THR B 764 31.11 13.18 36.43
CA THR B 764 31.99 13.41 35.30
C THR B 764 31.21 13.94 34.11
N PRO B 765 31.76 14.92 33.38
CA PRO B 765 31.07 15.45 32.21
C PRO B 765 30.97 14.40 31.10
N MET B 766 29.93 14.55 30.28
CA MET B 766 29.68 13.66 29.16
C MET B 766 30.22 14.30 27.88
N PHE B 767 30.98 13.52 27.11
CA PHE B 767 31.57 13.99 25.86
C PHE B 767 30.93 13.24 24.71
N ILE B 768 30.39 13.99 23.74
CA ILE B 768 29.73 13.45 22.57
C ILE B 768 30.12 14.27 21.35
N ASN B 769 29.57 13.89 20.19
CA ASN B 769 29.78 14.58 18.92
C ASN B 769 31.28 14.60 18.56
N GLN B 770 31.82 13.41 18.36
CA GLN B 770 33.22 13.27 18.00
C GLN B 770 33.46 13.76 16.58
N ILE B 771 34.45 14.63 16.42
CA ILE B 771 34.86 15.14 15.11
C ILE B 771 36.36 14.89 14.98
N GLY B 772 36.75 14.18 13.92
CA GLY B 772 38.15 13.84 13.73
C GLY B 772 38.56 12.69 14.63
N ASN B 773 39.35 13.00 15.67
CA ASN B 773 39.78 12.01 16.65
C ASN B 773 39.56 12.51 18.07
N SER B 774 38.63 13.43 18.25
CA SER B 774 38.34 13.99 19.57
C SER B 774 36.89 14.46 19.61
N TYR B 775 36.37 14.62 20.82
CA TYR B 775 35.01 15.08 21.03
C TYR B 775 34.98 16.59 21.14
N VAL B 776 33.93 17.19 20.59
CA VAL B 776 33.80 18.65 20.56
C VAL B 776 32.89 19.12 21.68
N THR B 777 31.63 18.68 21.66
CA THR B 777 30.65 19.11 22.64
C THR B 777 30.91 18.46 23.99
N MET B 778 30.35 19.05 25.03
CA MET B 778 30.51 18.56 26.40
C MET B 778 29.31 18.98 27.22
N LEU B 779 28.81 18.06 28.05
CA LEU B 779 27.67 18.30 28.91
C LEU B 779 28.12 18.32 30.37
N LYS B 780 27.76 19.38 31.07
CA LYS B 780 28.14 19.53 32.48
C LYS B 780 27.07 20.32 33.20
N ALA B 781 26.87 20.00 34.48
CA ALA B 781 25.90 20.71 35.29
C ALA B 781 26.33 22.16 35.50
N GLY B 782 25.35 23.06 35.49
CA GLY B 782 25.61 24.48 35.67
C GLY B 782 25.95 25.23 34.40
N TYR B 783 25.98 24.55 33.25
CA TYR B 783 26.31 25.16 31.97
C TYR B 783 25.27 24.79 30.94
N PRO B 784 25.11 25.61 29.89
CA PRO B 784 24.14 25.28 28.84
C PRO B 784 24.51 23.99 28.12
N ILE B 785 23.58 23.53 27.28
CA ILE B 785 23.73 22.25 26.60
C ILE B 785 24.60 22.42 25.37
N ASN B 786 25.34 21.37 25.04
CA ASN B 786 26.14 21.28 23.81
C ASN B 786 27.20 22.38 23.73
N VAL B 787 27.72 22.82 24.88
CA VAL B 787 28.75 23.84 24.88
C VAL B 787 30.07 23.25 24.40
N PHE B 788 30.84 24.05 23.67
CA PHE B 788 32.12 23.60 23.16
C PHE B 788 33.14 23.49 24.29
N TYR B 789 34.18 22.70 24.04
CA TYR B 789 35.20 22.45 25.05
C TYR B 789 36.50 22.12 24.33
N GLY B 790 37.46 23.03 24.40
CA GLY B 790 38.72 22.82 23.70
C GLY B 790 39.79 23.76 24.21
N TYR B 791 40.90 23.78 23.47
CA TYR B 791 42.06 24.58 23.83
C TYR B 791 41.86 26.04 23.41
N VAL B 792 42.79 26.88 23.86
CA VAL B 792 42.79 28.31 23.53
C VAL B 792 44.10 28.63 22.84
N THR B 793 44.01 29.29 21.68
CA THR B 793 45.18 29.65 20.90
C THR B 793 45.69 31.03 21.31
N ASP B 794 47.01 31.18 21.37
CA ASP B 794 47.65 32.43 21.73
C ASP B 794 48.26 33.15 20.54
N GLY B 795 49.12 32.47 19.78
CA GLY B 795 49.76 33.08 18.63
C GLY B 795 50.60 32.10 17.84
N LEU B 796 51.65 32.61 17.18
CA LEU B 796 52.54 31.80 16.37
C LEU B 796 53.97 31.99 16.81
N PHE B 797 54.72 30.89 16.86
CA PHE B 797 56.14 30.97 17.18
C PHE B 797 56.91 31.68 16.06
N GLN B 798 57.85 32.53 16.44
CA GLN B 798 58.66 33.27 15.48
C GLN B 798 60.10 32.81 15.41
N ASN B 799 60.63 32.22 16.48
CA ASN B 799 62.01 31.74 16.49
C ASN B 799 62.14 30.68 17.58
N TRP B 800 63.33 30.06 17.62
CA TRP B 800 63.56 29.01 18.60
C TRP B 800 63.62 29.56 20.03
N GLY B 801 63.99 30.84 20.18
CA GLY B 801 64.04 31.41 21.51
C GLY B 801 62.70 31.46 22.19
N GLU B 802 61.65 31.81 21.44
CA GLU B 802 60.30 31.80 22.00
C GLU B 802 59.87 30.38 22.36
N VAL B 803 60.22 29.40 21.53
CA VAL B 803 59.83 28.01 21.78
C VAL B 803 60.51 27.50 23.05
N ASN B 804 61.80 27.80 23.22
CA ASN B 804 62.55 27.25 24.35
C ASN B 804 62.02 27.76 25.68
N ARG B 805 61.71 29.05 25.77
CA ARG B 805 61.28 29.64 27.03
C ARG B 805 59.80 29.47 27.31
N HIS B 806 59.04 28.90 26.37
CA HIS B 806 57.63 28.65 26.58
C HIS B 806 57.41 27.30 27.26
N ALA B 807 56.18 27.04 27.66
CA ALA B 807 55.84 25.76 28.28
C ALA B 807 56.06 24.62 27.30
N THR B 808 56.36 23.45 27.84
CA THR B 808 56.68 22.30 26.99
C THR B 808 55.48 21.92 26.13
N GLN B 809 55.77 21.50 24.90
CA GLN B 809 54.74 21.13 23.94
C GLN B 809 55.33 20.18 22.90
N PRO B 810 54.84 18.95 22.82
CA PRO B 810 55.39 17.99 21.85
C PRO B 810 55.26 18.49 20.42
N GLY B 811 56.26 18.19 19.61
CA GLY B 811 56.27 18.62 18.22
C GLY B 811 56.31 20.12 18.04
N ALA B 812 57.10 20.82 18.85
CA ALA B 812 57.20 22.27 18.78
C ALA B 812 58.23 22.68 17.74
N ALA B 813 57.87 23.68 16.94
CA ALA B 813 58.74 24.19 15.89
C ALA B 813 58.31 25.61 15.57
N PRO B 814 59.22 26.43 15.04
CA PRO B 814 58.84 27.80 14.65
C PRO B 814 57.77 27.79 13.57
N GLY B 815 56.88 28.77 13.64
CA GLY B 815 55.76 28.86 12.71
C GLY B 815 54.54 28.07 13.11
N ASP B 816 54.53 27.46 14.29
CA ASP B 816 53.40 26.68 14.77
C ASP B 816 52.55 27.51 15.74
N ILE B 817 51.37 26.98 16.05
CA ILE B 817 50.42 27.68 16.90
C ILE B 817 50.80 27.47 18.36
N ARG B 818 50.71 28.53 19.15
CA ARG B 818 51.01 28.49 20.58
C ARG B 818 49.72 28.46 21.37
N PHE B 819 49.61 27.51 22.30
CA PHE B 819 48.43 27.34 23.12
C PHE B 819 48.71 27.83 24.54
N ARG B 820 47.73 28.53 25.11
CA ARG B 820 47.87 29.06 26.46
C ARG B 820 47.85 27.94 27.50
N ASP B 821 48.44 28.22 28.65
CA ASP B 821 48.50 27.28 29.77
C ASP B 821 47.52 27.77 30.83
N LEU B 822 46.33 27.18 30.86
CA LEU B 822 45.30 27.62 31.78
C LEU B 822 45.72 27.42 33.24
N ASN B 823 46.31 26.27 33.55
CA ASN B 823 46.81 25.98 34.89
C ASN B 823 48.31 26.20 34.93
N ASN B 824 48.79 26.77 36.04
CA ASN B 824 50.20 27.10 36.19
C ASN B 824 51.00 25.85 36.56
N ASP B 825 51.17 24.99 35.55
CA ASP B 825 51.95 23.78 35.70
C ASP B 825 53.14 23.70 34.74
N GLY B 826 53.18 24.54 33.71
CA GLY B 826 54.28 24.53 32.76
C GLY B 826 54.18 23.46 31.69
N VAL B 827 53.12 22.67 31.67
CA VAL B 827 52.94 21.60 30.69
C VAL B 827 51.58 21.79 30.02
N ILE B 828 51.57 21.73 28.69
CA ILE B 828 50.34 21.80 27.92
C ILE B 828 49.81 20.38 27.77
N ASN B 829 48.63 20.12 28.31
CA ASN B 829 48.07 18.77 28.34
C ASN B 829 46.55 18.87 28.26
N ASP B 830 45.87 17.78 28.58
CA ASP B 830 44.42 17.72 28.46
C ASP B 830 43.72 18.70 29.40
N GLU B 831 44.34 19.00 30.54
CA GLU B 831 43.72 19.89 31.53
C GLU B 831 43.63 21.33 31.05
N ASP B 832 44.29 21.69 29.96
CA ASP B 832 44.26 23.06 29.45
C ASP B 832 43.13 23.24 28.44
N ARG B 833 41.91 22.92 28.88
CA ARG B 833 40.72 23.08 28.07
C ARG B 833 39.66 23.82 28.85
N THR B 834 38.82 24.56 28.13
CA THR B 834 37.75 25.35 28.73
C THR B 834 36.62 25.50 27.73
N ILE B 835 35.56 26.19 28.15
CA ILE B 835 34.39 26.40 27.31
C ILE B 835 34.70 27.47 26.28
N LEU B 836 34.39 27.18 25.02
CA LEU B 836 34.67 28.09 23.91
C LEU B 836 33.48 28.97 23.54
N GLY B 837 32.30 28.39 23.40
CA GLY B 837 31.13 29.17 23.03
C GLY B 837 29.86 28.38 23.26
N ASN B 838 28.74 29.10 23.15
CA ASN B 838 27.42 28.51 23.34
C ASN B 838 26.68 28.47 22.01
N PRO B 839 26.39 27.29 21.46
CA PRO B 839 25.68 27.24 20.17
C PRO B 839 24.24 27.70 20.26
N ASN B 840 23.65 27.76 21.44
CA ASN B 840 22.25 28.16 21.59
C ASN B 840 22.14 29.68 21.51
N PRO B 841 21.38 30.23 20.56
CA PRO B 841 21.22 31.69 20.49
C PRO B 841 20.33 32.21 21.62
N ASN B 842 20.44 33.52 21.84
CA ASN B 842 19.70 34.17 22.91
C ASN B 842 18.55 35.04 22.43
N TRP B 843 18.68 35.66 21.25
CA TRP B 843 17.68 36.60 20.75
C TRP B 843 17.15 36.12 19.40
N PHE B 844 15.82 36.10 19.27
CA PHE B 844 15.15 35.85 18.01
C PHE B 844 14.27 37.05 17.68
N PHE B 845 14.39 37.57 16.46
CA PHE B 845 13.64 38.75 16.07
C PHE B 845 13.23 38.64 14.62
N SER B 846 12.17 39.38 14.28
CA SER B 846 11.66 39.42 12.92
C SER B 846 10.86 40.71 12.74
N LEU B 847 10.65 41.08 11.48
CA LEU B 847 9.91 42.29 11.15
C LEU B 847 9.26 42.11 9.78
N SER B 848 8.02 42.56 9.67
CA SER B 848 7.26 42.47 8.43
C SER B 848 6.58 43.81 8.14
N ASN B 849 6.35 44.06 6.85
CA ASN B 849 5.66 45.26 6.42
C ASN B 849 4.78 44.91 5.22
N ASN B 850 3.68 45.66 5.08
CA ASN B 850 2.73 45.43 4.00
C ASN B 850 2.17 46.75 3.53
N LEU B 851 2.20 46.98 2.21
CA LEU B 851 1.63 48.16 1.60
C LEU B 851 0.55 47.74 0.61
N SER B 852 -0.39 48.66 0.36
CA SER B 852 -1.48 48.41 -0.58
C SER B 852 -1.97 49.73 -1.14
N TYR B 853 -2.09 49.80 -2.47
CA TYR B 853 -2.60 51.00 -3.12
C TYR B 853 -3.16 50.62 -4.48
N LYS B 854 -4.48 50.62 -4.60
CA LYS B 854 -5.19 50.37 -5.86
C LYS B 854 -4.73 49.05 -6.50
N GLY B 855 -4.94 47.96 -5.76
CA GLY B 855 -4.59 46.65 -6.24
C GLY B 855 -3.13 46.28 -6.00
N TRP B 856 -2.22 47.20 -6.29
CA TRP B 856 -0.81 46.95 -6.06
C TRP B 856 -0.54 46.77 -4.58
N GLU B 857 0.24 45.74 -4.24
CA GLU B 857 0.62 45.47 -2.86
C GLU B 857 2.08 45.05 -2.81
N LEU B 858 2.77 45.46 -1.76
CA LEU B 858 4.17 45.12 -1.56
C LEU B 858 4.38 44.64 -0.14
N SER B 859 5.13 43.54 0.02
CA SER B 859 5.39 42.95 1.32
C SER B 859 6.89 42.70 1.46
N VAL B 860 7.45 43.15 2.58
CA VAL B 860 8.86 42.94 2.91
C VAL B 860 8.92 42.28 4.28
N PHE B 861 9.69 41.20 4.37
CA PHE B 861 9.82 40.43 5.60
C PHE B 861 11.28 40.33 5.98
N LEU B 862 11.57 40.58 7.26
CA LEU B 862 12.92 40.50 7.80
C LEU B 862 12.97 39.46 8.90
N GLN B 863 14.11 38.78 9.02
CA GLN B 863 14.31 37.76 10.04
C GLN B 863 15.79 37.62 10.31
N GLY B 864 16.14 37.43 11.59
CA GLY B 864 17.52 37.28 11.97
C GLY B 864 17.65 36.65 13.34
N VAL B 865 18.80 36.02 13.56
CA VAL B 865 19.12 35.36 14.82
C VAL B 865 20.52 35.76 15.24
N ALA B 866 20.68 36.18 16.50
CA ALA B 866 21.97 36.63 17.01
C ALA B 866 22.21 36.06 18.39
N GLY B 867 23.48 35.80 18.71
CA GLY B 867 23.85 35.36 20.03
C GLY B 867 24.27 33.91 20.12
N ASN B 868 24.92 33.39 19.08
CA ASN B 868 25.34 32.00 19.04
C ASN B 868 26.65 31.87 18.29
N LYS B 869 27.33 30.76 18.53
CA LYS B 869 28.59 30.43 17.88
C LYS B 869 28.44 29.19 17.02
N ILE B 870 29.23 29.13 15.95
CA ILE B 870 29.18 28.03 14.99
C ILE B 870 30.58 27.43 14.87
N TYR B 871 30.65 26.10 14.94
CA TYR B 871 31.91 25.38 14.78
C TYR B 871 32.00 24.88 13.35
N ASN B 872 33.04 25.32 12.64
CA ASN B 872 33.23 24.97 11.24
C ASN B 872 34.12 23.73 11.17
N ALA B 873 33.48 22.56 10.99
CA ALA B 873 34.23 21.31 10.87
C ALA B 873 34.80 21.10 9.48
N ASN B 874 34.31 21.85 8.48
CA ASN B 874 34.84 21.70 7.13
C ASN B 874 36.27 22.22 7.03
N ASN B 875 36.59 23.28 7.80
CA ASN B 875 37.92 23.87 7.77
C ASN B 875 38.97 22.99 8.44
N VAL B 876 38.55 21.92 9.12
CA VAL B 876 39.53 21.02 9.75
C VAL B 876 40.41 20.37 8.69
N ASP B 877 39.81 19.92 7.59
CA ASP B 877 40.56 19.31 6.50
C ASP B 877 40.92 20.31 5.42
N ASN B 878 40.16 21.39 5.27
CA ASN B 878 40.42 22.39 4.25
C ASN B 878 41.40 23.47 4.68
N GLU B 879 41.84 23.45 5.94
CA GLU B 879 42.84 24.39 6.42
C GLU B 879 43.98 23.73 7.18
N GLY B 880 43.93 22.43 7.43
CA GLY B 880 45.00 21.78 8.16
C GLY B 880 46.30 21.76 7.38
N MET B 881 46.23 21.61 6.06
CA MET B 881 47.40 21.56 5.19
C MET B 881 48.36 20.44 5.61
N ALA B 882 47.79 19.28 5.96
CA ALA B 882 48.57 18.13 6.38
C ALA B 882 48.25 16.87 5.58
N ALA B 883 47.55 17.01 4.46
CA ALA B 883 47.18 15.85 3.64
C ALA B 883 46.98 16.32 2.21
N ALA B 884 46.73 15.36 1.32
CA ALA B 884 46.53 15.65 -0.11
C ALA B 884 45.07 16.04 -0.37
N TYR B 885 44.68 17.16 0.22
CA TYR B 885 43.35 17.72 0.08
C TYR B 885 43.44 19.14 -0.46
N ASN B 886 42.52 19.49 -1.35
CA ASN B 886 42.46 20.85 -1.87
C ASN B 886 42.10 21.83 -0.77
N GLN B 887 42.79 22.96 -0.74
CA GLN B 887 42.63 23.96 0.31
C GLN B 887 41.84 25.15 -0.22
N THR B 888 41.45 26.02 0.69
CA THR B 888 40.72 27.24 0.35
C THR B 888 41.72 28.37 0.09
N THR B 889 41.19 29.54 -0.30
CA THR B 889 42.03 30.69 -0.59
C THR B 889 42.64 31.31 0.66
N ALA B 890 42.22 30.91 1.85
CA ALA B 890 42.75 31.47 3.08
C ALA B 890 44.16 31.00 3.39
N VAL B 891 44.68 30.02 2.66
CA VAL B 891 46.02 29.51 2.92
C VAL B 891 47.09 30.26 2.13
N LEU B 892 46.70 31.21 1.28
CA LEU B 892 47.69 31.94 0.50
C LEU B 892 48.61 32.76 1.40
N ASN B 893 48.06 33.41 2.42
CA ASN B 893 48.85 34.20 3.36
C ASN B 893 49.29 33.38 4.56
N ARG B 894 49.92 32.24 4.31
CA ARG B 894 50.39 31.38 5.39
C ARG B 894 51.75 31.86 5.88
N TRP B 895 52.29 31.15 6.86
CA TRP B 895 53.58 31.51 7.48
C TRP B 895 54.69 30.86 6.67
N THR B 896 55.43 31.69 5.92
CA THR B 896 56.57 31.23 5.15
C THR B 896 57.90 31.77 5.65
N GLY B 897 57.88 32.56 6.71
CA GLY B 897 59.10 33.13 7.27
C GLY B 897 58.78 33.96 8.49
N GLU B 898 59.84 34.44 9.13
CA GLU B 898 59.68 35.23 10.33
C GLU B 898 59.07 36.59 10.00
N GLY B 899 57.95 36.91 10.65
CA GLY B 899 57.26 38.16 10.44
C GLY B 899 56.35 38.18 9.23
N THR B 900 56.24 37.08 8.49
CA THR B 900 55.37 37.06 7.31
C THR B 900 53.90 37.11 7.70
N SER B 901 53.52 36.37 8.73
CA SER B 901 52.14 36.33 9.18
C SER B 901 52.11 36.06 10.68
N TYR B 902 50.99 36.40 11.30
CA TYR B 902 50.81 36.24 12.74
C TYR B 902 49.63 35.37 13.12
N SER B 903 48.80 34.95 12.15
CA SER B 903 47.63 34.13 12.42
C SER B 903 47.68 32.78 11.72
N MET B 904 47.97 32.76 10.43
CA MET B 904 47.98 31.51 9.68
C MET B 904 49.30 30.77 9.92
N PRO B 905 49.26 29.51 10.38
CA PRO B 905 50.50 28.77 10.62
C PRO B 905 51.15 28.29 9.33
N ARG B 906 52.26 27.56 9.46
CA ARG B 906 52.97 27.06 8.30
C ARG B 906 52.30 25.80 7.77
N ALA B 907 52.82 25.30 6.65
CA ALA B 907 52.33 24.06 6.04
C ALA B 907 53.32 22.94 6.30
N ILE B 908 52.83 21.83 6.86
CA ILE B 908 53.67 20.69 7.19
C ILE B 908 52.87 19.42 6.99
N TRP B 909 53.53 18.38 6.50
CA TRP B 909 52.87 17.10 6.24
C TRP B 909 52.78 16.31 7.55
N GLY B 910 51.57 15.90 7.91
CA GLY B 910 51.33 15.12 9.11
C GLY B 910 50.97 15.91 10.33
N ASP B 911 51.26 17.22 10.35
CA ASP B 911 50.96 18.11 11.47
C ASP B 911 51.50 17.56 12.77
N PRO B 912 52.82 17.56 12.99
CA PRO B 912 53.36 17.04 14.26
C PRO B 912 52.86 17.80 15.48
N ASN B 913 52.63 19.10 15.36
CA ASN B 913 52.20 19.92 16.49
C ASN B 913 50.71 19.79 16.78
N GLN B 914 49.95 19.10 15.92
CA GLN B 914 48.50 18.97 16.05
C GLN B 914 47.83 20.34 16.05
N ASN B 915 48.17 21.15 15.05
CA ASN B 915 47.61 22.49 14.91
C ASN B 915 46.13 22.47 14.56
N CYS B 916 45.59 21.32 14.14
CA CYS B 916 44.18 21.19 13.79
C CYS B 916 43.36 20.56 14.92
N ARG B 917 43.83 20.68 16.15
CA ARG B 917 43.12 20.13 17.29
C ARG B 917 41.90 20.99 17.62
N VAL B 918 41.11 20.52 18.58
CA VAL B 918 39.90 21.21 18.99
C VAL B 918 40.31 22.47 19.78
N SER B 919 39.99 23.64 19.24
CA SER B 919 40.35 24.90 19.87
C SER B 919 39.40 25.98 19.35
N ASP B 920 39.71 27.22 19.70
CA ASP B 920 38.92 28.36 19.25
C ASP B 920 39.27 28.82 17.85
N ARG B 921 40.22 28.15 17.19
CA ARG B 921 40.60 28.51 15.82
C ARG B 921 39.42 28.32 14.87
N PHE B 922 38.65 27.25 15.04
CA PHE B 922 37.54 26.92 14.16
C PHE B 922 36.19 27.32 14.76
N VAL B 923 36.15 28.42 15.50
CA VAL B 923 34.91 28.93 16.10
C VAL B 923 34.65 30.31 15.53
N GLU B 924 33.44 30.50 14.99
CA GLU B 924 33.06 31.75 14.35
C GLU B 924 31.68 32.18 14.85
N ASN B 925 31.45 33.49 14.77
CA ASN B 925 30.17 34.05 15.21
C ASN B 925 29.04 33.62 14.28
N GLY B 926 27.91 33.26 14.87
CA GLY B 926 26.75 32.81 14.14
C GLY B 926 25.64 33.83 13.95
N SER B 927 25.79 35.03 14.47
CA SER B 927 24.76 36.05 14.32
C SER B 927 24.63 36.47 12.87
N TYR B 928 23.38 36.67 12.44
CA TYR B 928 23.12 37.08 11.06
C TYR B 928 21.78 37.80 10.98
N LEU B 929 21.64 38.61 9.94
CA LEU B 929 20.38 39.25 9.59
C LEU B 929 20.12 39.03 8.11
N ARG B 930 18.94 38.53 7.78
CA ARG B 930 18.63 38.10 6.43
C ARG B 930 17.36 38.76 5.91
N LEU B 931 17.41 39.20 4.66
CA LEU B 931 16.21 39.68 3.96
C LEU B 931 15.49 38.45 3.40
N LYS B 932 14.35 38.10 4.01
CA LYS B 932 13.75 36.80 3.74
C LYS B 932 12.96 36.81 2.42
N ASN B 933 11.94 37.65 2.33
CA ASN B 933 11.02 37.60 1.19
C ASN B 933 10.58 39.00 0.81
N ILE B 934 10.56 39.26 -0.49
CA ILE B 934 9.97 40.47 -1.07
C ILE B 934 9.01 40.02 -2.15
N THR B 935 7.73 40.39 -2.01
CA THR B 935 6.68 39.96 -2.92
C THR B 935 5.92 41.17 -3.44
N LEU B 936 5.75 41.23 -4.75
CA LEU B 936 4.97 42.27 -5.41
C LEU B 936 3.95 41.60 -6.31
N SER B 937 2.67 41.92 -6.09
CA SER B 937 1.60 41.33 -6.87
C SER B 937 0.59 42.39 -7.25
N TYR B 938 -0.03 42.23 -8.41
CA TYR B 938 -1.04 43.14 -8.92
C TYR B 938 -2.33 42.39 -9.22
N THR B 939 -3.45 43.01 -8.86
CA THR B 939 -4.77 42.41 -9.08
C THR B 939 -5.34 42.94 -10.39
N LEU B 940 -5.68 42.03 -11.30
CA LEU B 940 -6.24 42.41 -12.60
C LEU B 940 -7.70 42.85 -12.46
N ILE B 948 -13.58 36.64 -22.07
CA ILE B 948 -13.65 35.51 -21.16
C ILE B 948 -14.22 35.96 -19.83
N GLN B 949 -15.03 35.10 -19.21
CA GLN B 949 -15.66 35.41 -17.93
C GLN B 949 -14.76 34.95 -16.78
N LEU B 950 -14.50 35.86 -15.85
CA LEU B 950 -13.65 35.58 -14.69
C LEU B 950 -14.12 36.42 -13.52
N GLU B 951 -13.74 35.99 -12.32
CA GLU B 951 -14.06 36.70 -11.09
C GLU B 951 -12.85 37.41 -10.50
N ASN B 952 -11.75 36.69 -10.28
CA ASN B 952 -10.51 37.26 -9.78
C ASN B 952 -9.34 36.78 -10.61
N ALA B 953 -8.29 37.60 -10.67
CA ALA B 953 -7.09 37.26 -11.41
C ALA B 953 -5.94 38.10 -10.87
N ARG B 954 -4.87 37.43 -10.44
CA ARG B 954 -3.72 38.11 -9.86
C ARG B 954 -2.44 37.49 -10.40
N ILE B 955 -1.41 38.32 -10.53
CA ILE B 955 -0.08 37.90 -10.93
C ILE B 955 0.90 38.36 -9.85
N SER B 956 1.73 37.44 -9.37
CA SER B 956 2.61 37.69 -8.24
C SER B 956 4.05 37.42 -8.61
N PHE B 957 4.95 38.27 -8.14
CA PHE B 957 6.39 38.07 -8.27
C PHE B 957 7.01 38.12 -6.88
N SER B 958 7.86 37.14 -6.57
CA SER B 958 8.42 37.03 -5.24
C SER B 958 9.86 36.52 -5.32
N CYS B 959 10.61 36.79 -4.27
CA CYS B 959 12.00 36.37 -4.15
C CYS B 959 12.24 35.84 -2.75
N GLU B 960 13.23 34.96 -2.62
CA GLU B 960 13.59 34.35 -1.35
C GLU B 960 15.09 34.45 -1.13
N ASN B 961 15.48 34.83 0.09
CA ASN B 961 16.89 34.97 0.48
C ASN B 961 17.63 35.91 -0.47
N VAL B 962 17.11 37.13 -0.60
CA VAL B 962 17.71 38.10 -1.50
C VAL B 962 19.11 38.49 -1.03
N ALA B 963 19.26 38.74 0.26
CA ALA B 963 20.55 39.18 0.81
C ALA B 963 20.70 38.65 2.23
N THR B 964 21.94 38.58 2.68
CA THR B 964 22.26 38.11 4.02
C THR B 964 23.47 38.90 4.54
N ILE B 965 23.37 39.37 5.78
CA ILE B 965 24.44 40.12 6.42
C ILE B 965 24.95 39.28 7.58
N THR B 966 26.20 38.81 7.48
CA THR B 966 26.79 37.96 8.51
C THR B 966 28.30 37.99 8.37
N ARG B 967 28.98 37.62 9.45
CA ARG B 967 30.43 37.48 9.46
C ARG B 967 30.89 36.05 9.27
N TYR B 968 29.97 35.11 9.09
CA TYR B 968 30.34 33.71 8.92
C TYR B 968 30.96 33.48 7.55
N SER B 969 31.94 32.59 7.51
CA SER B 969 32.64 32.23 6.27
C SER B 969 32.30 30.78 5.95
N GLY B 970 31.29 30.60 5.13
CA GLY B 970 30.86 29.27 4.76
C GLY B 970 29.70 29.31 3.79
N PHE B 971 29.08 28.16 3.59
CA PHE B 971 27.94 28.06 2.68
C PHE B 971 26.78 28.92 3.17
N ASP B 972 26.39 28.76 4.43
CA ASP B 972 25.26 29.50 4.98
C ASP B 972 25.32 29.41 6.50
N PRO B 973 24.98 30.46 7.23
CA PRO B 973 24.99 30.38 8.70
C PRO B 973 23.99 29.41 9.27
N GLU B 974 22.95 29.04 8.51
CA GLU B 974 21.94 28.11 8.99
C GLU B 974 22.55 26.73 9.16
N VAL B 975 22.74 26.31 10.41
CA VAL B 975 23.30 25.00 10.72
C VAL B 975 22.34 24.24 11.63
N ASP B 976 22.72 23.03 12.04
CA ASP B 976 21.87 22.21 12.88
C ASP B 976 21.86 22.73 14.32
N VAL B 977 21.23 21.95 15.20
CA VAL B 977 20.95 22.42 16.55
C VAL B 977 22.24 22.61 17.35
N ASN B 978 23.19 21.68 17.22
CA ASN B 978 24.41 21.76 18.00
C ASN B 978 25.48 22.63 17.36
N GLY B 979 25.17 23.30 16.25
CA GLY B 979 26.10 24.22 15.63
C GLY B 979 27.35 23.59 15.04
N ILE B 980 27.19 22.46 14.34
CA ILE B 980 28.29 21.80 13.66
C ILE B 980 27.96 21.71 12.18
N ASP B 981 28.83 22.25 11.34
CA ASP B 981 28.66 22.24 9.89
C ASP B 981 29.66 21.27 9.29
N SER B 982 29.14 20.24 8.61
CA SER B 982 30.00 19.24 8.00
C SER B 982 29.27 18.68 6.77
N SER B 983 29.60 19.21 5.60
CA SER B 983 29.08 18.73 4.32
C SER B 983 27.55 18.68 4.32
N ARG B 984 26.94 19.86 4.44
CA ARG B 984 25.49 19.99 4.42
C ARG B 984 25.02 20.47 3.05
N TYR B 985 23.76 20.19 2.76
CA TYR B 985 23.19 20.58 1.48
C TYR B 985 23.04 22.10 1.41
N PRO B 986 23.55 22.75 0.37
CA PRO B 986 23.50 24.21 0.31
C PRO B 986 22.06 24.73 0.25
N ILE B 987 21.87 25.93 0.79
CA ILE B 987 20.58 26.61 0.74
C ILE B 987 20.55 27.51 -0.49
N SER B 988 19.49 27.39 -1.28
CA SER B 988 19.39 28.06 -2.57
C SER B 988 18.61 29.36 -2.45
N ARG B 989 18.72 30.18 -3.51
CA ARG B 989 17.99 31.43 -3.64
C ARG B 989 16.98 31.28 -4.77
N THR B 990 15.74 31.68 -4.50
CA THR B 990 14.61 31.38 -5.39
C THR B 990 14.01 32.67 -5.93
N PHE B 991 13.80 32.71 -7.25
CA PHE B 991 13.01 33.74 -7.91
C PHE B 991 11.82 33.08 -8.57
N SER B 992 10.62 33.58 -8.30
CA SER B 992 9.40 32.92 -8.74
C SER B 992 8.39 33.94 -9.22
N MET B 993 7.48 33.48 -10.08
CA MET B 993 6.33 34.25 -10.54
C MET B 993 5.09 33.39 -10.39
N GLY B 994 4.00 34.01 -9.92
CA GLY B 994 2.78 33.30 -9.60
C GLY B 994 1.62 33.65 -10.53
N LEU B 995 0.52 32.94 -10.30
CA LEU B 995 -0.70 33.12 -11.07
C LEU B 995 -1.86 32.52 -10.28
N ASN B 996 -3.02 33.16 -10.34
CA ASN B 996 -4.18 32.71 -9.58
C ASN B 996 -5.44 33.05 -10.35
N PHE B 997 -6.31 32.06 -10.52
CA PHE B 997 -7.61 32.23 -11.17
C PHE B 997 -8.73 31.94 -10.17
N ASN B 998 -9.94 32.39 -10.53
CA ASN B 998 -11.11 32.17 -9.70
C ASN B 998 -12.35 32.30 -10.59
N PHE B 999 -13.05 31.19 -10.79
CA PHE B 999 -14.26 31.19 -11.61
C PHE B 999 -15.46 31.69 -10.81
#